data_2FLT
# 
_entry.id   2FLT 
# 
_audit_conform.dict_name       mmcif_pdbx.dic 
_audit_conform.dict_version    5.399 
_audit_conform.dict_location   http://mmcif.pdb.org/dictionaries/ascii/mmcif_pdbx.dic 
# 
loop_
_database_2.database_id 
_database_2.database_code 
_database_2.pdbx_database_accession 
_database_2.pdbx_DOI 
PDB   2FLT         pdb_00002flt 10.2210/pdb2flt/pdb 
RCSB  RCSB036032   ?            ?                   
WWPDB D_1000036032 ?            ?                   
# 
loop_
_pdbx_audit_revision_history.ordinal 
_pdbx_audit_revision_history.data_content_type 
_pdbx_audit_revision_history.major_revision 
_pdbx_audit_revision_history.minor_revision 
_pdbx_audit_revision_history.revision_date 
1 'Structure model' 1 0 2006-11-21 
2 'Structure model' 1 1 2008-05-01 
3 'Structure model' 1 2 2011-07-13 
4 'Structure model' 1 3 2023-08-30 
5 'Structure model' 2 0 2023-11-15 
6 'Structure model' 2 1 2024-12-25 
# 
_pdbx_audit_revision_details.ordinal             1 
_pdbx_audit_revision_details.revision_ordinal    1 
_pdbx_audit_revision_details.data_content_type   'Structure model' 
_pdbx_audit_revision_details.provider            repository 
_pdbx_audit_revision_details.type                'Initial release' 
_pdbx_audit_revision_details.description         ? 
_pdbx_audit_revision_details.details             ? 
# 
loop_
_pdbx_audit_revision_group.ordinal 
_pdbx_audit_revision_group.revision_ordinal 
_pdbx_audit_revision_group.data_content_type 
_pdbx_audit_revision_group.group 
1  2 'Structure model' 'Version format compliance' 
2  3 'Structure model' 'Derived calculations'      
3  3 'Structure model' 'Version format compliance' 
4  4 'Structure model' 'Data collection'           
5  4 'Structure model' 'Database references'       
6  4 'Structure model' 'Derived calculations'      
7  4 'Structure model' 'Refinement description'    
8  5 'Structure model' 'Atomic model'              
9  5 'Structure model' 'Data collection'           
10 5 'Structure model' 'Derived calculations'      
11 6 'Structure model' Advisory                    
12 6 'Structure model' 'Derived calculations'      
13 6 'Structure model' 'Structure summary'         
# 
loop_
_pdbx_audit_revision_category.ordinal 
_pdbx_audit_revision_category.revision_ordinal 
_pdbx_audit_revision_category.data_content_type 
_pdbx_audit_revision_category.category 
1  4 'Structure model' chem_comp_atom                
2  4 'Structure model' chem_comp_bond                
3  4 'Structure model' database_2                    
4  4 'Structure model' pdbx_initial_refinement_model 
5  4 'Structure model' struct_conn                   
6  4 'Structure model' struct_ref_seq_dif            
7  4 'Structure model' struct_site                   
8  5 'Structure model' atom_site                     
9  5 'Structure model' chem_comp_atom                
10 5 'Structure model' chem_comp_bond                
11 5 'Structure model' struct_conn                   
12 6 'Structure model' pdbx_entry_details            
13 6 'Structure model' pdbx_validate_close_contact   
14 6 'Structure model' struct_conn                   
# 
loop_
_pdbx_audit_revision_item.ordinal 
_pdbx_audit_revision_item.revision_ordinal 
_pdbx_audit_revision_item.data_content_type 
_pdbx_audit_revision_item.item 
1  4 'Structure model' '_database_2.pdbx_DOI'                
2  4 'Structure model' '_database_2.pdbx_database_accession' 
3  4 'Structure model' '_struct_conn.pdbx_leaving_atom_flag' 
4  4 'Structure model' '_struct_ref_seq_dif.details'         
5  4 'Structure model' '_struct_site.pdbx_auth_asym_id'      
6  4 'Structure model' '_struct_site.pdbx_auth_comp_id'      
7  4 'Structure model' '_struct_site.pdbx_auth_seq_id'       
8  5 'Structure model' '_atom_site.auth_atom_id'             
9  5 'Structure model' '_atom_site.label_atom_id'            
10 5 'Structure model' '_chem_comp_atom.atom_id'             
11 5 'Structure model' '_chem_comp_bond.atom_id_1'           
12 5 'Structure model' '_chem_comp_bond.atom_id_2'           
13 5 'Structure model' '_struct_conn.ptnr2_label_atom_id'    
# 
_pdbx_database_status.status_code                     REL 
_pdbx_database_status.entry_id                        2FLT 
_pdbx_database_status.recvd_initial_deposition_date   2006-01-06 
_pdbx_database_status.deposit_site                    RCSB 
_pdbx_database_status.process_site                    RCSB 
_pdbx_database_status.status_code_sf                  REL 
_pdbx_database_status.status_code_mr                  ? 
_pdbx_database_status.SG_entry                        ? 
_pdbx_database_status.pdb_format_compatible           Y 
_pdbx_database_status.status_code_cs                  ? 
_pdbx_database_status.status_code_nmr_data            ? 
_pdbx_database_status.methods_development_category    ? 
# 
_audit_author.name           'de Jong, R.M.' 
_audit_author.pdbx_ordinal   1 
# 
_citation.id                        primary 
_citation.title                     
;Crystal Structures of Native and Inactivated cis-3-Chloroacrylic Acid Dehalogenase: STRUCTURAL BASIS FOR SUBSTRATE SPECIFICITY AND INACTIVATION BY (R)-OXIRANE-2-CARBOXYLATE.
;
_citation.journal_abbrev            J.Biol.Chem. 
_citation.journal_volume            282 
_citation.page_first                2440 
_citation.page_last                 2449 
_citation.year                      2007 
_citation.journal_id_ASTM           JBCHA3 
_citation.country                   US 
_citation.journal_id_ISSN           0021-9258 
_citation.journal_id_CSD            0071 
_citation.book_publisher            ? 
_citation.pdbx_database_id_PubMed   17121835 
_citation.pdbx_database_id_DOI      10.1074/jbc.M608134200 
# 
loop_
_citation_author.citation_id 
_citation_author.name 
_citation_author.ordinal 
_citation_author.identifier_ORCID 
primary 'de Jong, R.M.'     1  ? 
primary 'Bazzacco, P.'      2  ? 
primary 'Poelarends, G.J.'  3  ? 
primary 'Johnson Jr., W.H.' 4  ? 
primary 'Kim, Y.J.'         5  ? 
primary 'Burks, E.A.'       6  ? 
primary 'Serrano, H.'       7  ? 
primary 'Thunnissen, A.M.'  8  ? 
primary 'Whitman, C.P.'     9  ? 
primary 'Dijkstra, B.W.'    10 ? 
# 
loop_
_entity.id 
_entity.type 
_entity.src_method 
_entity.pdbx_description 
_entity.formula_weight 
_entity.pdbx_number_of_molecules 
_entity.pdbx_ec 
_entity.pdbx_mutation 
_entity.pdbx_fragment 
_entity.details 
1 polymer     man 'cis-3-chloroacrylic acid dehalogenase' 16630.500 1  3.8.1.- ? ? ? 
2 non-polymer syn 'LACTIC ACID'                           90.078    1  ?       ? ? ? 
3 water       nat water                                   18.015    60 ?       ? ? ? 
# 
_entity_poly.entity_id                      1 
_entity_poly.type                           'polypeptide(L)' 
_entity_poly.nstd_linkage                   no 
_entity_poly.nstd_monomer                   no 
_entity_poly.pdbx_seq_one_letter_code       
;PVYMVYVSQDRLTPSAKHAVAKAITDAHRGLTGTQHFLAQVNFNEQPAGNVFLGGVQQGGDTIFVHGLHREGRSADLKGQ
LAQRIVDDVSVAAEIDRKHIWVYFGEMPAQQMVEYGRFLPQPGHEGEWFDNLSSDERAFMETNVDVSRT
;
_entity_poly.pdbx_seq_one_letter_code_can   
;PVYMVYVSQDRLTPSAKHAVAKAITDAHRGLTGTQHFLAQVNFNEQPAGNVFLGGVQQGGDTIFVHGLHREGRSADLKGQ
LAQRIVDDVSVAAEIDRKHIWVYFGEMPAQQMVEYGRFLPQPGHEGEWFDNLSSDERAFMETNVDVSRT
;
_entity_poly.pdbx_strand_id                 A 
_entity_poly.pdbx_target_identifier         ? 
# 
loop_
_pdbx_entity_nonpoly.entity_id 
_pdbx_entity_nonpoly.name 
_pdbx_entity_nonpoly.comp_id 
2 'LACTIC ACID' LAC 
3 water         HOH 
# 
loop_
_entity_poly_seq.entity_id 
_entity_poly_seq.num 
_entity_poly_seq.mon_id 
_entity_poly_seq.hetero 
1 1   PRO n 
1 2   VAL n 
1 3   TYR n 
1 4   MET n 
1 5   VAL n 
1 6   TYR n 
1 7   VAL n 
1 8   SER n 
1 9   GLN n 
1 10  ASP n 
1 11  ARG n 
1 12  LEU n 
1 13  THR n 
1 14  PRO n 
1 15  SER n 
1 16  ALA n 
1 17  LYS n 
1 18  HIS n 
1 19  ALA n 
1 20  VAL n 
1 21  ALA n 
1 22  LYS n 
1 23  ALA n 
1 24  ILE n 
1 25  THR n 
1 26  ASP n 
1 27  ALA n 
1 28  HIS n 
1 29  ARG n 
1 30  GLY n 
1 31  LEU n 
1 32  THR n 
1 33  GLY n 
1 34  THR n 
1 35  GLN n 
1 36  HIS n 
1 37  PHE n 
1 38  LEU n 
1 39  ALA n 
1 40  GLN n 
1 41  VAL n 
1 42  ASN n 
1 43  PHE n 
1 44  ASN n 
1 45  GLU n 
1 46  GLN n 
1 47  PRO n 
1 48  ALA n 
1 49  GLY n 
1 50  ASN n 
1 51  VAL n 
1 52  PHE n 
1 53  LEU n 
1 54  GLY n 
1 55  GLY n 
1 56  VAL n 
1 57  GLN n 
1 58  GLN n 
1 59  GLY n 
1 60  GLY n 
1 61  ASP n 
1 62  THR n 
1 63  ILE n 
1 64  PHE n 
1 65  VAL n 
1 66  HIS n 
1 67  GLY n 
1 68  LEU n 
1 69  HIS n 
1 70  ARG n 
1 71  GLU n 
1 72  GLY n 
1 73  ARG n 
1 74  SER n 
1 75  ALA n 
1 76  ASP n 
1 77  LEU n 
1 78  LYS n 
1 79  GLY n 
1 80  GLN n 
1 81  LEU n 
1 82  ALA n 
1 83  GLN n 
1 84  ARG n 
1 85  ILE n 
1 86  VAL n 
1 87  ASP n 
1 88  ASP n 
1 89  VAL n 
1 90  SER n 
1 91  VAL n 
1 92  ALA n 
1 93  ALA n 
1 94  GLU n 
1 95  ILE n 
1 96  ASP n 
1 97  ARG n 
1 98  LYS n 
1 99  HIS n 
1 100 ILE n 
1 101 TRP n 
1 102 VAL n 
1 103 TYR n 
1 104 PHE n 
1 105 GLY n 
1 106 GLU n 
1 107 MET n 
1 108 PRO n 
1 109 ALA n 
1 110 GLN n 
1 111 GLN n 
1 112 MET n 
1 113 VAL n 
1 114 GLU n 
1 115 TYR n 
1 116 GLY n 
1 117 ARG n 
1 118 PHE n 
1 119 LEU n 
1 120 PRO n 
1 121 GLN n 
1 122 PRO n 
1 123 GLY n 
1 124 HIS n 
1 125 GLU n 
1 126 GLY n 
1 127 GLU n 
1 128 TRP n 
1 129 PHE n 
1 130 ASP n 
1 131 ASN n 
1 132 LEU n 
1 133 SER n 
1 134 SER n 
1 135 ASP n 
1 136 GLU n 
1 137 ARG n 
1 138 ALA n 
1 139 PHE n 
1 140 MET n 
1 141 GLU n 
1 142 THR n 
1 143 ASN n 
1 144 VAL n 
1 145 ASP n 
1 146 VAL n 
1 147 SER n 
1 148 ARG n 
1 149 THR n 
# 
_entity_src_gen.entity_id                          1 
_entity_src_gen.pdbx_src_id                        1 
_entity_src_gen.pdbx_alt_source_flag               sample 
_entity_src_gen.pdbx_seq_type                      ? 
_entity_src_gen.pdbx_beg_seq_num                   ? 
_entity_src_gen.pdbx_end_seq_num                   ? 
_entity_src_gen.gene_src_common_name               ? 
_entity_src_gen.gene_src_genus                     ? 
_entity_src_gen.pdbx_gene_src_gene                 ? 
_entity_src_gen.gene_src_species                   ? 
_entity_src_gen.gene_src_strain                    ? 
_entity_src_gen.gene_src_tissue                    ? 
_entity_src_gen.gene_src_tissue_fraction           ? 
_entity_src_gen.gene_src_details                   ? 
_entity_src_gen.pdbx_gene_src_fragment             ? 
_entity_src_gen.pdbx_gene_src_scientific_name      'coryneform bacterium' 
_entity_src_gen.pdbx_gene_src_ncbi_taxonomy_id     1728 
_entity_src_gen.pdbx_gene_src_variant              ? 
_entity_src_gen.pdbx_gene_src_cell_line            ? 
_entity_src_gen.pdbx_gene_src_atcc                 ? 
_entity_src_gen.pdbx_gene_src_organ                ? 
_entity_src_gen.pdbx_gene_src_organelle            ? 
_entity_src_gen.pdbx_gene_src_cell                 ? 
_entity_src_gen.pdbx_gene_src_cellular_location    ? 
_entity_src_gen.host_org_common_name               ? 
_entity_src_gen.pdbx_host_org_scientific_name      'Escherichia coli' 
_entity_src_gen.pdbx_host_org_ncbi_taxonomy_id     562 
_entity_src_gen.host_org_genus                     Escherichia 
_entity_src_gen.pdbx_host_org_gene                 ? 
_entity_src_gen.pdbx_host_org_organ                ? 
_entity_src_gen.host_org_species                   ? 
_entity_src_gen.pdbx_host_org_tissue               ? 
_entity_src_gen.pdbx_host_org_tissue_fraction      ? 
_entity_src_gen.pdbx_host_org_strain               'E. coli BL21 (DE3)' 
_entity_src_gen.pdbx_host_org_variant              ? 
_entity_src_gen.pdbx_host_org_cell_line            ? 
_entity_src_gen.pdbx_host_org_atcc                 ? 
_entity_src_gen.pdbx_host_org_culture_collection   ? 
_entity_src_gen.pdbx_host_org_cell                 ? 
_entity_src_gen.pdbx_host_org_organelle            ? 
_entity_src_gen.pdbx_host_org_cellular_location    ? 
_entity_src_gen.pdbx_host_org_vector_type          plasmid 
_entity_src_gen.pdbx_host_org_vector               ? 
_entity_src_gen.host_org_details                   ? 
_entity_src_gen.expression_system_id               ? 
_entity_src_gen.plasmid_name                       pBAD 
_entity_src_gen.plasmid_details                    ? 
_entity_src_gen.pdbx_description                   ? 
# 
loop_
_chem_comp.id 
_chem_comp.type 
_chem_comp.mon_nstd_flag 
_chem_comp.name 
_chem_comp.pdbx_synonyms 
_chem_comp.formula 
_chem_comp.formula_weight 
ALA 'L-peptide linking' y ALANINE         ? 'C3 H7 N O2'     89.093  
ARG 'L-peptide linking' y ARGININE        ? 'C6 H15 N4 O2 1' 175.209 
ASN 'L-peptide linking' y ASPARAGINE      ? 'C4 H8 N2 O3'    132.118 
ASP 'L-peptide linking' y 'ASPARTIC ACID' ? 'C4 H7 N O4'     133.103 
GLN 'L-peptide linking' y GLUTAMINE       ? 'C5 H10 N2 O3'   146.144 
GLU 'L-peptide linking' y 'GLUTAMIC ACID' ? 'C5 H9 N O4'     147.129 
GLY 'peptide linking'   y GLYCINE         ? 'C2 H5 N O2'     75.067  
HIS 'L-peptide linking' y HISTIDINE       ? 'C6 H10 N3 O2 1' 156.162 
HOH non-polymer         . WATER           ? 'H2 O'           18.015  
ILE 'L-peptide linking' y ISOLEUCINE      ? 'C6 H13 N O2'    131.173 
LAC non-polymer         . 'LACTIC ACID'   ? 'C3 H6 O3'       90.078  
LEU 'L-peptide linking' y LEUCINE         ? 'C6 H13 N O2'    131.173 
LYS 'L-peptide linking' y LYSINE          ? 'C6 H15 N2 O2 1' 147.195 
MET 'L-peptide linking' y METHIONINE      ? 'C5 H11 N O2 S'  149.211 
PHE 'L-peptide linking' y PHENYLALANINE   ? 'C9 H11 N O2'    165.189 
PRO 'L-peptide linking' y PROLINE         ? 'C5 H9 N O2'     115.130 
SER 'L-peptide linking' y SERINE          ? 'C3 H7 N O3'     105.093 
THR 'L-peptide linking' y THREONINE       ? 'C4 H9 N O3'     119.119 
TRP 'L-peptide linking' y TRYPTOPHAN      ? 'C11 H12 N2 O2'  204.225 
TYR 'L-peptide linking' y TYROSINE        ? 'C9 H11 N O3'    181.189 
VAL 'L-peptide linking' y VALINE          ? 'C5 H11 N O2'    117.146 
# 
loop_
_pdbx_poly_seq_scheme.asym_id 
_pdbx_poly_seq_scheme.entity_id 
_pdbx_poly_seq_scheme.seq_id 
_pdbx_poly_seq_scheme.mon_id 
_pdbx_poly_seq_scheme.ndb_seq_num 
_pdbx_poly_seq_scheme.pdb_seq_num 
_pdbx_poly_seq_scheme.auth_seq_num 
_pdbx_poly_seq_scheme.pdb_mon_id 
_pdbx_poly_seq_scheme.auth_mon_id 
_pdbx_poly_seq_scheme.pdb_strand_id 
_pdbx_poly_seq_scheme.pdb_ins_code 
_pdbx_poly_seq_scheme.hetero 
A 1 1   PRO 1   1   1   PRO PRO A . n 
A 1 2   VAL 2   2   2   VAL VAL A . n 
A 1 3   TYR 3   3   3   TYR TYR A . n 
A 1 4   MET 4   4   4   MET MET A . n 
A 1 5   VAL 5   5   5   VAL VAL A . n 
A 1 6   TYR 6   6   6   TYR TYR A . n 
A 1 7   VAL 7   7   7   VAL VAL A . n 
A 1 8   SER 8   8   8   SER SER A . n 
A 1 9   GLN 9   9   9   GLN GLN A . n 
A 1 10  ASP 10  10  10  ASP ASP A . n 
A 1 11  ARG 11  11  11  ARG ARG A . n 
A 1 12  LEU 12  12  12  LEU LEU A . n 
A 1 13  THR 13  13  13  THR THR A . n 
A 1 14  PRO 14  14  14  PRO PRO A . n 
A 1 15  SER 15  15  15  SER SER A . n 
A 1 16  ALA 16  16  16  ALA ALA A . n 
A 1 17  LYS 17  17  17  LYS LYS A . n 
A 1 18  HIS 18  18  18  HIS HIS A . n 
A 1 19  ALA 19  19  19  ALA ALA A . n 
A 1 20  VAL 20  20  20  VAL VAL A . n 
A 1 21  ALA 21  21  21  ALA ALA A . n 
A 1 22  LYS 22  22  22  LYS LYS A . n 
A 1 23  ALA 23  23  23  ALA ALA A . n 
A 1 24  ILE 24  24  24  ILE ILE A . n 
A 1 25  THR 25  25  25  THR THR A . n 
A 1 26  ASP 26  26  26  ASP ASP A . n 
A 1 27  ALA 27  27  27  ALA ALA A . n 
A 1 28  HIS 28  28  28  HIS HIS A . n 
A 1 29  ARG 29  29  29  ARG ALA A . n 
A 1 30  GLY 30  30  30  GLY GLY A . n 
A 1 31  LEU 31  31  31  LEU LEU A . n 
A 1 32  THR 32  32  32  THR THR A . n 
A 1 33  GLY 33  33  33  GLY GLY A . n 
A 1 34  THR 34  34  34  THR THR A . n 
A 1 35  GLN 35  35  35  GLN ALA A . n 
A 1 36  HIS 36  36  36  HIS ALA A . n 
A 1 37  PHE 37  37  37  PHE PHE A . n 
A 1 38  LEU 38  38  38  LEU LEU A . n 
A 1 39  ALA 39  39  39  ALA ALA A . n 
A 1 40  GLN 40  40  40  GLN GLN A . n 
A 1 41  VAL 41  41  41  VAL VAL A . n 
A 1 42  ASN 42  42  42  ASN ASN A . n 
A 1 43  PHE 43  43  43  PHE PHE A . n 
A 1 44  ASN 44  44  44  ASN ASN A . n 
A 1 45  GLU 45  45  45  GLU GLU A . n 
A 1 46  GLN 46  46  46  GLN GLN A . n 
A 1 47  PRO 47  47  47  PRO PRO A . n 
A 1 48  ALA 48  48  48  ALA ALA A . n 
A 1 49  GLY 49  49  49  GLY GLY A . n 
A 1 50  ASN 50  50  50  ASN ASN A . n 
A 1 51  VAL 51  51  51  VAL VAL A . n 
A 1 52  PHE 52  52  52  PHE PHE A . n 
A 1 53  LEU 53  53  53  LEU LEU A . n 
A 1 54  GLY 54  54  54  GLY GLY A . n 
A 1 55  GLY 55  55  55  GLY GLY A . n 
A 1 56  VAL 56  56  56  VAL VAL A . n 
A 1 57  GLN 57  57  57  GLN GLN A . n 
A 1 58  GLN 58  58  58  GLN GLN A . n 
A 1 59  GLY 59  59  59  GLY GLY A . n 
A 1 60  GLY 60  60  60  GLY GLY A . n 
A 1 61  ASP 61  61  61  ASP ASP A . n 
A 1 62  THR 62  62  62  THR THR A . n 
A 1 63  ILE 63  63  63  ILE ILE A . n 
A 1 64  PHE 64  64  64  PHE PHE A . n 
A 1 65  VAL 65  65  65  VAL VAL A . n 
A 1 66  HIS 66  66  66  HIS HIS A . n 
A 1 67  GLY 67  67  67  GLY GLY A . n 
A 1 68  LEU 68  68  68  LEU LEU A . n 
A 1 69  HIS 69  69  69  HIS HIS A . n 
A 1 70  ARG 70  70  70  ARG ARG A . n 
A 1 71  GLU 71  71  71  GLU GLU A . n 
A 1 72  GLY 72  72  72  GLY GLY A . n 
A 1 73  ARG 73  73  73  ARG ARG A . n 
A 1 74  SER 74  74  74  SER SER A . n 
A 1 75  ALA 75  75  75  ALA ALA A . n 
A 1 76  ASP 76  76  76  ASP ASP A . n 
A 1 77  LEU 77  77  77  LEU LEU A . n 
A 1 78  LYS 78  78  78  LYS LYS A . n 
A 1 79  GLY 79  79  79  GLY GLY A . n 
A 1 80  GLN 80  80  80  GLN GLN A . n 
A 1 81  LEU 81  81  81  LEU LEU A . n 
A 1 82  ALA 82  82  82  ALA ALA A . n 
A 1 83  GLN 83  83  83  GLN GLN A . n 
A 1 84  ARG 84  84  84  ARG ARG A . n 
A 1 85  ILE 85  85  85  ILE ILE A . n 
A 1 86  VAL 86  86  86  VAL VAL A . n 
A 1 87  ASP 87  87  87  ASP ASP A . n 
A 1 88  ASP 88  88  88  ASP ASP A . n 
A 1 89  VAL 89  89  89  VAL VAL A . n 
A 1 90  SER 90  90  90  SER SER A . n 
A 1 91  VAL 91  91  91  VAL VAL A . n 
A 1 92  ALA 92  92  92  ALA ALA A . n 
A 1 93  ALA 93  93  93  ALA ALA A . n 
A 1 94  GLU 94  94  94  GLU GLU A . n 
A 1 95  ILE 95  95  95  ILE ILE A . n 
A 1 96  ASP 96  96  96  ASP ASP A . n 
A 1 97  ARG 97  97  97  ARG ARG A . n 
A 1 98  LYS 98  98  98  LYS LYS A . n 
A 1 99  HIS 99  99  99  HIS HIS A . n 
A 1 100 ILE 100 100 100 ILE ILE A . n 
A 1 101 TRP 101 101 101 TRP TRP A . n 
A 1 102 VAL 102 102 102 VAL VAL A . n 
A 1 103 TYR 103 103 103 TYR TYR A . n 
A 1 104 PHE 104 104 104 PHE PHE A . n 
A 1 105 GLY 105 105 105 GLY GLY A . n 
A 1 106 GLU 106 106 106 GLU GLU A . n 
A 1 107 MET 107 107 107 MET MET A . n 
A 1 108 PRO 108 108 108 PRO PRO A . n 
A 1 109 ALA 109 109 109 ALA ALA A . n 
A 1 110 GLN 110 110 110 GLN GLN A . n 
A 1 111 GLN 111 111 111 GLN GLN A . n 
A 1 112 MET 112 112 112 MET MET A . n 
A 1 113 VAL 113 113 113 VAL VAL A . n 
A 1 114 GLU 114 114 114 GLU GLU A . n 
A 1 115 TYR 115 115 115 TYR TYR A . n 
A 1 116 GLY 116 116 116 GLY GLY A . n 
A 1 117 ARG 117 117 117 ARG ALA A . n 
A 1 118 PHE 118 118 ?   ?   ?   A . n 
A 1 119 LEU 119 119 ?   ?   ?   A . n 
A 1 120 PRO 120 120 ?   ?   ?   A . n 
A 1 121 GLN 121 121 ?   ?   ?   A . n 
A 1 122 PRO 122 122 ?   ?   ?   A . n 
A 1 123 GLY 123 123 ?   ?   ?   A . n 
A 1 124 HIS 124 124 ?   ?   ?   A . n 
A 1 125 GLU 125 125 ?   ?   ?   A . n 
A 1 126 GLY 126 126 ?   ?   ?   A . n 
A 1 127 GLU 127 127 ?   ?   ?   A . n 
A 1 128 TRP 128 128 ?   ?   ?   A . n 
A 1 129 PHE 129 129 ?   ?   ?   A . n 
A 1 130 ASP 130 130 ?   ?   ?   A . n 
A 1 131 ASN 131 131 ?   ?   ?   A . n 
A 1 132 LEU 132 132 ?   ?   ?   A . n 
A 1 133 SER 133 133 ?   ?   ?   A . n 
A 1 134 SER 134 134 ?   ?   ?   A . n 
A 1 135 ASP 135 135 ?   ?   ?   A . n 
A 1 136 GLU 136 136 ?   ?   ?   A . n 
A 1 137 ARG 137 137 ?   ?   ?   A . n 
A 1 138 ALA 138 138 ?   ?   ?   A . n 
A 1 139 PHE 139 139 ?   ?   ?   A . n 
A 1 140 MET 140 140 ?   ?   ?   A . n 
A 1 141 GLU 141 141 ?   ?   ?   A . n 
A 1 142 THR 142 142 ?   ?   ?   A . n 
A 1 143 ASN 143 143 ?   ?   ?   A . n 
A 1 144 VAL 144 144 ?   ?   ?   A . n 
A 1 145 ASP 145 145 ?   ?   ?   A . n 
A 1 146 VAL 146 146 ?   ?   ?   A . n 
A 1 147 SER 147 147 ?   ?   ?   A . n 
A 1 148 ARG 148 148 ?   ?   ?   A . n 
A 1 149 THR 149 149 ?   ?   ?   A . n 
# 
loop_
_pdbx_nonpoly_scheme.asym_id 
_pdbx_nonpoly_scheme.entity_id 
_pdbx_nonpoly_scheme.mon_id 
_pdbx_nonpoly_scheme.ndb_seq_num 
_pdbx_nonpoly_scheme.pdb_seq_num 
_pdbx_nonpoly_scheme.auth_seq_num 
_pdbx_nonpoly_scheme.pdb_mon_id 
_pdbx_nonpoly_scheme.auth_mon_id 
_pdbx_nonpoly_scheme.pdb_strand_id 
_pdbx_nonpoly_scheme.pdb_ins_code 
B 2 LAC 1  1001 1  LAC INH A . 
C 3 HOH 1  1002 2  HOH HOH A . 
C 3 HOH 2  1003 3  HOH HOH A . 
C 3 HOH 3  1004 4  HOH HOH A . 
C 3 HOH 4  1005 5  HOH HOH A . 
C 3 HOH 5  1006 6  HOH HOH A . 
C 3 HOH 6  1007 7  HOH HOH A . 
C 3 HOH 7  1008 8  HOH HOH A . 
C 3 HOH 8  1009 9  HOH HOH A . 
C 3 HOH 9  1010 10 HOH HOH A . 
C 3 HOH 10 1011 11 HOH HOH A . 
C 3 HOH 11 1012 12 HOH HOH A . 
C 3 HOH 12 1013 13 HOH HOH A . 
C 3 HOH 13 1014 14 HOH HOH A . 
C 3 HOH 14 1015 15 HOH HOH A . 
C 3 HOH 15 1016 16 HOH HOH A . 
C 3 HOH 16 1017 17 HOH HOH A . 
C 3 HOH 17 1018 18 HOH HOH A . 
C 3 HOH 18 1019 19 HOH HOH A . 
C 3 HOH 19 1020 20 HOH HOH A . 
C 3 HOH 20 1021 21 HOH HOH A . 
C 3 HOH 21 1022 22 HOH HOH A . 
C 3 HOH 22 1023 23 HOH HOH A . 
C 3 HOH 23 1024 24 HOH HOH A . 
C 3 HOH 24 1025 25 HOH HOH A . 
C 3 HOH 25 1026 26 HOH HOH A . 
C 3 HOH 26 1027 27 HOH HOH A . 
C 3 HOH 27 1028 28 HOH HOH A . 
C 3 HOH 28 1029 29 HOH HOH A . 
C 3 HOH 29 1030 30 HOH HOH A . 
C 3 HOH 30 1031 31 HOH HOH A . 
C 3 HOH 31 1032 32 HOH HOH A . 
C 3 HOH 32 1033 33 HOH HOH A . 
C 3 HOH 33 1034 34 HOH HOH A . 
C 3 HOH 34 1035 35 HOH HOH A . 
C 3 HOH 35 1036 36 HOH HOH A . 
C 3 HOH 36 1037 37 HOH HOH A . 
C 3 HOH 37 1038 38 HOH HOH A . 
C 3 HOH 38 1039 39 HOH HOH A . 
C 3 HOH 39 1040 40 HOH HOH A . 
C 3 HOH 40 1041 41 HOH HOH A . 
C 3 HOH 41 1042 42 HOH HOH A . 
C 3 HOH 42 1043 43 HOH HOH A . 
C 3 HOH 43 1044 44 HOH HOH A . 
C 3 HOH 44 1045 45 HOH HOH A . 
C 3 HOH 45 1046 46 HOH HOH A . 
C 3 HOH 46 1047 47 HOH HOH A . 
C 3 HOH 47 1048 48 HOH HOH A . 
C 3 HOH 48 1049 49 HOH HOH A . 
C 3 HOH 49 1050 50 HOH HOH A . 
C 3 HOH 50 1051 51 HOH HOH A . 
C 3 HOH 51 1052 52 HOH HOH A . 
C 3 HOH 52 1053 53 HOH HOH A . 
C 3 HOH 53 1054 54 HOH HOH A . 
C 3 HOH 54 1055 55 HOH HOH A . 
C 3 HOH 55 1056 56 HOH HOH A . 
C 3 HOH 56 1057 57 HOH HOH A . 
C 3 HOH 57 1058 58 HOH HOH A . 
C 3 HOH 58 1059 59 HOH HOH A . 
C 3 HOH 59 1060 60 HOH HOH A . 
C 3 HOH 60 1061 61 HOH HOH A . 
# 
loop_
_pdbx_unobs_or_zero_occ_atoms.id 
_pdbx_unobs_or_zero_occ_atoms.PDB_model_num 
_pdbx_unobs_or_zero_occ_atoms.polymer_flag 
_pdbx_unobs_or_zero_occ_atoms.occupancy_flag 
_pdbx_unobs_or_zero_occ_atoms.auth_asym_id 
_pdbx_unobs_or_zero_occ_atoms.auth_comp_id 
_pdbx_unobs_or_zero_occ_atoms.auth_seq_id 
_pdbx_unobs_or_zero_occ_atoms.PDB_ins_code 
_pdbx_unobs_or_zero_occ_atoms.auth_atom_id 
_pdbx_unobs_or_zero_occ_atoms.label_alt_id 
_pdbx_unobs_or_zero_occ_atoms.label_asym_id 
_pdbx_unobs_or_zero_occ_atoms.label_comp_id 
_pdbx_unobs_or_zero_occ_atoms.label_seq_id 
_pdbx_unobs_or_zero_occ_atoms.label_atom_id 
1  1 Y 1 A ARG 29  ? CG  ? A ARG 29  CG  
2  1 Y 1 A ARG 29  ? CD  ? A ARG 29  CD  
3  1 Y 1 A ARG 29  ? NE  ? A ARG 29  NE  
4  1 Y 1 A ARG 29  ? CZ  ? A ARG 29  CZ  
5  1 Y 1 A ARG 29  ? NH1 ? A ARG 29  NH1 
6  1 Y 1 A ARG 29  ? NH2 ? A ARG 29  NH2 
7  1 Y 1 A GLN 35  ? CG  ? A GLN 35  CG  
8  1 Y 1 A GLN 35  ? CD  ? A GLN 35  CD  
9  1 Y 1 A GLN 35  ? OE1 ? A GLN 35  OE1 
10 1 Y 1 A GLN 35  ? NE2 ? A GLN 35  NE2 
11 1 Y 1 A HIS 36  ? CG  ? A HIS 36  CG  
12 1 Y 1 A HIS 36  ? ND1 ? A HIS 36  ND1 
13 1 Y 1 A HIS 36  ? CD2 ? A HIS 36  CD2 
14 1 Y 1 A HIS 36  ? CE1 ? A HIS 36  CE1 
15 1 Y 1 A HIS 36  ? NE2 ? A HIS 36  NE2 
16 1 Y 1 A ARG 117 ? CG  ? A ARG 117 CG  
17 1 Y 1 A ARG 117 ? CD  ? A ARG 117 CD  
18 1 Y 1 A ARG 117 ? NE  ? A ARG 117 NE  
19 1 Y 1 A ARG 117 ? CZ  ? A ARG 117 CZ  
20 1 Y 1 A ARG 117 ? NH1 ? A ARG 117 NH1 
21 1 Y 1 A ARG 117 ? NH2 ? A ARG 117 NH2 
# 
loop_
_software.name 
_software.classification 
_software.version 
_software.citation_id 
_software.pdbx_ordinal 
CNS       refinement       1.1 ? 1 
DENZO     'data reduction' .   ? 2 
SCALEPACK 'data scaling'   .   ? 3 
AMoRE     phasing          .   ? 4 
# 
_cell.entry_id           2FLT 
_cell.length_a           59.457 
_cell.length_b           59.457 
_cell.length_c           57.909 
_cell.angle_alpha        90.00 
_cell.angle_beta         90.00 
_cell.angle_gamma        120.00 
_cell.Z_PDB              6 
_cell.pdbx_unique_axis   ? 
_cell.length_a_esd       ? 
_cell.length_b_esd       ? 
_cell.length_c_esd       ? 
_cell.angle_alpha_esd    ? 
_cell.angle_beta_esd     ? 
_cell.angle_gamma_esd    ? 
# 
_symmetry.entry_id                         2FLT 
_symmetry.space_group_name_H-M             'P 63' 
_symmetry.pdbx_full_space_group_name_H-M   ? 
_symmetry.cell_setting                     ? 
_symmetry.Int_Tables_number                173 
_symmetry.space_group_name_Hall            ? 
# 
_exptl.entry_id          2FLT 
_exptl.method            'X-RAY DIFFRACTION' 
_exptl.crystals_number   1 
# 
_exptl_crystal.id                    1 
_exptl_crystal.density_meas          ? 
_exptl_crystal.density_Matthews      1.78 
_exptl_crystal.density_percent_sol   30.75 
_exptl_crystal.description           ? 
_exptl_crystal.F_000                 ? 
_exptl_crystal.preparation           ? 
# 
_exptl_crystal_grow.crystal_id      1 
_exptl_crystal_grow.method          'VAPOR DIFFUSION, HANGING DROP' 
_exptl_crystal_grow.temp            298 
_exptl_crystal_grow.temp_details    ? 
_exptl_crystal_grow.pH              7.5 
_exptl_crystal_grow.pdbx_details    
;equal amounts of protein solution (10 mg/mL) and well solution containing 1.6 M potassium sodium phosphate and 100 mM HEPES buffer, pH 7.5, VAPOR DIFFUSION, HANGING DROP, temperature 298K
;
_exptl_crystal_grow.pdbx_pH_range   . 
# 
_diffrn.id                     1 
_diffrn.ambient_temp           100 
_diffrn.ambient_temp_details   ? 
_diffrn.crystal_id             1 
# 
_diffrn_detector.diffrn_id              1 
_diffrn_detector.detector               'IMAGE PLATE' 
_diffrn_detector.type                   MACSCIENCE 
_diffrn_detector.pdbx_collection_date   2004-02-12 
_diffrn_detector.details                mirrors 
# 
_diffrn_radiation.diffrn_id                        1 
_diffrn_radiation.wavelength_id                    1 
_diffrn_radiation.pdbx_monochromatic_or_laue_m_l   M 
_diffrn_radiation.monochromator                    ? 
_diffrn_radiation.pdbx_diffrn_protocol             'SINGLE WAVELENGTH' 
_diffrn_radiation.pdbx_scattering_type             x-ray 
# 
_diffrn_radiation_wavelength.id           1 
_diffrn_radiation_wavelength.wavelength   1.5418 
_diffrn_radiation_wavelength.wt           1.0 
# 
_diffrn_source.diffrn_id                   1 
_diffrn_source.source                      'ROTATING ANODE' 
_diffrn_source.type                        ENRAF-NONIUS 
_diffrn_source.pdbx_synchrotron_site       ? 
_diffrn_source.pdbx_synchrotron_beamline   ? 
_diffrn_source.pdbx_wavelength             ? 
_diffrn_source.pdbx_wavelength_list        1.5418 
# 
_reflns.entry_id                     2FLT 
_reflns.observed_criterion_sigma_I   2.0 
_reflns.observed_criterion_sigma_F   2.0 
_reflns.d_resolution_low             30.0 
_reflns.d_resolution_high            2.1 
_reflns.number_obs                   6850 
_reflns.number_all                   6850 
_reflns.percent_possible_obs         100.0 
_reflns.pdbx_Rmerge_I_obs            ? 
_reflns.pdbx_Rsym_value              0.103 
_reflns.pdbx_netI_over_sigmaI        19.8 
_reflns.B_iso_Wilson_estimate        5.3 
_reflns.pdbx_redundancy              ? 
_reflns.R_free_details               ? 
_reflns.limit_h_max                  ? 
_reflns.limit_h_min                  ? 
_reflns.limit_k_max                  ? 
_reflns.limit_k_min                  ? 
_reflns.limit_l_max                  ? 
_reflns.limit_l_min                  ? 
_reflns.observed_criterion_F_max     ? 
_reflns.observed_criterion_F_min     ? 
_reflns.pdbx_chi_squared             ? 
_reflns.pdbx_scaling_rejects         ? 
_reflns.pdbx_ordinal                 1 
_reflns.pdbx_diffrn_id               1 
# 
_reflns_shell.d_res_high             2.1 
_reflns_shell.d_res_low              2.2 
_reflns_shell.percent_possible_all   100.0 
_reflns_shell.Rmerge_I_obs           ? 
_reflns_shell.pdbx_Rsym_value        0.355 
_reflns_shell.meanI_over_sigI_obs    5.5 
_reflns_shell.pdbx_redundancy        ? 
_reflns_shell.percent_possible_obs   ? 
_reflns_shell.number_unique_all      ? 
_reflns_shell.number_measured_all    ? 
_reflns_shell.number_measured_obs    ? 
_reflns_shell.number_unique_obs      ? 
_reflns_shell.pdbx_chi_squared       ? 
_reflns_shell.pdbx_ordinal           1 
_reflns_shell.pdbx_diffrn_id         1 
# 
_refine.entry_id                                 2FLT 
_refine.ls_number_reflns_obs                     6850 
_refine.ls_number_reflns_all                     6850 
_refine.pdbx_ls_sigma_I                          ? 
_refine.pdbx_ls_sigma_F                          0.0 
_refine.pdbx_data_cutoff_high_absF               1348806.24 
_refine.pdbx_data_cutoff_low_absF                0.000000 
_refine.pdbx_data_cutoff_high_rms_absF           1348806.24 
_refine.ls_d_res_low                             28.96 
_refine.ls_d_res_high                            2.10 
_refine.ls_percent_reflns_obs                    99.9 
_refine.ls_R_factor_obs                          ? 
_refine.ls_R_factor_all                          ? 
_refine.ls_R_factor_R_work                       0.204 
_refine.ls_R_factor_R_free                       0.226 
_refine.ls_R_factor_R_free_error                 0.012 
_refine.ls_R_factor_R_free_error_details         ? 
_refine.ls_percent_reflns_R_free                 4.8 
_refine.ls_number_reflns_R_free                  327 
_refine.ls_number_parameters                     ? 
_refine.ls_number_restraints                     ? 
_refine.occupancy_min                            ? 
_refine.occupancy_max                            ? 
_refine.correlation_coeff_Fo_to_Fc               ? 
_refine.correlation_coeff_Fo_to_Fc_free          ? 
_refine.B_iso_mean                               16.0 
_refine.aniso_B[1][1]                            1.54 
_refine.aniso_B[2][2]                            1.54 
_refine.aniso_B[3][3]                            -3.08 
_refine.aniso_B[1][2]                            2.85 
_refine.aniso_B[1][3]                            0.00 
_refine.aniso_B[2][3]                            0.00 
_refine.solvent_model_details                    'FLAT MODEL' 
_refine.solvent_model_param_ksol                 0.391163 
_refine.solvent_model_param_bsol                 49.0537 
_refine.pdbx_solvent_vdw_probe_radii             ? 
_refine.pdbx_solvent_ion_probe_radii             ? 
_refine.pdbx_solvent_shrinkage_radii             ? 
_refine.pdbx_ls_cross_valid_method               THROUGHOUT 
_refine.details                                  ? 
_refine.pdbx_starting_model                      'trans-3-chloroacrylic acid dehalogenase (CaaD, PDB ID: 1S0Y)' 
_refine.pdbx_method_to_determine_struct          'MOLECULAR REPLACEMENT' 
_refine.pdbx_isotropic_thermal_model             RESTRAINED 
_refine.pdbx_stereochemistry_target_values       'Engh & Huber' 
_refine.pdbx_stereochem_target_val_spec_case     ? 
_refine.pdbx_R_Free_selection_details            RANDOM 
_refine.pdbx_overall_ESU_R                       ? 
_refine.pdbx_overall_ESU_R_Free                  ? 
_refine.overall_SU_ML                            ? 
_refine.overall_SU_B                             ? 
_refine.ls_redundancy_reflns_obs                 ? 
_refine.B_iso_min                                ? 
_refine.B_iso_max                                ? 
_refine.overall_SU_R_Cruickshank_DPI             ? 
_refine.overall_SU_R_free                        ? 
_refine.ls_wR_factor_R_free                      ? 
_refine.ls_wR_factor_R_work                      ? 
_refine.overall_FOM_free_R_set                   ? 
_refine.overall_FOM_work_R_set                   ? 
_refine.pdbx_refine_id                           'X-RAY DIFFRACTION' 
_refine.pdbx_diffrn_id                           1 
_refine.pdbx_TLS_residual_ADP_flag               ? 
_refine.pdbx_overall_phase_error                 ? 
_refine.pdbx_overall_SU_R_free_Cruickshank_DPI   ? 
_refine.pdbx_overall_SU_R_Blow_DPI               ? 
_refine.pdbx_overall_SU_R_free_Blow_DPI          ? 
# 
_refine_analyze.entry_id                        2FLT 
_refine_analyze.Luzzati_coordinate_error_obs    0.23 
_refine_analyze.Luzzati_sigma_a_obs             0.09 
_refine_analyze.Luzzati_d_res_low_obs           5.00 
_refine_analyze.Luzzati_coordinate_error_free   0.27 
_refine_analyze.Luzzati_sigma_a_free            0.23 
_refine_analyze.Luzzati_d_res_low_free          ? 
_refine_analyze.number_disordered_residues      ? 
_refine_analyze.occupancy_sum_hydrogen          ? 
_refine_analyze.occupancy_sum_non_hydrogen      ? 
_refine_analyze.pdbx_Luzzati_d_res_high_obs     ? 
_refine_analyze.pdbx_refine_id                  'X-RAY DIFFRACTION' 
# 
_refine_hist.pdbx_refine_id                   'X-RAY DIFFRACTION' 
_refine_hist.cycle_id                         LAST 
_refine_hist.pdbx_number_atoms_protein        890 
_refine_hist.pdbx_number_atoms_nucleic_acid   0 
_refine_hist.pdbx_number_atoms_ligand         6 
_refine_hist.number_atoms_solvent             60 
_refine_hist.number_atoms_total               956 
_refine_hist.d_res_high                       2.10 
_refine_hist.d_res_low                        28.96 
# 
loop_
_refine_ls_restr.type 
_refine_ls_restr.dev_ideal 
_refine_ls_restr.dev_ideal_target 
_refine_ls_restr.weight 
_refine_ls_restr.number 
_refine_ls_restr.pdbx_refine_id 
_refine_ls_restr.pdbx_restraint_function 
c_bond_d           0.007 ?    ? ? 'X-RAY DIFFRACTION' ? 
c_angle_deg        1.3   ?    ? ? 'X-RAY DIFFRACTION' ? 
c_dihedral_angle_d 25.1  ?    ? ? 'X-RAY DIFFRACTION' ? 
c_improper_angle_d 0.64  ?    ? ? 'X-RAY DIFFRACTION' ? 
c_mcbond_it        1.41  1.50 ? ? 'X-RAY DIFFRACTION' ? 
c_mcangle_it       1.69  2.00 ? ? 'X-RAY DIFFRACTION' ? 
c_scbond_it        1.79  2.00 ? ? 'X-RAY DIFFRACTION' ? 
c_scangle_it       2.68  2.50 ? ? 'X-RAY DIFFRACTION' ? 
# 
_refine_ls_shell.pdbx_total_number_of_bins_used   6 
_refine_ls_shell.d_res_high                       2.10 
_refine_ls_shell.d_res_low                        2.23 
_refine_ls_shell.number_reflns_R_work             1066 
_refine_ls_shell.R_factor_R_work                  0.194 
_refine_ls_shell.percent_reflns_obs               99.0 
_refine_ls_shell.R_factor_R_free                  0.262 
_refine_ls_shell.R_factor_R_free_error            0.036 
_refine_ls_shell.percent_reflns_R_free            4.8 
_refine_ls_shell.number_reflns_R_free             54 
_refine_ls_shell.number_reflns_all                ? 
_refine_ls_shell.R_factor_all                     ? 
_refine_ls_shell.number_reflns_obs                679 
_refine_ls_shell.redundancy_reflns_obs            ? 
_refine_ls_shell.pdbx_refine_id                   'X-RAY DIFFRACTION' 
# 
loop_
_pdbx_xplor_file.serial_no 
_pdbx_xplor_file.param_file 
_pdbx_xplor_file.topol_file 
_pdbx_xplor_file.pdbx_refine_id 
1 protein_rep.param protein.top 'X-RAY DIFFRACTION' 
2 dna-rna_rep.param dna-rna.top 'X-RAY DIFFRACTION' 
3 water_rep.param   water.top   'X-RAY DIFFRACTION' 
4 ion.param         ion.top     'X-RAY DIFFRACTION' 
5 INH.par           INH.top     'X-RAY DIFFRACTION' 
# 
_struct.entry_id                  2FLT 
_struct.title                     
'The X-ray structure of the cis-3-chloroacrylic acid dehalogenase cis-CaaD inactivated with (R)-Oxirane-2-carboxylate' 
_struct.pdbx_model_details        ? 
_struct.pdbx_CASP_flag            ? 
_struct.pdbx_model_type_details   ? 
# 
_struct_keywords.entry_id        2FLT 
_struct_keywords.pdbx_keywords   HYDROLASE 
_struct_keywords.text            
'3-chloroacrylic acid dehalogenase, 4OT family, hydratase, covalent inhibitor, 4-oxalocrotonate tautomerase, hydrolase' 
# 
loop_
_struct_asym.id 
_struct_asym.pdbx_blank_PDB_chainid_flag 
_struct_asym.pdbx_modified 
_struct_asym.entity_id 
_struct_asym.details 
A N N 1 ? 
B N N 2 ? 
C N N 3 ? 
# 
_struct_ref.id                         1 
_struct_ref.db_name                    GB 
_struct_ref.db_code                    AAR00932 
_struct_ref.pdbx_db_accession          37702690 
_struct_ref.entity_id                  1 
_struct_ref.pdbx_seq_one_letter_code   
;PVYMVYVSQDRLTPSAKHAVAKAITDAHRGLTGTQHFLAQVNFQEQPAGNVFLGGVQQGGDTIFVHGLHREGRSADLKGQ
LAQRIVDDVSVAAEIDRKHIWVYFGEMPAQQMVEYGRFLPQPGHEGEWFDNLSSDERAFMETNVDVSRT
;
_struct_ref.pdbx_align_begin           2 
_struct_ref.pdbx_db_isoform            ? 
# 
_struct_ref_seq.align_id                      1 
_struct_ref_seq.ref_id                        1 
_struct_ref_seq.pdbx_PDB_id_code              2FLT 
_struct_ref_seq.pdbx_strand_id                A 
_struct_ref_seq.seq_align_beg                 1 
_struct_ref_seq.pdbx_seq_align_beg_ins_code   ? 
_struct_ref_seq.seq_align_end                 149 
_struct_ref_seq.pdbx_seq_align_end_ins_code   ? 
_struct_ref_seq.pdbx_db_accession             37702690 
_struct_ref_seq.db_align_beg                  2 
_struct_ref_seq.pdbx_db_align_beg_ins_code    ? 
_struct_ref_seq.db_align_end                  150 
_struct_ref_seq.pdbx_db_align_end_ins_code    ? 
_struct_ref_seq.pdbx_auth_seq_align_beg       1 
_struct_ref_seq.pdbx_auth_seq_align_end       149 
# 
_struct_ref_seq_dif.align_id                     1 
_struct_ref_seq_dif.pdbx_pdb_id_code             2FLT 
_struct_ref_seq_dif.mon_id                       ASN 
_struct_ref_seq_dif.pdbx_pdb_strand_id           A 
_struct_ref_seq_dif.seq_num                      44 
_struct_ref_seq_dif.pdbx_pdb_ins_code            ? 
_struct_ref_seq_dif.pdbx_seq_db_name             GB 
_struct_ref_seq_dif.pdbx_seq_db_accession_code   37702690 
_struct_ref_seq_dif.db_mon_id                    GLN 
_struct_ref_seq_dif.pdbx_seq_db_seq_num          45 
_struct_ref_seq_dif.details                      conflict 
_struct_ref_seq_dif.pdbx_auth_seq_num            44 
_struct_ref_seq_dif.pdbx_ordinal                 1 
# 
_pdbx_struct_assembly.id                   1 
_pdbx_struct_assembly.details              author_and_software_defined_assembly 
_pdbx_struct_assembly.method_details       PISA,PQS 
_pdbx_struct_assembly.oligomeric_details   trimeric 
_pdbx_struct_assembly.oligomeric_count     3 
# 
loop_
_pdbx_struct_assembly_prop.biol_id 
_pdbx_struct_assembly_prop.type 
_pdbx_struct_assembly_prop.value 
_pdbx_struct_assembly_prop.details 
1 'ABSA (A^2)' 7130  ? 
1 MORE         -37   ? 
1 'SSA (A^2)'  12620 ? 
# 
_pdbx_struct_assembly_gen.assembly_id       1 
_pdbx_struct_assembly_gen.oper_expression   1,2,3 
_pdbx_struct_assembly_gen.asym_id_list      A,B,C 
# 
loop_
_pdbx_struct_oper_list.id 
_pdbx_struct_oper_list.type 
_pdbx_struct_oper_list.name 
_pdbx_struct_oper_list.symmetry_operation 
_pdbx_struct_oper_list.matrix[1][1] 
_pdbx_struct_oper_list.matrix[1][2] 
_pdbx_struct_oper_list.matrix[1][3] 
_pdbx_struct_oper_list.vector[1] 
_pdbx_struct_oper_list.matrix[2][1] 
_pdbx_struct_oper_list.matrix[2][2] 
_pdbx_struct_oper_list.matrix[2][3] 
_pdbx_struct_oper_list.vector[2] 
_pdbx_struct_oper_list.matrix[3][1] 
_pdbx_struct_oper_list.matrix[3][2] 
_pdbx_struct_oper_list.matrix[3][3] 
_pdbx_struct_oper_list.vector[3] 
1 'identity operation'         1_555 x,y,z         1.0000000000  0.0000000000 0.0000000000  0.0000000000  0.0000000000 1.0000000000 0.0000000000  0.0000000000   0.0000000000  0.0000000000  1.0000000000  0.0000000000  
2 'crystal symmetry operation' 2_655 -y+1,x-y,z    -0.1015041668 0.6424898196 -0.7595417934 16.6018110878 0.6820965489 0.6007198203 0.4169892031  -10.1622813185 0.7241831275  -0.4757546944 -0.4992156535 -6.4853754334 
3 'crystal symmetry operation' 3_665 -x+y+1,-x+1,z -0.1015041668 0.6820965489 0.7241831275  13.3134094813 0.6424898196 0.6007198203 -0.4757546944 -7.6472586100  -0.7595417934 0.4169892031  -0.4992156535 13.6097300200 
# 
_struct_biol.id                    1 
_struct_biol.details               
;The biological unit is a trimer that can be obtained by rotation of the monomer aropund the crystallographic three-fold symmetry axis.
;
_struct_biol.pdbx_parent_biol_id   ? 
# 
loop_
_struct_conf.conf_type_id 
_struct_conf.id 
_struct_conf.pdbx_PDB_helix_id 
_struct_conf.beg_label_comp_id 
_struct_conf.beg_label_asym_id 
_struct_conf.beg_label_seq_id 
_struct_conf.pdbx_beg_PDB_ins_code 
_struct_conf.end_label_comp_id 
_struct_conf.end_label_asym_id 
_struct_conf.end_label_seq_id 
_struct_conf.pdbx_end_PDB_ins_code 
_struct_conf.beg_auth_comp_id 
_struct_conf.beg_auth_asym_id 
_struct_conf.beg_auth_seq_id 
_struct_conf.end_auth_comp_id 
_struct_conf.end_auth_asym_id 
_struct_conf.end_auth_seq_id 
_struct_conf.pdbx_PDB_helix_class 
_struct_conf.details 
_struct_conf.pdbx_PDB_helix_length 
HELX_P HELX_P1 1 THR A 13  ? GLY A 33  ? THR A 13  GLY A 33  1 ? 21 
HELX_P HELX_P2 2 GLN A 35  ? ALA A 39  ? GLN A 35  ALA A 39  5 ? 5  
HELX_P HELX_P3 3 SER A 74  ? ALA A 93  ? SER A 74  ALA A 93  1 ? 20 
HELX_P HELX_P4 4 ASP A 96  ? LYS A 98  ? ASP A 96  LYS A 98  5 ? 3  
HELX_P HELX_P5 5 PRO A 108 ? MET A 112 ? PRO A 108 MET A 112 5 ? 5  
# 
_struct_conf_type.id          HELX_P 
_struct_conf_type.criteria    ? 
_struct_conf_type.reference   ? 
# 
loop_
_struct_sheet.id 
_struct_sheet.type 
_struct_sheet.number_strands 
_struct_sheet.details 
A ? 4 ? 
B ? 2 ? 
# 
loop_
_struct_sheet_order.sheet_id 
_struct_sheet_order.range_id_1 
_struct_sheet_order.range_id_2 
_struct_sheet_order.offset 
_struct_sheet_order.sense 
A 1 2 ? parallel      
A 2 3 ? anti-parallel 
A 3 4 ? parallel      
B 1 2 ? anti-parallel 
# 
loop_
_struct_sheet_range.sheet_id 
_struct_sheet_range.id 
_struct_sheet_range.beg_label_comp_id 
_struct_sheet_range.beg_label_asym_id 
_struct_sheet_range.beg_label_seq_id 
_struct_sheet_range.pdbx_beg_PDB_ins_code 
_struct_sheet_range.end_label_comp_id 
_struct_sheet_range.end_label_asym_id 
_struct_sheet_range.end_label_seq_id 
_struct_sheet_range.pdbx_end_PDB_ins_code 
_struct_sheet_range.beg_auth_comp_id 
_struct_sheet_range.beg_auth_asym_id 
_struct_sheet_range.beg_auth_seq_id 
_struct_sheet_range.end_auth_comp_id 
_struct_sheet_range.end_auth_asym_id 
_struct_sheet_range.end_auth_seq_id 
A 1 GLN A 40  ? GLN A 46  ? GLN A 40  GLN A 46  
A 2 VAL A 2   ? SER A 8   ? VAL A 2   SER A 8   
A 3 ILE A 63  ? ARG A 70  ? ILE A 63  ARG A 70  
A 4 ILE A 100 ? MET A 107 ? ILE A 100 MET A 107 
B 1 PHE A 52  ? LEU A 53  ? PHE A 52  LEU A 53  
B 2 VAL A 56  ? GLN A 57  ? VAL A 56  GLN A 57  
# 
loop_
_pdbx_struct_sheet_hbond.sheet_id 
_pdbx_struct_sheet_hbond.range_id_1 
_pdbx_struct_sheet_hbond.range_id_2 
_pdbx_struct_sheet_hbond.range_1_label_atom_id 
_pdbx_struct_sheet_hbond.range_1_label_comp_id 
_pdbx_struct_sheet_hbond.range_1_label_asym_id 
_pdbx_struct_sheet_hbond.range_1_label_seq_id 
_pdbx_struct_sheet_hbond.range_1_PDB_ins_code 
_pdbx_struct_sheet_hbond.range_1_auth_atom_id 
_pdbx_struct_sheet_hbond.range_1_auth_comp_id 
_pdbx_struct_sheet_hbond.range_1_auth_asym_id 
_pdbx_struct_sheet_hbond.range_1_auth_seq_id 
_pdbx_struct_sheet_hbond.range_2_label_atom_id 
_pdbx_struct_sheet_hbond.range_2_label_comp_id 
_pdbx_struct_sheet_hbond.range_2_label_asym_id 
_pdbx_struct_sheet_hbond.range_2_label_seq_id 
_pdbx_struct_sheet_hbond.range_2_PDB_ins_code 
_pdbx_struct_sheet_hbond.range_2_auth_atom_id 
_pdbx_struct_sheet_hbond.range_2_auth_comp_id 
_pdbx_struct_sheet_hbond.range_2_auth_asym_id 
_pdbx_struct_sheet_hbond.range_2_auth_seq_id 
A 1 2 O GLN A 40 ? O GLN A 40 N TYR A 3   ? N TYR A 3   
A 2 3 N MET A 4  ? N MET A 4  O HIS A 66  ? O HIS A 66  
A 3 4 N HIS A 69 ? N HIS A 69 O GLY A 105 ? O GLY A 105 
B 1 2 N LEU A 53 ? N LEU A 53 O VAL A 56  ? O VAL A 56  
# 
_struct_site.id                   AC1 
_struct_site.pdbx_evidence_code   Software 
_struct_site.pdbx_auth_asym_id    A 
_struct_site.pdbx_auth_comp_id    LAC 
_struct_site.pdbx_auth_seq_id     1001 
_struct_site.pdbx_auth_ins_code   ? 
_struct_site.pdbx_num_residues    10 
_struct_site.details              'BINDING SITE FOR RESIDUE LAC A 1001' 
# 
loop_
_struct_site_gen.id 
_struct_site_gen.site_id 
_struct_site_gen.pdbx_num_res 
_struct_site_gen.label_comp_id 
_struct_site_gen.label_asym_id 
_struct_site_gen.label_seq_id 
_struct_site_gen.pdbx_auth_ins_code 
_struct_site_gen.auth_comp_id 
_struct_site_gen.auth_asym_id 
_struct_site_gen.auth_seq_id 
_struct_site_gen.label_atom_id 
_struct_site_gen.label_alt_id 
_struct_site_gen.symmetry 
_struct_site_gen.details 
1  AC1 10 PRO A 1   ? PRO A 1    . ? 1_555 ? 
2  AC1 10 HIS A 28  ? HIS A 28   . ? 1_555 ? 
3  AC1 10 THR A 34  ? THR A 34   . ? 1_555 ? 
4  AC1 10 LEU A 38  ? LEU A 38   . ? 1_555 ? 
5  AC1 10 HIS A 69  ? HIS A 69   . ? 1_555 ? 
6  AC1 10 ARG A 70  ? ARG A 70   . ? 1_555 ? 
7  AC1 10 ARG A 73  ? ARG A 73   . ? 1_555 ? 
8  AC1 10 TYR A 103 ? TYR A 103  . ? 2_655 ? 
9  AC1 10 GLU A 114 ? GLU A 114  . ? 1_555 ? 
10 AC1 10 HOH C .   ? HOH A 1002 . ? 1_555 ? 
# 
_pdbx_entry_details.entry_id                   2FLT 
_pdbx_entry_details.compound_details           ? 
_pdbx_entry_details.source_details             ? 
_pdbx_entry_details.nonpolymer_details         ? 
_pdbx_entry_details.sequence_details           ? 
_pdbx_entry_details.has_ligand_of_interest     ? 
_pdbx_entry_details.has_protein_modification   N 
# 
_pdbx_validate_close_contact.id               1 
_pdbx_validate_close_contact.PDB_model_num    1 
_pdbx_validate_close_contact.auth_atom_id_1   N 
_pdbx_validate_close_contact.auth_asym_id_1   A 
_pdbx_validate_close_contact.auth_comp_id_1   PRO 
_pdbx_validate_close_contact.auth_seq_id_1    1 
_pdbx_validate_close_contact.PDB_ins_code_1   ? 
_pdbx_validate_close_contact.label_alt_id_1   ? 
_pdbx_validate_close_contact.auth_atom_id_2   CB 
_pdbx_validate_close_contact.auth_asym_id_2   A 
_pdbx_validate_close_contact.auth_comp_id_2   LAC 
_pdbx_validate_close_contact.auth_seq_id_2    1001 
_pdbx_validate_close_contact.PDB_ins_code_2   ? 
_pdbx_validate_close_contact.label_alt_id_2   ? 
_pdbx_validate_close_contact.dist             1.42 
# 
_pdbx_validate_symm_contact.id                1 
_pdbx_validate_symm_contact.PDB_model_num     1 
_pdbx_validate_symm_contact.auth_atom_id_1    O 
_pdbx_validate_symm_contact.auth_asym_id_1    A 
_pdbx_validate_symm_contact.auth_comp_id_1    HOH 
_pdbx_validate_symm_contact.auth_seq_id_1     1059 
_pdbx_validate_symm_contact.PDB_ins_code_1    ? 
_pdbx_validate_symm_contact.label_alt_id_1    ? 
_pdbx_validate_symm_contact.site_symmetry_1   1_555 
_pdbx_validate_symm_contact.auth_atom_id_2    O 
_pdbx_validate_symm_contact.auth_asym_id_2    A 
_pdbx_validate_symm_contact.auth_comp_id_2    HOH 
_pdbx_validate_symm_contact.auth_seq_id_2     1059 
_pdbx_validate_symm_contact.PDB_ins_code_2    ? 
_pdbx_validate_symm_contact.label_alt_id_2    ? 
_pdbx_validate_symm_contact.site_symmetry_2   2_655 
_pdbx_validate_symm_contact.dist              1.49 
# 
_pdbx_validate_torsion.id              1 
_pdbx_validate_torsion.PDB_model_num   1 
_pdbx_validate_torsion.auth_comp_id    ASP 
_pdbx_validate_torsion.auth_asym_id    A 
_pdbx_validate_torsion.auth_seq_id     10 
_pdbx_validate_torsion.PDB_ins_code    ? 
_pdbx_validate_torsion.label_alt_id    ? 
_pdbx_validate_torsion.phi             73.30 
_pdbx_validate_torsion.psi             -12.00 
# 
loop_
_pdbx_struct_special_symmetry.id 
_pdbx_struct_special_symmetry.PDB_model_num 
_pdbx_struct_special_symmetry.auth_asym_id 
_pdbx_struct_special_symmetry.auth_comp_id 
_pdbx_struct_special_symmetry.auth_seq_id 
_pdbx_struct_special_symmetry.PDB_ins_code 
_pdbx_struct_special_symmetry.label_asym_id 
_pdbx_struct_special_symmetry.label_comp_id 
_pdbx_struct_special_symmetry.label_seq_id 
1 1 A HOH 1060 ? C HOH . 
2 1 A HOH 1061 ? C HOH . 
# 
loop_
_pdbx_unobs_or_zero_occ_residues.id 
_pdbx_unobs_or_zero_occ_residues.PDB_model_num 
_pdbx_unobs_or_zero_occ_residues.polymer_flag 
_pdbx_unobs_or_zero_occ_residues.occupancy_flag 
_pdbx_unobs_or_zero_occ_residues.auth_asym_id 
_pdbx_unobs_or_zero_occ_residues.auth_comp_id 
_pdbx_unobs_or_zero_occ_residues.auth_seq_id 
_pdbx_unobs_or_zero_occ_residues.PDB_ins_code 
_pdbx_unobs_or_zero_occ_residues.label_asym_id 
_pdbx_unobs_or_zero_occ_residues.label_comp_id 
_pdbx_unobs_or_zero_occ_residues.label_seq_id 
1  1 Y 1 A PHE 118 ? A PHE 118 
2  1 Y 1 A LEU 119 ? A LEU 119 
3  1 Y 1 A PRO 120 ? A PRO 120 
4  1 Y 1 A GLN 121 ? A GLN 121 
5  1 Y 1 A PRO 122 ? A PRO 122 
6  1 Y 1 A GLY 123 ? A GLY 123 
7  1 Y 1 A HIS 124 ? A HIS 124 
8  1 Y 1 A GLU 125 ? A GLU 125 
9  1 Y 1 A GLY 126 ? A GLY 126 
10 1 Y 1 A GLU 127 ? A GLU 127 
11 1 Y 1 A TRP 128 ? A TRP 128 
12 1 Y 1 A PHE 129 ? A PHE 129 
13 1 Y 1 A ASP 130 ? A ASP 130 
14 1 Y 1 A ASN 131 ? A ASN 131 
15 1 Y 1 A LEU 132 ? A LEU 132 
16 1 Y 1 A SER 133 ? A SER 133 
17 1 Y 1 A SER 134 ? A SER 134 
18 1 Y 1 A ASP 135 ? A ASP 135 
19 1 Y 1 A GLU 136 ? A GLU 136 
20 1 Y 1 A ARG 137 ? A ARG 137 
21 1 Y 1 A ALA 138 ? A ALA 138 
22 1 Y 1 A PHE 139 ? A PHE 139 
23 1 Y 1 A MET 140 ? A MET 140 
24 1 Y 1 A GLU 141 ? A GLU 141 
25 1 Y 1 A THR 142 ? A THR 142 
26 1 Y 1 A ASN 143 ? A ASN 143 
27 1 Y 1 A VAL 144 ? A VAL 144 
28 1 Y 1 A ASP 145 ? A ASP 145 
29 1 Y 1 A VAL 146 ? A VAL 146 
30 1 Y 1 A SER 147 ? A SER 147 
31 1 Y 1 A ARG 148 ? A ARG 148 
32 1 Y 1 A THR 149 ? A THR 149 
# 
loop_
_chem_comp_atom.comp_id 
_chem_comp_atom.atom_id 
_chem_comp_atom.type_symbol 
_chem_comp_atom.pdbx_aromatic_flag 
_chem_comp_atom.pdbx_stereo_config 
_chem_comp_atom.pdbx_ordinal 
ALA N    N N N 1   
ALA CA   C N S 2   
ALA C    C N N 3   
ALA O    O N N 4   
ALA CB   C N N 5   
ALA OXT  O N N 6   
ALA H    H N N 7   
ALA H2   H N N 8   
ALA HA   H N N 9   
ALA HB1  H N N 10  
ALA HB2  H N N 11  
ALA HB3  H N N 12  
ALA HXT  H N N 13  
ARG N    N N N 14  
ARG CA   C N S 15  
ARG C    C N N 16  
ARG O    O N N 17  
ARG CB   C N N 18  
ARG CG   C N N 19  
ARG CD   C N N 20  
ARG NE   N N N 21  
ARG CZ   C N N 22  
ARG NH1  N N N 23  
ARG NH2  N N N 24  
ARG OXT  O N N 25  
ARG H    H N N 26  
ARG H2   H N N 27  
ARG HA   H N N 28  
ARG HB2  H N N 29  
ARG HB3  H N N 30  
ARG HG2  H N N 31  
ARG HG3  H N N 32  
ARG HD2  H N N 33  
ARG HD3  H N N 34  
ARG HE   H N N 35  
ARG HH11 H N N 36  
ARG HH12 H N N 37  
ARG HH21 H N N 38  
ARG HH22 H N N 39  
ARG HXT  H N N 40  
ASN N    N N N 41  
ASN CA   C N S 42  
ASN C    C N N 43  
ASN O    O N N 44  
ASN CB   C N N 45  
ASN CG   C N N 46  
ASN OD1  O N N 47  
ASN ND2  N N N 48  
ASN OXT  O N N 49  
ASN H    H N N 50  
ASN H2   H N N 51  
ASN HA   H N N 52  
ASN HB2  H N N 53  
ASN HB3  H N N 54  
ASN HD21 H N N 55  
ASN HD22 H N N 56  
ASN HXT  H N N 57  
ASP N    N N N 58  
ASP CA   C N S 59  
ASP C    C N N 60  
ASP O    O N N 61  
ASP CB   C N N 62  
ASP CG   C N N 63  
ASP OD1  O N N 64  
ASP OD2  O N N 65  
ASP OXT  O N N 66  
ASP H    H N N 67  
ASP H2   H N N 68  
ASP HA   H N N 69  
ASP HB2  H N N 70  
ASP HB3  H N N 71  
ASP HD2  H N N 72  
ASP HXT  H N N 73  
GLN N    N N N 74  
GLN CA   C N S 75  
GLN C    C N N 76  
GLN O    O N N 77  
GLN CB   C N N 78  
GLN CG   C N N 79  
GLN CD   C N N 80  
GLN OE1  O N N 81  
GLN NE2  N N N 82  
GLN OXT  O N N 83  
GLN H    H N N 84  
GLN H2   H N N 85  
GLN HA   H N N 86  
GLN HB2  H N N 87  
GLN HB3  H N N 88  
GLN HG2  H N N 89  
GLN HG3  H N N 90  
GLN HE21 H N N 91  
GLN HE22 H N N 92  
GLN HXT  H N N 93  
GLU N    N N N 94  
GLU CA   C N S 95  
GLU C    C N N 96  
GLU O    O N N 97  
GLU CB   C N N 98  
GLU CG   C N N 99  
GLU CD   C N N 100 
GLU OE1  O N N 101 
GLU OE2  O N N 102 
GLU OXT  O N N 103 
GLU H    H N N 104 
GLU H2   H N N 105 
GLU HA   H N N 106 
GLU HB2  H N N 107 
GLU HB3  H N N 108 
GLU HG2  H N N 109 
GLU HG3  H N N 110 
GLU HE2  H N N 111 
GLU HXT  H N N 112 
GLY N    N N N 113 
GLY CA   C N N 114 
GLY C    C N N 115 
GLY O    O N N 116 
GLY OXT  O N N 117 
GLY H    H N N 118 
GLY H2   H N N 119 
GLY HA2  H N N 120 
GLY HA3  H N N 121 
GLY HXT  H N N 122 
HIS N    N N N 123 
HIS CA   C N S 124 
HIS C    C N N 125 
HIS O    O N N 126 
HIS CB   C N N 127 
HIS CG   C Y N 128 
HIS ND1  N Y N 129 
HIS CD2  C Y N 130 
HIS CE1  C Y N 131 
HIS NE2  N Y N 132 
HIS OXT  O N N 133 
HIS H    H N N 134 
HIS H2   H N N 135 
HIS HA   H N N 136 
HIS HB2  H N N 137 
HIS HB3  H N N 138 
HIS HD1  H N N 139 
HIS HD2  H N N 140 
HIS HE1  H N N 141 
HIS HE2  H N N 142 
HIS HXT  H N N 143 
HOH O    O N N 144 
HOH H1   H N N 145 
HOH H2   H N N 146 
ILE N    N N N 147 
ILE CA   C N S 148 
ILE C    C N N 149 
ILE O    O N N 150 
ILE CB   C N S 151 
ILE CG1  C N N 152 
ILE CG2  C N N 153 
ILE CD1  C N N 154 
ILE OXT  O N N 155 
ILE H    H N N 156 
ILE H2   H N N 157 
ILE HA   H N N 158 
ILE HB   H N N 159 
ILE HG12 H N N 160 
ILE HG13 H N N 161 
ILE HG21 H N N 162 
ILE HG22 H N N 163 
ILE HG23 H N N 164 
ILE HD11 H N N 165 
ILE HD12 H N N 166 
ILE HD13 H N N 167 
ILE HXT  H N N 168 
LAC C    C N N 169 
LAC CA   C N R 170 
LAC CB   C N N 171 
LAC O    O N N 172 
LAC OHN  O N N 173 
LAC OXT  O N N 174 
LAC HA   H N N 175 
LAC HB1  H N N 176 
LAC HB2  H N N 177 
LAC HB3  H N N 178 
LAC H    H N N 179 
LAC HXT  H N N 180 
LEU N    N N N 181 
LEU CA   C N S 182 
LEU C    C N N 183 
LEU O    O N N 184 
LEU CB   C N N 185 
LEU CG   C N N 186 
LEU CD1  C N N 187 
LEU CD2  C N N 188 
LEU OXT  O N N 189 
LEU H    H N N 190 
LEU H2   H N N 191 
LEU HA   H N N 192 
LEU HB2  H N N 193 
LEU HB3  H N N 194 
LEU HG   H N N 195 
LEU HD11 H N N 196 
LEU HD12 H N N 197 
LEU HD13 H N N 198 
LEU HD21 H N N 199 
LEU HD22 H N N 200 
LEU HD23 H N N 201 
LEU HXT  H N N 202 
LYS N    N N N 203 
LYS CA   C N S 204 
LYS C    C N N 205 
LYS O    O N N 206 
LYS CB   C N N 207 
LYS CG   C N N 208 
LYS CD   C N N 209 
LYS CE   C N N 210 
LYS NZ   N N N 211 
LYS OXT  O N N 212 
LYS H    H N N 213 
LYS H2   H N N 214 
LYS HA   H N N 215 
LYS HB2  H N N 216 
LYS HB3  H N N 217 
LYS HG2  H N N 218 
LYS HG3  H N N 219 
LYS HD2  H N N 220 
LYS HD3  H N N 221 
LYS HE2  H N N 222 
LYS HE3  H N N 223 
LYS HZ1  H N N 224 
LYS HZ2  H N N 225 
LYS HZ3  H N N 226 
LYS HXT  H N N 227 
MET N    N N N 228 
MET CA   C N S 229 
MET C    C N N 230 
MET O    O N N 231 
MET CB   C N N 232 
MET CG   C N N 233 
MET SD   S N N 234 
MET CE   C N N 235 
MET OXT  O N N 236 
MET H    H N N 237 
MET H2   H N N 238 
MET HA   H N N 239 
MET HB2  H N N 240 
MET HB3  H N N 241 
MET HG2  H N N 242 
MET HG3  H N N 243 
MET HE1  H N N 244 
MET HE2  H N N 245 
MET HE3  H N N 246 
MET HXT  H N N 247 
PHE N    N N N 248 
PHE CA   C N S 249 
PHE C    C N N 250 
PHE O    O N N 251 
PHE CB   C N N 252 
PHE CG   C Y N 253 
PHE CD1  C Y N 254 
PHE CD2  C Y N 255 
PHE CE1  C Y N 256 
PHE CE2  C Y N 257 
PHE CZ   C Y N 258 
PHE OXT  O N N 259 
PHE H    H N N 260 
PHE H2   H N N 261 
PHE HA   H N N 262 
PHE HB2  H N N 263 
PHE HB3  H N N 264 
PHE HD1  H N N 265 
PHE HD2  H N N 266 
PHE HE1  H N N 267 
PHE HE2  H N N 268 
PHE HZ   H N N 269 
PHE HXT  H N N 270 
PRO N    N N N 271 
PRO CA   C N S 272 
PRO C    C N N 273 
PRO O    O N N 274 
PRO CB   C N N 275 
PRO CG   C N N 276 
PRO CD   C N N 277 
PRO OXT  O N N 278 
PRO H    H N N 279 
PRO HA   H N N 280 
PRO HB2  H N N 281 
PRO HB3  H N N 282 
PRO HG2  H N N 283 
PRO HG3  H N N 284 
PRO HD2  H N N 285 
PRO HD3  H N N 286 
PRO HXT  H N N 287 
SER N    N N N 288 
SER CA   C N S 289 
SER C    C N N 290 
SER O    O N N 291 
SER CB   C N N 292 
SER OG   O N N 293 
SER OXT  O N N 294 
SER H    H N N 295 
SER H2   H N N 296 
SER HA   H N N 297 
SER HB2  H N N 298 
SER HB3  H N N 299 
SER HG   H N N 300 
SER HXT  H N N 301 
THR N    N N N 302 
THR CA   C N S 303 
THR C    C N N 304 
THR O    O N N 305 
THR CB   C N R 306 
THR OG1  O N N 307 
THR CG2  C N N 308 
THR OXT  O N N 309 
THR H    H N N 310 
THR H2   H N N 311 
THR HA   H N N 312 
THR HB   H N N 313 
THR HG1  H N N 314 
THR HG21 H N N 315 
THR HG22 H N N 316 
THR HG23 H N N 317 
THR HXT  H N N 318 
TRP N    N N N 319 
TRP CA   C N S 320 
TRP C    C N N 321 
TRP O    O N N 322 
TRP CB   C N N 323 
TRP CG   C Y N 324 
TRP CD1  C Y N 325 
TRP CD2  C Y N 326 
TRP NE1  N Y N 327 
TRP CE2  C Y N 328 
TRP CE3  C Y N 329 
TRP CZ2  C Y N 330 
TRP CZ3  C Y N 331 
TRP CH2  C Y N 332 
TRP OXT  O N N 333 
TRP H    H N N 334 
TRP H2   H N N 335 
TRP HA   H N N 336 
TRP HB2  H N N 337 
TRP HB3  H N N 338 
TRP HD1  H N N 339 
TRP HE1  H N N 340 
TRP HE3  H N N 341 
TRP HZ2  H N N 342 
TRP HZ3  H N N 343 
TRP HH2  H N N 344 
TRP HXT  H N N 345 
TYR N    N N N 346 
TYR CA   C N S 347 
TYR C    C N N 348 
TYR O    O N N 349 
TYR CB   C N N 350 
TYR CG   C Y N 351 
TYR CD1  C Y N 352 
TYR CD2  C Y N 353 
TYR CE1  C Y N 354 
TYR CE2  C Y N 355 
TYR CZ   C Y N 356 
TYR OH   O N N 357 
TYR OXT  O N N 358 
TYR H    H N N 359 
TYR H2   H N N 360 
TYR HA   H N N 361 
TYR HB2  H N N 362 
TYR HB3  H N N 363 
TYR HD1  H N N 364 
TYR HD2  H N N 365 
TYR HE1  H N N 366 
TYR HE2  H N N 367 
TYR HH   H N N 368 
TYR HXT  H N N 369 
VAL N    N N N 370 
VAL CA   C N S 371 
VAL C    C N N 372 
VAL O    O N N 373 
VAL CB   C N N 374 
VAL CG1  C N N 375 
VAL CG2  C N N 376 
VAL OXT  O N N 377 
VAL H    H N N 378 
VAL H2   H N N 379 
VAL HA   H N N 380 
VAL HB   H N N 381 
VAL HG11 H N N 382 
VAL HG12 H N N 383 
VAL HG13 H N N 384 
VAL HG21 H N N 385 
VAL HG22 H N N 386 
VAL HG23 H N N 387 
VAL HXT  H N N 388 
# 
loop_
_chem_comp_bond.comp_id 
_chem_comp_bond.atom_id_1 
_chem_comp_bond.atom_id_2 
_chem_comp_bond.value_order 
_chem_comp_bond.pdbx_aromatic_flag 
_chem_comp_bond.pdbx_stereo_config 
_chem_comp_bond.pdbx_ordinal 
ALA N   CA   sing N N 1   
ALA N   H    sing N N 2   
ALA N   H2   sing N N 3   
ALA CA  C    sing N N 4   
ALA CA  CB   sing N N 5   
ALA CA  HA   sing N N 6   
ALA C   O    doub N N 7   
ALA C   OXT  sing N N 8   
ALA CB  HB1  sing N N 9   
ALA CB  HB2  sing N N 10  
ALA CB  HB3  sing N N 11  
ALA OXT HXT  sing N N 12  
ARG N   CA   sing N N 13  
ARG N   H    sing N N 14  
ARG N   H2   sing N N 15  
ARG CA  C    sing N N 16  
ARG CA  CB   sing N N 17  
ARG CA  HA   sing N N 18  
ARG C   O    doub N N 19  
ARG C   OXT  sing N N 20  
ARG CB  CG   sing N N 21  
ARG CB  HB2  sing N N 22  
ARG CB  HB3  sing N N 23  
ARG CG  CD   sing N N 24  
ARG CG  HG2  sing N N 25  
ARG CG  HG3  sing N N 26  
ARG CD  NE   sing N N 27  
ARG CD  HD2  sing N N 28  
ARG CD  HD3  sing N N 29  
ARG NE  CZ   sing N N 30  
ARG NE  HE   sing N N 31  
ARG CZ  NH1  sing N N 32  
ARG CZ  NH2  doub N N 33  
ARG NH1 HH11 sing N N 34  
ARG NH1 HH12 sing N N 35  
ARG NH2 HH21 sing N N 36  
ARG NH2 HH22 sing N N 37  
ARG OXT HXT  sing N N 38  
ASN N   CA   sing N N 39  
ASN N   H    sing N N 40  
ASN N   H2   sing N N 41  
ASN CA  C    sing N N 42  
ASN CA  CB   sing N N 43  
ASN CA  HA   sing N N 44  
ASN C   O    doub N N 45  
ASN C   OXT  sing N N 46  
ASN CB  CG   sing N N 47  
ASN CB  HB2  sing N N 48  
ASN CB  HB3  sing N N 49  
ASN CG  OD1  doub N N 50  
ASN CG  ND2  sing N N 51  
ASN ND2 HD21 sing N N 52  
ASN ND2 HD22 sing N N 53  
ASN OXT HXT  sing N N 54  
ASP N   CA   sing N N 55  
ASP N   H    sing N N 56  
ASP N   H2   sing N N 57  
ASP CA  C    sing N N 58  
ASP CA  CB   sing N N 59  
ASP CA  HA   sing N N 60  
ASP C   O    doub N N 61  
ASP C   OXT  sing N N 62  
ASP CB  CG   sing N N 63  
ASP CB  HB2  sing N N 64  
ASP CB  HB3  sing N N 65  
ASP CG  OD1  doub N N 66  
ASP CG  OD2  sing N N 67  
ASP OD2 HD2  sing N N 68  
ASP OXT HXT  sing N N 69  
GLN N   CA   sing N N 70  
GLN N   H    sing N N 71  
GLN N   H2   sing N N 72  
GLN CA  C    sing N N 73  
GLN CA  CB   sing N N 74  
GLN CA  HA   sing N N 75  
GLN C   O    doub N N 76  
GLN C   OXT  sing N N 77  
GLN CB  CG   sing N N 78  
GLN CB  HB2  sing N N 79  
GLN CB  HB3  sing N N 80  
GLN CG  CD   sing N N 81  
GLN CG  HG2  sing N N 82  
GLN CG  HG3  sing N N 83  
GLN CD  OE1  doub N N 84  
GLN CD  NE2  sing N N 85  
GLN NE2 HE21 sing N N 86  
GLN NE2 HE22 sing N N 87  
GLN OXT HXT  sing N N 88  
GLU N   CA   sing N N 89  
GLU N   H    sing N N 90  
GLU N   H2   sing N N 91  
GLU CA  C    sing N N 92  
GLU CA  CB   sing N N 93  
GLU CA  HA   sing N N 94  
GLU C   O    doub N N 95  
GLU C   OXT  sing N N 96  
GLU CB  CG   sing N N 97  
GLU CB  HB2  sing N N 98  
GLU CB  HB3  sing N N 99  
GLU CG  CD   sing N N 100 
GLU CG  HG2  sing N N 101 
GLU CG  HG3  sing N N 102 
GLU CD  OE1  doub N N 103 
GLU CD  OE2  sing N N 104 
GLU OE2 HE2  sing N N 105 
GLU OXT HXT  sing N N 106 
GLY N   CA   sing N N 107 
GLY N   H    sing N N 108 
GLY N   H2   sing N N 109 
GLY CA  C    sing N N 110 
GLY CA  HA2  sing N N 111 
GLY CA  HA3  sing N N 112 
GLY C   O    doub N N 113 
GLY C   OXT  sing N N 114 
GLY OXT HXT  sing N N 115 
HIS N   CA   sing N N 116 
HIS N   H    sing N N 117 
HIS N   H2   sing N N 118 
HIS CA  C    sing N N 119 
HIS CA  CB   sing N N 120 
HIS CA  HA   sing N N 121 
HIS C   O    doub N N 122 
HIS C   OXT  sing N N 123 
HIS CB  CG   sing N N 124 
HIS CB  HB2  sing N N 125 
HIS CB  HB3  sing N N 126 
HIS CG  ND1  sing Y N 127 
HIS CG  CD2  doub Y N 128 
HIS ND1 CE1  doub Y N 129 
HIS ND1 HD1  sing N N 130 
HIS CD2 NE2  sing Y N 131 
HIS CD2 HD2  sing N N 132 
HIS CE1 NE2  sing Y N 133 
HIS CE1 HE1  sing N N 134 
HIS NE2 HE2  sing N N 135 
HIS OXT HXT  sing N N 136 
HOH O   H1   sing N N 137 
HOH O   H2   sing N N 138 
ILE N   CA   sing N N 139 
ILE N   H    sing N N 140 
ILE N   H2   sing N N 141 
ILE CA  C    sing N N 142 
ILE CA  CB   sing N N 143 
ILE CA  HA   sing N N 144 
ILE C   O    doub N N 145 
ILE C   OXT  sing N N 146 
ILE CB  CG1  sing N N 147 
ILE CB  CG2  sing N N 148 
ILE CB  HB   sing N N 149 
ILE CG1 CD1  sing N N 150 
ILE CG1 HG12 sing N N 151 
ILE CG1 HG13 sing N N 152 
ILE CG2 HG21 sing N N 153 
ILE CG2 HG22 sing N N 154 
ILE CG2 HG23 sing N N 155 
ILE CD1 HD11 sing N N 156 
ILE CD1 HD12 sing N N 157 
ILE CD1 HD13 sing N N 158 
ILE OXT HXT  sing N N 159 
LAC C   CA   sing N N 160 
LAC C   O    doub N N 161 
LAC C   OXT  sing N N 162 
LAC CA  CB   sing N N 163 
LAC CA  OHN  sing N N 164 
LAC CA  HA   sing N N 165 
LAC CB  HB1  sing N N 166 
LAC CB  HB2  sing N N 167 
LAC CB  HB3  sing N N 168 
LAC OHN H    sing N N 169 
LAC OXT HXT  sing N N 170 
LEU N   CA   sing N N 171 
LEU N   H    sing N N 172 
LEU N   H2   sing N N 173 
LEU CA  C    sing N N 174 
LEU CA  CB   sing N N 175 
LEU CA  HA   sing N N 176 
LEU C   O    doub N N 177 
LEU C   OXT  sing N N 178 
LEU CB  CG   sing N N 179 
LEU CB  HB2  sing N N 180 
LEU CB  HB3  sing N N 181 
LEU CG  CD1  sing N N 182 
LEU CG  CD2  sing N N 183 
LEU CG  HG   sing N N 184 
LEU CD1 HD11 sing N N 185 
LEU CD1 HD12 sing N N 186 
LEU CD1 HD13 sing N N 187 
LEU CD2 HD21 sing N N 188 
LEU CD2 HD22 sing N N 189 
LEU CD2 HD23 sing N N 190 
LEU OXT HXT  sing N N 191 
LYS N   CA   sing N N 192 
LYS N   H    sing N N 193 
LYS N   H2   sing N N 194 
LYS CA  C    sing N N 195 
LYS CA  CB   sing N N 196 
LYS CA  HA   sing N N 197 
LYS C   O    doub N N 198 
LYS C   OXT  sing N N 199 
LYS CB  CG   sing N N 200 
LYS CB  HB2  sing N N 201 
LYS CB  HB3  sing N N 202 
LYS CG  CD   sing N N 203 
LYS CG  HG2  sing N N 204 
LYS CG  HG3  sing N N 205 
LYS CD  CE   sing N N 206 
LYS CD  HD2  sing N N 207 
LYS CD  HD3  sing N N 208 
LYS CE  NZ   sing N N 209 
LYS CE  HE2  sing N N 210 
LYS CE  HE3  sing N N 211 
LYS NZ  HZ1  sing N N 212 
LYS NZ  HZ2  sing N N 213 
LYS NZ  HZ3  sing N N 214 
LYS OXT HXT  sing N N 215 
MET N   CA   sing N N 216 
MET N   H    sing N N 217 
MET N   H2   sing N N 218 
MET CA  C    sing N N 219 
MET CA  CB   sing N N 220 
MET CA  HA   sing N N 221 
MET C   O    doub N N 222 
MET C   OXT  sing N N 223 
MET CB  CG   sing N N 224 
MET CB  HB2  sing N N 225 
MET CB  HB3  sing N N 226 
MET CG  SD   sing N N 227 
MET CG  HG2  sing N N 228 
MET CG  HG3  sing N N 229 
MET SD  CE   sing N N 230 
MET CE  HE1  sing N N 231 
MET CE  HE2  sing N N 232 
MET CE  HE3  sing N N 233 
MET OXT HXT  sing N N 234 
PHE N   CA   sing N N 235 
PHE N   H    sing N N 236 
PHE N   H2   sing N N 237 
PHE CA  C    sing N N 238 
PHE CA  CB   sing N N 239 
PHE CA  HA   sing N N 240 
PHE C   O    doub N N 241 
PHE C   OXT  sing N N 242 
PHE CB  CG   sing N N 243 
PHE CB  HB2  sing N N 244 
PHE CB  HB3  sing N N 245 
PHE CG  CD1  doub Y N 246 
PHE CG  CD2  sing Y N 247 
PHE CD1 CE1  sing Y N 248 
PHE CD1 HD1  sing N N 249 
PHE CD2 CE2  doub Y N 250 
PHE CD2 HD2  sing N N 251 
PHE CE1 CZ   doub Y N 252 
PHE CE1 HE1  sing N N 253 
PHE CE2 CZ   sing Y N 254 
PHE CE2 HE2  sing N N 255 
PHE CZ  HZ   sing N N 256 
PHE OXT HXT  sing N N 257 
PRO N   CA   sing N N 258 
PRO N   CD   sing N N 259 
PRO N   H    sing N N 260 
PRO CA  C    sing N N 261 
PRO CA  CB   sing N N 262 
PRO CA  HA   sing N N 263 
PRO C   O    doub N N 264 
PRO C   OXT  sing N N 265 
PRO CB  CG   sing N N 266 
PRO CB  HB2  sing N N 267 
PRO CB  HB3  sing N N 268 
PRO CG  CD   sing N N 269 
PRO CG  HG2  sing N N 270 
PRO CG  HG3  sing N N 271 
PRO CD  HD2  sing N N 272 
PRO CD  HD3  sing N N 273 
PRO OXT HXT  sing N N 274 
SER N   CA   sing N N 275 
SER N   H    sing N N 276 
SER N   H2   sing N N 277 
SER CA  C    sing N N 278 
SER CA  CB   sing N N 279 
SER CA  HA   sing N N 280 
SER C   O    doub N N 281 
SER C   OXT  sing N N 282 
SER CB  OG   sing N N 283 
SER CB  HB2  sing N N 284 
SER CB  HB3  sing N N 285 
SER OG  HG   sing N N 286 
SER OXT HXT  sing N N 287 
THR N   CA   sing N N 288 
THR N   H    sing N N 289 
THR N   H2   sing N N 290 
THR CA  C    sing N N 291 
THR CA  CB   sing N N 292 
THR CA  HA   sing N N 293 
THR C   O    doub N N 294 
THR C   OXT  sing N N 295 
THR CB  OG1  sing N N 296 
THR CB  CG2  sing N N 297 
THR CB  HB   sing N N 298 
THR OG1 HG1  sing N N 299 
THR CG2 HG21 sing N N 300 
THR CG2 HG22 sing N N 301 
THR CG2 HG23 sing N N 302 
THR OXT HXT  sing N N 303 
TRP N   CA   sing N N 304 
TRP N   H    sing N N 305 
TRP N   H2   sing N N 306 
TRP CA  C    sing N N 307 
TRP CA  CB   sing N N 308 
TRP CA  HA   sing N N 309 
TRP C   O    doub N N 310 
TRP C   OXT  sing N N 311 
TRP CB  CG   sing N N 312 
TRP CB  HB2  sing N N 313 
TRP CB  HB3  sing N N 314 
TRP CG  CD1  doub Y N 315 
TRP CG  CD2  sing Y N 316 
TRP CD1 NE1  sing Y N 317 
TRP CD1 HD1  sing N N 318 
TRP CD2 CE2  doub Y N 319 
TRP CD2 CE3  sing Y N 320 
TRP NE1 CE2  sing Y N 321 
TRP NE1 HE1  sing N N 322 
TRP CE2 CZ2  sing Y N 323 
TRP CE3 CZ3  doub Y N 324 
TRP CE3 HE3  sing N N 325 
TRP CZ2 CH2  doub Y N 326 
TRP CZ2 HZ2  sing N N 327 
TRP CZ3 CH2  sing Y N 328 
TRP CZ3 HZ3  sing N N 329 
TRP CH2 HH2  sing N N 330 
TRP OXT HXT  sing N N 331 
TYR N   CA   sing N N 332 
TYR N   H    sing N N 333 
TYR N   H2   sing N N 334 
TYR CA  C    sing N N 335 
TYR CA  CB   sing N N 336 
TYR CA  HA   sing N N 337 
TYR C   O    doub N N 338 
TYR C   OXT  sing N N 339 
TYR CB  CG   sing N N 340 
TYR CB  HB2  sing N N 341 
TYR CB  HB3  sing N N 342 
TYR CG  CD1  doub Y N 343 
TYR CG  CD2  sing Y N 344 
TYR CD1 CE1  sing Y N 345 
TYR CD1 HD1  sing N N 346 
TYR CD2 CE2  doub Y N 347 
TYR CD2 HD2  sing N N 348 
TYR CE1 CZ   doub Y N 349 
TYR CE1 HE1  sing N N 350 
TYR CE2 CZ   sing Y N 351 
TYR CE2 HE2  sing N N 352 
TYR CZ  OH   sing N N 353 
TYR OH  HH   sing N N 354 
TYR OXT HXT  sing N N 355 
VAL N   CA   sing N N 356 
VAL N   H    sing N N 357 
VAL N   H2   sing N N 358 
VAL CA  C    sing N N 359 
VAL CA  CB   sing N N 360 
VAL CA  HA   sing N N 361 
VAL C   O    doub N N 362 
VAL C   OXT  sing N N 363 
VAL CB  CG1  sing N N 364 
VAL CB  CG2  sing N N 365 
VAL CB  HB   sing N N 366 
VAL CG1 HG11 sing N N 367 
VAL CG1 HG12 sing N N 368 
VAL CG1 HG13 sing N N 369 
VAL CG2 HG21 sing N N 370 
VAL CG2 HG22 sing N N 371 
VAL CG2 HG23 sing N N 372 
VAL OXT HXT  sing N N 373 
# 
_pdbx_initial_refinement_model.id               1 
_pdbx_initial_refinement_model.entity_id_list   ? 
_pdbx_initial_refinement_model.type             'experimental model' 
_pdbx_initial_refinement_model.source_name      PDB 
_pdbx_initial_refinement_model.accession_code   1S0Y 
_pdbx_initial_refinement_model.details          'trans-3-chloroacrylic acid dehalogenase (CaaD, PDB ID: 1S0Y)' 
# 
_atom_sites.entry_id                    2FLT 
_atom_sites.fract_transf_matrix[1][1]   -0.01206020 
_atom_sites.fract_transf_matrix[1][2]   0.00689424 
_atom_sites.fract_transf_matrix[1][3]   -0.01357143 
_atom_sites.fract_transf_matrix[2][1]   0.00390190 
_atom_sites.fract_transf_matrix[2][2]   -0.00284986 
_atom_sites.fract_transf_matrix[2][3]   -0.01881034 
_atom_sites.fract_transf_matrix[3][1]   -0.00890037 
_atom_sites.fract_transf_matrix[3][2]   -0.01479227 
_atom_sites.fract_transf_matrix[3][3]   0.00039487 
_atom_sites.fract_transf_vector[1]      0.860082 
_atom_sites.fract_transf_vector[2]      0.322181 
_atom_sites.fract_transf_vector[3]      -0.002877 
# 
loop_
_atom_type.symbol 
C 
N 
O 
S 
# 
loop_
_atom_site.group_PDB 
_atom_site.id 
_atom_site.type_symbol 
_atom_site.label_atom_id 
_atom_site.label_alt_id 
_atom_site.label_comp_id 
_atom_site.label_asym_id 
_atom_site.label_entity_id 
_atom_site.label_seq_id 
_atom_site.pdbx_PDB_ins_code 
_atom_site.Cartn_x 
_atom_site.Cartn_y 
_atom_site.Cartn_z 
_atom_site.occupancy 
_atom_site.B_iso_or_equiv 
_atom_site.pdbx_formal_charge 
_atom_site.auth_seq_id 
_atom_site.auth_comp_id 
_atom_site.auth_asym_id 
_atom_site.auth_atom_id 
_atom_site.pdbx_PDB_model_num 
ATOM   1   N N   . PRO A 1 1   ? 5.838   2.610   -9.180  1.00 12.30 ? 1    PRO A N   1 
ATOM   2   C CA  . PRO A 1 1   ? 6.327   2.094   -7.882  1.00 11.62 ? 1    PRO A CA  1 
ATOM   3   C C   . PRO A 1 1   ? 5.815   0.703   -7.570  1.00 13.11 ? 1    PRO A C   1 
ATOM   4   O O   . PRO A 1 1   ? 5.032   0.138   -8.332  1.00 10.47 ? 1    PRO A O   1 
ATOM   5   C CB  . PRO A 1 1   ? 5.759   3.070   -6.891  1.00 11.80 ? 1    PRO A CB  1 
ATOM   6   C CG  . PRO A 1 1   ? 4.351   3.073   -7.393  1.00 13.90 ? 1    PRO A CG  1 
ATOM   7   C CD  . PRO A 1 1   ? 4.481   3.175   -8.918  1.00 12.63 ? 1    PRO A CD  1 
ATOM   8   N N   . VAL A 1 2   ? 6.244   0.181   -6.425  1.00 7.81  ? 2    VAL A N   1 
ATOM   9   C CA  . VAL A 1 2   ? 5.788   -1.128  -5.965  1.00 9.26  ? 2    VAL A CA  1 
ATOM   10  C C   . VAL A 1 2   ? 5.226   -1.046  -4.537  1.00 8.08  ? 2    VAL A C   1 
ATOM   11  O O   . VAL A 1 2   ? 5.949   -0.711  -3.603  1.00 8.69  ? 2    VAL A O   1 
ATOM   12  C CB  . VAL A 1 2   ? 6.927   -2.166  -5.974  1.00 8.03  ? 2    VAL A CB  1 
ATOM   13  C CG1 . VAL A 1 2   ? 6.486   -3.453  -5.276  1.00 9.37  ? 2    VAL A CG1 1 
ATOM   14  C CG2 . VAL A 1 2   ? 7.345   -2.445  -7.406  1.00 7.85  ? 2    VAL A CG2 1 
ATOM   15  N N   . TYR A 1 3   ? 3.942   -1.344  -4.368  1.00 6.92  ? 3    TYR A N   1 
ATOM   16  C CA  . TYR A 1 3   ? 3.335   -1.313  -3.039  1.00 7.83  ? 3    TYR A CA  1 
ATOM   17  C C   . TYR A 1 3   ? 3.181   -2.707  -2.444  1.00 8.33  ? 3    TYR A C   1 
ATOM   18  O O   . TYR A 1 3   ? 2.340   -3.496  -2.885  1.00 8.14  ? 3    TYR A O   1 
ATOM   19  C CB  . TYR A 1 3   ? 1.963   -0.653  -3.071  1.00 7.17  ? 3    TYR A CB  1 
ATOM   20  C CG  . TYR A 1 3   ? 1.987   0.841   -3.223  1.00 8.65  ? 3    TYR A CG  1 
ATOM   21  C CD1 . TYR A 1 3   ? 1.965   1.434   -4.482  1.00 8.34  ? 3    TYR A CD1 1 
ATOM   22  C CD2 . TYR A 1 3   ? 1.991   1.673   -2.101  1.00 9.62  ? 3    TYR A CD2 1 
ATOM   23  C CE1 . TYR A 1 3   ? 1.947   2.817   -4.625  1.00 11.08 ? 3    TYR A CE1 1 
ATOM   24  C CE2 . TYR A 1 3   ? 1.974   3.058   -2.232  1.00 11.36 ? 3    TYR A CE2 1 
ATOM   25  C CZ  . TYR A 1 3   ? 1.947   3.626   -3.497  1.00 10.13 ? 3    TYR A CZ  1 
ATOM   26  O OH  . TYR A 1 3   ? 1.908   4.991   -3.631  1.00 11.08 ? 3    TYR A OH  1 
ATOM   27  N N   . MET A 1 4   ? 4.006   -3.009  -1.448  1.00 8.18  ? 4    MET A N   1 
ATOM   28  C CA  . MET A 1 4   ? 3.941   -4.298  -0.767  1.00 8.40  ? 4    MET A CA  1 
ATOM   29  C C   . MET A 1 4   ? 2.828   -4.135  0.256   1.00 9.61  ? 4    MET A C   1 
ATOM   30  O O   . MET A 1 4   ? 2.906   -3.247  1.107   1.00 9.07  ? 4    MET A O   1 
ATOM   31  C CB  . MET A 1 4   ? 5.256   -4.603  -0.033  1.00 7.38  ? 4    MET A CB  1 
ATOM   32  C CG  . MET A 1 4   ? 6.493   -4.651  -0.917  1.00 6.79  ? 4    MET A CG  1 
ATOM   33  S SD  . MET A 1 4   ? 6.282   -5.637  -2.423  1.00 7.86  ? 4    MET A SD  1 
ATOM   34  C CE  . MET A 1 4   ? 6.059   -7.294  -1.772  1.00 7.85  ? 4    MET A CE  1 
ATOM   35  N N   . VAL A 1 5   ? 1.794   -4.970  0.174   1.00 10.08 ? 5    VAL A N   1 
ATOM   36  C CA  . VAL A 1 5   ? 0.684   -4.878  1.113   1.00 8.91  ? 5    VAL A CA  1 
ATOM   37  C C   . VAL A 1 5   ? 0.562   -6.128  1.985   1.00 11.28 ? 5    VAL A C   1 
ATOM   38  O O   . VAL A 1 5   ? 0.184   -7.203  1.511   1.00 10.49 ? 5    VAL A O   1 
ATOM   39  C CB  . VAL A 1 5   ? -0.642  -4.639  0.379   1.00 9.11  ? 5    VAL A CB  1 
ATOM   40  C CG1 . VAL A 1 5   ? -1.764  -4.449  1.393   1.00 8.08  ? 5    VAL A CG1 1 
ATOM   41  C CG2 . VAL A 1 5   ? -0.519  -3.417  -0.522  1.00 5.89  ? 5    VAL A CG2 1 
ATOM   42  N N   . TYR A 1 6   ? 0.871   -5.968  3.268   1.00 9.17  ? 6    TYR A N   1 
ATOM   43  C CA  . TYR A 1 6   ? 0.844   -7.071  4.215   1.00 9.18  ? 6    TYR A CA  1 
ATOM   44  C C   . TYR A 1 6   ? -0.481  -7.181  4.938   1.00 11.42 ? 6    TYR A C   1 
ATOM   45  O O   . TYR A 1 6   ? -0.882  -6.288  5.679   1.00 12.13 ? 6    TYR A O   1 
ATOM   46  C CB  . TYR A 1 6   ? 1.991   -6.897  5.204   1.00 8.94  ? 6    TYR A CB  1 
ATOM   47  C CG  . TYR A 1 6   ? 3.329   -6.776  4.504   1.00 8.50  ? 6    TYR A CG  1 
ATOM   48  C CD1 . TYR A 1 6   ? 4.041   -7.908  4.104   1.00 7.96  ? 6    TYR A CD1 1 
ATOM   49  C CD2 . TYR A 1 6   ? 3.852   -5.526  4.189   1.00 9.91  ? 6    TYR A CD2 1 
ATOM   50  C CE1 . TYR A 1 6   ? 5.251   -7.791  3.409   1.00 8.32  ? 6    TYR A CE1 1 
ATOM   51  C CE2 . TYR A 1 6   ? 5.055   -5.396  3.497   1.00 10.25 ? 6    TYR A CE2 1 
ATOM   52  C CZ  . TYR A 1 6   ? 5.750   -6.529  3.106   1.00 10.10 ? 6    TYR A CZ  1 
ATOM   53  O OH  . TYR A 1 6   ? 6.939   -6.392  2.419   1.00 10.15 ? 6    TYR A OH  1 
ATOM   54  N N   . VAL A 1 7   ? -1.155  -8.297  4.688   1.00 11.05 ? 7    VAL A N   1 
ATOM   55  C CA  . VAL A 1 7   ? -2.456  -8.599  5.274   1.00 12.32 ? 7    VAL A CA  1 
ATOM   56  C C   . VAL A 1 7   ? -2.471  -10.043 5.758   1.00 11.95 ? 7    VAL A C   1 
ATOM   57  O O   . VAL A 1 7   ? -1.590  -10.830 5.411   1.00 12.23 ? 7    VAL A O   1 
ATOM   58  C CB  . VAL A 1 7   ? -3.595  -8.457  4.238   1.00 10.95 ? 7    VAL A CB  1 
ATOM   59  C CG1 . VAL A 1 7   ? -3.638  -7.050  3.695   1.00 13.03 ? 7    VAL A CG1 1 
ATOM   60  C CG2 . VAL A 1 7   ? -3.392  -9.462  3.090   1.00 11.45 ? 7    VAL A CG2 1 
ATOM   61  N N   . SER A 1 8   ? -3.490  -10.373 6.549   1.00 12.20 ? 8    SER A N   1 
ATOM   62  C CA  . SER A 1 8   ? -3.678  -11.717 7.081   1.00 10.99 ? 8    SER A CA  1 
ATOM   63  C C   . SER A 1 8   ? -4.513  -12.517 6.077   1.00 12.68 ? 8    SER A C   1 
ATOM   64  O O   . SER A 1 8   ? -5.488  -12.003 5.529   1.00 11.57 ? 8    SER A O   1 
ATOM   65  C CB  . SER A 1 8   ? -4.412  -11.650 8.423   1.00 10.95 ? 8    SER A CB  1 
ATOM   66  O OG  . SER A 1 8   ? -3.645  -10.959 9.396   1.00 11.49 ? 8    SER A OG  1 
ATOM   67  N N   . GLN A 1 9   ? -4.136  -13.769 5.841   1.00 15.56 ? 9    GLN A N   1 
ATOM   68  C CA  . GLN A 1 9   ? -4.866  -14.600 4.898   1.00 16.86 ? 9    GLN A CA  1 
ATOM   69  C C   . GLN A 1 9   ? -6.352  -14.610 5.210   1.00 19.09 ? 9    GLN A C   1 
ATOM   70  O O   . GLN A 1 9   ? -6.756  -14.588 6.374   1.00 18.27 ? 9    GLN A O   1 
ATOM   71  C CB  . GLN A 1 9   ? -4.310  -16.031 4.886   1.00 20.31 ? 9    GLN A CB  1 
ATOM   72  C CG  . GLN A 1 9   ? -4.163  -16.698 6.243   1.00 25.83 ? 9    GLN A CG  1 
ATOM   73  C CD  . GLN A 1 9   ? -3.511  -18.067 6.129   1.00 28.98 ? 9    GLN A CD  1 
ATOM   74  O OE1 . GLN A 1 9   ? -2.530  -18.237 5.387   1.00 30.71 ? 9    GLN A OE1 1 
ATOM   75  N NE2 . GLN A 1 9   ? -4.035  -19.050 6.870   1.00 29.86 ? 9    GLN A NE2 1 
ATOM   76  N N   . ASP A 1 10  ? -7.152  -14.602 4.148   1.00 20.18 ? 10   ASP A N   1 
ATOM   77  C CA  . ASP A 1 10  ? -8.608  -14.619 4.232   1.00 20.23 ? 10   ASP A CA  1 
ATOM   78  C C   . ASP A 1 10  ? -9.263  -13.312 4.687   1.00 20.87 ? 10   ASP A C   1 
ATOM   79  O O   . ASP A 1 10  ? -10.477 -13.148 4.569   1.00 20.72 ? 10   ASP A O   1 
ATOM   80  C CB  . ASP A 1 10  ? -9.060  -15.785 5.113   1.00 23.17 ? 10   ASP A CB  1 
ATOM   81  C CG  . ASP A 1 10  ? -8.560  -17.115 4.595   1.00 25.99 ? 10   ASP A CG  1 
ATOM   82  O OD1 . ASP A 1 10  ? -8.489  -17.284 3.359   1.00 25.53 ? 10   ASP A OD1 1 
ATOM   83  O OD2 . ASP A 1 10  ? -8.235  -18.000 5.416   1.00 29.53 ? 10   ASP A OD2 1 
ATOM   84  N N   . ARG A 1 11  ? -8.479  -12.369 5.194   1.00 19.50 ? 11   ARG A N   1 
ATOM   85  C CA  . ARG A 1 11  ? -9.070  -11.108 5.616   1.00 18.44 ? 11   ARG A CA  1 
ATOM   86  C C   . ARG A 1 11  ? -9.662  -10.377 4.405   1.00 18.86 ? 11   ARG A C   1 
ATOM   87  O O   . ARG A 1 11  ? -10.726 -9.766  4.496   1.00 18.41 ? 11   ARG A O   1 
ATOM   88  C CB  . ARG A 1 11  ? -8.031  -10.221 6.307   1.00 19.42 ? 11   ARG A CB  1 
ATOM   89  C CG  . ARG A 1 11  ? -8.595  -8.888  6.788   1.00 21.20 ? 11   ARG A CG  1 
ATOM   90  C CD  . ARG A 1 11  ? -9.761  -9.061  7.778   1.00 21.93 ? 11   ARG A CD  1 
ATOM   91  N NE  . ARG A 1 11  ? -10.347 -7.769  8.137   1.00 24.19 ? 11   ARG A NE  1 
ATOM   92  C CZ  . ARG A 1 11  ? -10.992 -6.986  7.276   1.00 26.22 ? 11   ARG A CZ  1 
ATOM   93  N NH1 . ARG A 1 11  ? -11.493 -5.821  7.671   1.00 26.45 ? 11   ARG A NH1 1 
ATOM   94  N NH2 . ARG A 1 11  ? -11.155 -7.381  6.014   1.00 27.12 ? 11   ARG A NH2 1 
ATOM   95  N N   . LEU A 1 12  ? -8.977  -10.447 3.271   1.00 16.69 ? 12   LEU A N   1 
ATOM   96  C CA  . LEU A 1 12  ? -9.470  -9.796  2.064   1.00 16.23 ? 12   LEU A CA  1 
ATOM   97  C C   . LEU A 1 12  ? -9.877  -10.818 1.011   1.00 16.23 ? 12   LEU A C   1 
ATOM   98  O O   . LEU A 1 12  ? -9.090  -11.685 0.630   1.00 14.07 ? 12   LEU A O   1 
ATOM   99  C CB  . LEU A 1 12  ? -8.402  -8.864  1.477   1.00 15.46 ? 12   LEU A CB  1 
ATOM   100 C CG  . LEU A 1 12  ? -7.967  -7.662  2.318   1.00 15.52 ? 12   LEU A CG  1 
ATOM   101 C CD1 . LEU A 1 12  ? -6.994  -6.812  1.503   1.00 15.64 ? 12   LEU A CD1 1 
ATOM   102 C CD2 . LEU A 1 12  ? -9.177  -6.829  2.724   1.00 16.64 ? 12   LEU A CD2 1 
ATOM   103 N N   . THR A 1 13  ? -11.110 -10.712 0.537   1.00 15.62 ? 13   THR A N   1 
ATOM   104 C CA  . THR A 1 13  ? -11.589 -11.621 -0.488  1.00 17.01 ? 13   THR A CA  1 
ATOM   105 C C   . THR A 1 13  ? -10.903 -11.206 -1.781  1.00 19.26 ? 13   THR A C   1 
ATOM   106 O O   . THR A 1 13  ? -10.343 -10.107 -1.872  1.00 18.03 ? 13   THR A O   1 
ATOM   107 C CB  . THR A 1 13  ? -13.097 -11.484 -0.693  1.00 18.24 ? 13   THR A CB  1 
ATOM   108 O OG1 . THR A 1 13  ? -13.390 -10.154 -1.140  1.00 19.04 ? 13   THR A OG1 1 
ATOM   109 C CG2 . THR A 1 13  ? -13.838 -11.745 0.611   1.00 18.91 ? 13   THR A CG2 1 
ATOM   110 N N   . PRO A 1 14  ? -10.935 -12.069 -2.804  1.00 18.11 ? 14   PRO A N   1 
ATOM   111 C CA  . PRO A 1 14  ? -10.275 -11.660 -4.044  1.00 19.37 ? 14   PRO A CA  1 
ATOM   112 C C   . PRO A 1 14  ? -10.848 -10.350 -4.584  1.00 19.70 ? 14   PRO A C   1 
ATOM   113 O O   . PRO A 1 14  ? -10.151 -9.564  -5.225  1.00 19.10 ? 14   PRO A O   1 
ATOM   114 C CB  . PRO A 1 14  ? -10.517 -12.853 -4.972  1.00 20.69 ? 14   PRO A CB  1 
ATOM   115 C CG  . PRO A 1 14  ? -11.779 -13.482 -4.420  1.00 21.66 ? 14   PRO A CG  1 
ATOM   116 C CD  . PRO A 1 14  ? -11.539 -13.406 -2.936  1.00 19.91 ? 14   PRO A CD  1 
ATOM   117 N N   . SER A 1 15  ? -12.121 -10.121 -4.291  1.00 20.76 ? 15   SER A N   1 
ATOM   118 C CA  . SER A 1 15  ? -12.824 -8.924  -4.729  1.00 21.29 ? 15   SER A CA  1 
ATOM   119 C C   . SER A 1 15  ? -12.293 -7.700  -3.977  1.00 18.30 ? 15   SER A C   1 
ATOM   120 O O   . SER A 1 15  ? -12.073 -6.640  -4.561  1.00 18.51 ? 15   SER A O   1 
ATOM   121 C CB  . SER A 1 15  ? -14.321 -9.112  -4.466  1.00 24.01 ? 15   SER A CB  1 
ATOM   122 O OG  . SER A 1 15  ? -15.093 -8.156  -5.162  1.00 31.55 ? 15   SER A OG  1 
ATOM   123 N N   . ALA A 1 16  ? -12.080 -7.857  -2.676  1.00 17.14 ? 16   ALA A N   1 
ATOM   124 C CA  . ALA A 1 16  ? -11.569 -6.769  -1.847  1.00 14.90 ? 16   ALA A CA  1 
ATOM   125 C C   . ALA A 1 16  ? -10.125 -6.467  -2.228  1.00 14.24 ? 16   ALA A C   1 
ATOM   126 O O   . ALA A 1 16  ? -9.703  -5.311  -2.220  1.00 14.05 ? 16   ALA A O   1 
ATOM   127 C CB  . ALA A 1 16  ? -11.656 -7.151  -0.376  1.00 13.16 ? 16   ALA A CB  1 
ATOM   128 N N   . LYS A 1 17  ? -9.367  -7.510  -2.560  1.00 12.66 ? 17   LYS A N   1 
ATOM   129 C CA  . LYS A 1 17  ? -7.972  -7.335  -2.961  1.00 13.78 ? 17   LYS A CA  1 
ATOM   130 C C   . LYS A 1 17  ? -7.894  -6.457  -4.200  1.00 14.01 ? 17   LYS A C   1 
ATOM   131 O O   . LYS A 1 17  ? -7.051  -5.560  -4.287  1.00 13.43 ? 17   LYS A O   1 
ATOM   132 C CB  . LYS A 1 17  ? -7.309  -8.680  -3.253  1.00 13.14 ? 17   LYS A CB  1 
ATOM   133 C CG  . LYS A 1 17  ? -7.061  -9.526  -2.029  1.00 15.04 ? 17   LYS A CG  1 
ATOM   134 C CD  . LYS A 1 17  ? -6.179  -10.718 -2.386  1.00 17.38 ? 17   LYS A CD  1 
ATOM   135 C CE  . LYS A 1 17  ? -6.136  -11.730 -1.260  1.00 20.04 ? 17   LYS A CE  1 
ATOM   136 N NZ  . LYS A 1 17  ? -5.410  -12.960 -1.694  1.00 21.99 ? 17   LYS A NZ  1 
ATOM   137 N N   . HIS A 1 18  ? -8.778  -6.719  -5.158  1.00 13.72 ? 18   HIS A N   1 
ATOM   138 C CA  . HIS A 1 18  ? -8.828  -5.936  -6.388  1.00 13.86 ? 18   HIS A CA  1 
ATOM   139 C C   . HIS A 1 18  ? -9.180  -4.473  -6.064  1.00 14.52 ? 18   HIS A C   1 
ATOM   140 O O   . HIS A 1 18  ? -8.553  -3.540  -6.575  1.00 14.57 ? 18   HIS A O   1 
ATOM   141 C CB  . HIS A 1 18  ? -9.889  -6.515  -7.322  1.00 15.89 ? 18   HIS A CB  1 
ATOM   142 C CG  . HIS A 1 18  ? -9.887  -5.916  -8.693  1.00 17.16 ? 18   HIS A CG  1 
ATOM   143 N ND1 . HIS A 1 18  ? -11.019 -5.865  -9.479  1.00 16.95 ? 18   HIS A ND1 1 
ATOM   144 C CD2 . HIS A 1 18  ? -8.889  -5.376  -9.434  1.00 17.88 ? 18   HIS A CD2 1 
ATOM   145 C CE1 . HIS A 1 18  ? -10.717 -5.317  -10.643 1.00 18.03 ? 18   HIS A CE1 1 
ATOM   146 N NE2 . HIS A 1 18  ? -9.433  -5.014  -10.643 1.00 16.53 ? 18   HIS A NE2 1 
ATOM   147 N N   . ALA A 1 19  ? -10.184 -4.285  -5.212  1.00 12.18 ? 19   ALA A N   1 
ATOM   148 C CA  . ALA A 1 19  ? -10.632 -2.946  -4.823  1.00 14.09 ? 19   ALA A CA  1 
ATOM   149 C C   . ALA A 1 19  ? -9.532  -2.177  -4.090  1.00 12.10 ? 19   ALA A C   1 
ATOM   150 O O   . ALA A 1 19  ? -9.370  -0.970  -4.277  1.00 12.77 ? 19   ALA A O   1 
ATOM   151 C CB  . ALA A 1 19  ? -11.881 -3.040  -3.946  1.00 12.67 ? 19   ALA A CB  1 
ATOM   152 N N   . VAL A 1 20  ? -8.779  -2.884  -3.254  1.00 12.24 ? 20   VAL A N   1 
ATOM   153 C CA  . VAL A 1 20  ? -7.687  -2.275  -2.507  1.00 11.52 ? 20   VAL A CA  1 
ATOM   154 C C   . VAL A 1 20  ? -6.563  -1.910  -3.475  1.00 10.04 ? 20   VAL A C   1 
ATOM   155 O O   . VAL A 1 20  ? -5.963  -0.844  -3.360  1.00 11.25 ? 20   VAL A O   1 
ATOM   156 C CB  . VAL A 1 20  ? -7.170  -3.237  -1.414  1.00 13.10 ? 20   VAL A CB  1 
ATOM   157 C CG1 . VAL A 1 20  ? -5.868  -2.721  -0.815  1.00 16.00 ? 20   VAL A CG1 1 
ATOM   158 C CG2 . VAL A 1 20  ? -8.227  -3.384  -0.322  1.00 13.37 ? 20   VAL A CG2 1 
ATOM   159 N N   . ALA A 1 21  ? -6.299  -2.786  -4.441  1.00 11.48 ? 21   ALA A N   1 
ATOM   160 C CA  . ALA A 1 21  ? -5.256  -2.538  -5.432  1.00 13.13 ? 21   ALA A CA  1 
ATOM   161 C C   . ALA A 1 21  ? -5.631  -1.318  -6.281  1.00 14.44 ? 21   ALA A C   1 
ATOM   162 O O   . ALA A 1 21  ? -4.802  -0.442  -6.535  1.00 13.92 ? 21   ALA A O   1 
ATOM   163 C CB  . ALA A 1 21  ? -5.073  -3.764  -6.323  1.00 12.43 ? 21   ALA A CB  1 
ATOM   164 N N   . LYS A 1 22  ? -6.886  -1.262  -6.711  1.00 14.36 ? 22   LYS A N   1 
ATOM   165 C CA  . LYS A 1 22  ? -7.346  -0.143  -7.523  1.00 15.56 ? 22   LYS A CA  1 
ATOM   166 C C   . LYS A 1 22  ? -7.280  1.143   -6.719  1.00 13.59 ? 22   LYS A C   1 
ATOM   167 O O   . LYS A 1 22  ? -6.863  2.175   -7.229  1.00 14.41 ? 22   LYS A O   1 
ATOM   168 C CB  . LYS A 1 22  ? -8.781  -0.377  -7.993  1.00 15.87 ? 22   LYS A CB  1 
ATOM   169 C CG  . LYS A 1 22  ? -8.924  -1.566  -8.912  1.00 19.04 ? 22   LYS A CG  1 
ATOM   170 C CD  . LYS A 1 22  ? -9.092  -1.131  -10.358 1.00 23.41 ? 22   LYS A CD  1 
ATOM   171 C CE  . LYS A 1 22  ? -10.503 -0.602  -10.613 1.00 26.59 ? 22   LYS A CE  1 
ATOM   172 N NZ  . LYS A 1 22  ? -10.697 -0.148  -12.033 1.00 30.20 ? 22   LYS A NZ  1 
ATOM   173 N N   . ALA A 1 23  ? -7.706  1.089   -5.465  1.00 13.82 ? 23   ALA A N   1 
ATOM   174 C CA  . ALA A 1 23  ? -7.666  2.281   -4.632  1.00 14.16 ? 23   ALA A CA  1 
ATOM   175 C C   . ALA A 1 23  ? -6.243  2.849   -4.590  1.00 15.33 ? 23   ALA A C   1 
ATOM   176 O O   . ALA A 1 23  ? -6.018  4.015   -4.915  1.00 15.72 ? 23   ALA A O   1 
ATOM   177 C CB  . ALA A 1 23  ? -8.145  1.953   -3.222  1.00 14.46 ? 23   ALA A CB  1 
ATOM   178 N N   . ILE A 1 24  ? -5.286  2.011   -4.196  1.00 12.50 ? 24   ILE A N   1 
ATOM   179 C CA  . ILE A 1 24  ? -3.885  2.411   -4.099  1.00 11.20 ? 24   ILE A CA  1 
ATOM   180 C C   . ILE A 1 24  ? -3.355  2.914   -5.441  1.00 12.86 ? 24   ILE A C   1 
ATOM   181 O O   . ILE A 1 24  ? -2.721  3.966   -5.513  1.00 11.94 ? 24   ILE A O   1 
ATOM   182 C CB  . ILE A 1 24  ? -3.013  1.220   -3.607  1.00 9.43  ? 24   ILE A CB  1 
ATOM   183 C CG1 . ILE A 1 24  ? -3.308  0.942   -2.129  1.00 8.33  ? 24   ILE A CG1 1 
ATOM   184 C CG2 . ILE A 1 24  ? -1.536  1.501   -3.818  1.00 7.20  ? 24   ILE A CG2 1 
ATOM   185 C CD1 . ILE A 1 24  ? -2.607  -0.284  -1.602  1.00 7.80  ? 24   ILE A CD1 1 
ATOM   186 N N   . THR A 1 25  ? -3.621  2.154   -6.500  1.00 12.11 ? 25   THR A N   1 
ATOM   187 C CA  . THR A 1 25  ? -3.162  2.511   -7.834  1.00 11.96 ? 25   THR A CA  1 
ATOM   188 C C   . THR A 1 25  ? -3.734  3.840   -8.321  1.00 13.93 ? 25   THR A C   1 
ATOM   189 O O   . THR A 1 25  ? -3.012  4.645   -8.916  1.00 13.51 ? 25   THR A O   1 
ATOM   190 C CB  . THR A 1 25  ? -3.519  1.423   -8.859  1.00 14.56 ? 25   THR A CB  1 
ATOM   191 O OG1 . THR A 1 25  ? -2.823  0.210   -8.535  1.00 15.99 ? 25   THR A OG1 1 
ATOM   192 C CG2 . THR A 1 25  ? -3.129  1.869   -10.264 1.00 14.56 ? 25   THR A CG2 1 
ATOM   193 N N   . ASP A 1 26  ? -5.025  4.068   -8.073  1.00 12.50 ? 26   ASP A N   1 
ATOM   194 C CA  . ASP A 1 26  ? -5.666  5.315   -8.485  1.00 13.83 ? 26   ASP A CA  1 
ATOM   195 C C   . ASP A 1 26  ? -5.102  6.502   -7.722  1.00 13.67 ? 26   ASP A C   1 
ATOM   196 O O   . ASP A 1 26  ? -4.922  7.584   -8.287  1.00 12.92 ? 26   ASP A O   1 
ATOM   197 C CB  . ASP A 1 26  ? -7.179  5.250   -8.257  1.00 13.89 ? 26   ASP A CB  1 
ATOM   198 C CG  . ASP A 1 26  ? -7.875  4.348   -9.253  1.00 16.73 ? 26   ASP A CG  1 
ATOM   199 O OD1 . ASP A 1 26  ? -7.278  4.060   -10.315 1.00 18.89 ? 26   ASP A OD1 1 
ATOM   200 O OD2 . ASP A 1 26  ? -9.021  3.940   -8.985  1.00 17.69 ? 26   ASP A OD2 1 
ATOM   201 N N   . ALA A 1 27  ? -4.850  6.307   -6.430  1.00 12.09 ? 27   ALA A N   1 
ATOM   202 C CA  . ALA A 1 27  ? -4.301  7.375   -5.602  1.00 12.76 ? 27   ALA A CA  1 
ATOM   203 C C   . ALA A 1 27  ? -2.924  7.792   -6.115  1.00 12.95 ? 27   ALA A C   1 
ATOM   204 O O   . ALA A 1 27  ? -2.628  8.977   -6.233  1.00 13.98 ? 27   ALA A O   1 
ATOM   205 C CB  . ALA A 1 27  ? -4.198  6.912   -4.164  1.00 12.95 ? 27   ALA A CB  1 
ATOM   206 N N   . HIS A 1 28  ? -2.083  6.811   -6.424  1.00 14.29 ? 28   HIS A N   1 
ATOM   207 C CA  . HIS A 1 28  ? -0.740  7.092   -6.908  1.00 12.64 ? 28   HIS A CA  1 
ATOM   208 C C   . HIS A 1 28  ? -0.740  7.800   -8.260  1.00 13.14 ? 28   HIS A C   1 
ATOM   209 O O   . HIS A 1 28  ? -0.011  8.775   -8.463  1.00 12.40 ? 28   HIS A O   1 
ATOM   210 C CB  . HIS A 1 28  ? 0.056   5.798   -7.032  1.00 13.32 ? 28   HIS A CB  1 
ATOM   211 C CG  . HIS A 1 28  ? 1.516   6.022   -7.269  1.00 15.72 ? 28   HIS A CG  1 
ATOM   212 N ND1 . HIS A 1 28  ? 2.386   6.353   -6.256  1.00 16.36 ? 28   HIS A ND1 1 
ATOM   213 C CD2 . HIS A 1 28  ? 2.239   6.040   -8.413  1.00 16.19 ? 28   HIS A CD2 1 
ATOM   214 C CE1 . HIS A 1 28  ? 3.587   6.568   -6.762  1.00 16.71 ? 28   HIS A CE1 1 
ATOM   215 N NE2 . HIS A 1 28  ? 3.526   6.385   -8.071  1.00 17.89 ? 28   HIS A NE2 1 
ATOM   216 N N   . ARG A 1 29  ? -1.541  7.288   -9.189  1.00 12.51 ? 29   ARG A N   1 
ATOM   217 C CA  . ARG A 1 29  ? -1.630  7.877   -10.520 1.00 13.44 ? 29   ARG A CA  1 
ATOM   218 C C   . ARG A 1 29  ? -2.193  9.288   -10.401 1.00 14.55 ? 29   ARG A C   1 
ATOM   219 O O   . ARG A 1 29  ? -1.663  10.244  -10.973 1.00 14.22 ? 29   ARG A O   1 
ATOM   220 C CB  . ARG A 1 29  ? -2.532  7.022   -11.409 1.00 13.74 ? 29   ARG A CB  1 
ATOM   221 N N   . GLY A 1 30  ? -3.271  9.402   -9.637  1.00 14.26 ? 30   GLY A N   1 
ATOM   222 C CA  . GLY A 1 30  ? -3.914  10.684  -9.444  1.00 16.33 ? 30   GLY A CA  1 
ATOM   223 C C   . GLY A 1 30  ? -3.025  11.760  -8.844  1.00 16.61 ? 30   GLY A C   1 
ATOM   224 O O   . GLY A 1 30  ? -2.987  12.886  -9.344  1.00 17.32 ? 30   GLY A O   1 
ATOM   225 N N   . LEU A 1 31  ? -2.294  11.428  -7.785  1.00 15.10 ? 31   LEU A N   1 
ATOM   226 C CA  . LEU A 1 31  ? -1.449  12.425  -7.129  1.00 12.93 ? 31   LEU A CA  1 
ATOM   227 C C   . LEU A 1 31  ? -0.058  12.650  -7.709  1.00 12.54 ? 31   LEU A C   1 
ATOM   228 O O   . LEU A 1 31  ? 0.448   13.762  -7.646  1.00 12.15 ? 31   LEU A O   1 
ATOM   229 C CB  . LEU A 1 31  ? -1.341  12.123  -5.628  1.00 13.45 ? 31   LEU A CB  1 
ATOM   230 C CG  . LEU A 1 31  ? -2.665  12.229  -4.853  1.00 14.66 ? 31   LEU A CG  1 
ATOM   231 C CD1 . LEU A 1 31  ? -2.437  11.924  -3.376  1.00 16.13 ? 31   LEU A CD1 1 
ATOM   232 C CD2 . LEU A 1 31  ? -3.242  13.628  -5.005  1.00 15.21 ? 31   LEU A CD2 1 
ATOM   233 N N   . THR A 1 32  ? 0.552   11.617  -8.286  1.00 11.68 ? 32   THR A N   1 
ATOM   234 C CA  . THR A 1 32  ? 1.900   11.757  -8.845  1.00 12.59 ? 32   THR A CA  1 
ATOM   235 C C   . THR A 1 32  ? 1.923   11.933  -10.361 1.00 15.08 ? 32   THR A C   1 
ATOM   236 O O   . THR A 1 32  ? 2.877   12.484  -10.914 1.00 12.57 ? 32   THR A O   1 
ATOM   237 C CB  . THR A 1 32  ? 2.768   10.532  -8.531  1.00 11.15 ? 32   THR A CB  1 
ATOM   238 O OG1 . THR A 1 32  ? 2.312   9.424   -9.315  1.00 11.45 ? 32   THR A OG1 1 
ATOM   239 C CG2 . THR A 1 32  ? 2.681   10.173  -7.051  1.00 11.60 ? 32   THR A CG2 1 
ATOM   240 N N   . GLY A 1 33  ? 0.885   11.448  -11.033 1.00 14.51 ? 33   GLY A N   1 
ATOM   241 C CA  . GLY A 1 33  ? 0.839   11.565  -12.478 1.00 16.95 ? 33   GLY A CA  1 
ATOM   242 C C   . GLY A 1 33  ? 1.564   10.412  -13.151 1.00 20.15 ? 33   GLY A C   1 
ATOM   243 O O   . GLY A 1 33  ? 1.679   10.379  -14.377 1.00 20.54 ? 33   GLY A O   1 
ATOM   244 N N   . THR A 1 34  ? 2.072   9.466   -12.361 1.00 20.02 ? 34   THR A N   1 
ATOM   245 C CA  . THR A 1 34  ? 2.766   8.316   -12.934 1.00 20.51 ? 34   THR A CA  1 
ATOM   246 C C   . THR A 1 34  ? 1.728   7.370   -13.546 1.00 20.90 ? 34   THR A C   1 
ATOM   247 O O   . THR A 1 34  ? 0.712   7.067   -12.922 1.00 20.46 ? 34   THR A O   1 
ATOM   248 C CB  . THR A 1 34  ? 3.607   7.566   -11.862 1.00 20.89 ? 34   THR A CB  1 
ATOM   249 O OG1 . THR A 1 34  ? 4.821   8.287   -11.611 1.00 20.08 ? 34   THR A OG1 1 
ATOM   250 C CG2 . THR A 1 34  ? 3.955   6.158   -12.339 1.00 20.95 ? 34   THR A CG2 1 
ATOM   251 N N   . GLN A 1 35  ? 1.984   6.906   -14.767 1.00 20.04 ? 35   GLN A N   1 
ATOM   252 C CA  . GLN A 1 35  ? 1.054   6.012   -15.461 1.00 20.78 ? 35   GLN A CA  1 
ATOM   253 C C   . GLN A 1 35  ? 0.592   4.819   -14.619 1.00 20.04 ? 35   GLN A C   1 
ATOM   254 O O   . GLN A 1 35  ? 1.362   4.225   -13.859 1.00 18.46 ? 35   GLN A O   1 
ATOM   255 C CB  . GLN A 1 35  ? 1.674   5.527   -16.762 1.00 20.78 ? 35   GLN A CB  1 
ATOM   256 N N   . HIS A 1 36  ? -0.680  4.468   -14.765 1.00 19.20 ? 36   HIS A N   1 
ATOM   257 C CA  . HIS A 1 36  ? -1.270  3.362   -14.015 1.00 18.54 ? 36   HIS A CA  1 
ATOM   258 C C   . HIS A 1 36  ? -0.464  2.051   -14.091 1.00 19.22 ? 36   HIS A C   1 
ATOM   259 O O   . HIS A 1 36  ? -0.137  1.445   -13.065 1.00 18.32 ? 36   HIS A O   1 
ATOM   260 C CB  . HIS A 1 36  ? -2.731  3.127   -14.489 1.00 18.71 ? 36   HIS A CB  1 
ATOM   261 N N   . PHE A 1 37  ? -0.114  1.635   -15.304 1.00 16.95 ? 37   PHE A N   1 
ATOM   262 C CA  . PHE A 1 37  ? 0.634   0.396   -15.499 1.00 17.01 ? 37   PHE A CA  1 
ATOM   263 C C   . PHE A 1 37  ? 1.996   0.374   -14.796 1.00 15.95 ? 37   PHE A C   1 
ATOM   264 O O   . PHE A 1 37  ? 2.616   -0.674  -14.676 1.00 15.70 ? 37   PHE A O   1 
ATOM   265 C CB  . PHE A 1 37  ? 0.848   0.143   -16.992 1.00 17.95 ? 37   PHE A CB  1 
ATOM   266 C CG  . PHE A 1 37  ? 1.906   1.014   -17.600 1.00 21.07 ? 37   PHE A CG  1 
ATOM   267 C CD1 . PHE A 1 37  ? 3.227   0.563   -17.715 1.00 21.65 ? 37   PHE A CD1 1 
ATOM   268 C CD2 . PHE A 1 37  ? 1.596   2.304   -18.025 1.00 21.30 ? 37   PHE A CD2 1 
ATOM   269 C CE1 . PHE A 1 37  ? 4.225   1.396   -18.239 1.00 21.69 ? 37   PHE A CE1 1 
ATOM   270 C CE2 . PHE A 1 37  ? 2.580   3.137   -18.547 1.00 23.14 ? 37   PHE A CE2 1 
ATOM   271 C CZ  . PHE A 1 37  ? 3.900   2.683   -18.656 1.00 22.99 ? 37   PHE A CZ  1 
ATOM   272 N N   . LEU A 1 38  ? 2.461   1.527   -14.337 1.00 15.41 ? 38   LEU A N   1 
ATOM   273 C CA  . LEU A 1 38  ? 3.754   1.600   -13.672 1.00 16.55 ? 38   LEU A CA  1 
ATOM   274 C C   . LEU A 1 38  ? 3.634   1.357   -12.170 1.00 15.87 ? 38   LEU A C   1 
ATOM   275 O O   . LEU A 1 38  ? 4.627   1.384   -11.442 1.00 14.59 ? 38   LEU A O   1 
ATOM   276 C CB  . LEU A 1 38  ? 4.390   2.965   -13.933 1.00 18.83 ? 38   LEU A CB  1 
ATOM   277 C CG  . LEU A 1 38  ? 5.881   2.930   -14.264 1.00 23.54 ? 38   LEU A CG  1 
ATOM   278 C CD1 . LEU A 1 38  ? 6.141   1.922   -15.383 1.00 23.15 ? 38   LEU A CD1 1 
ATOM   279 C CD2 . LEU A 1 38  ? 6.332   4.325   -14.674 1.00 25.78 ? 38   LEU A CD2 1 
ATOM   280 N N   . ALA A 1 39  ? 2.413   1.114   -11.710 1.00 13.92 ? 39   ALA A N   1 
ATOM   281 C CA  . ALA A 1 39  ? 2.181   0.858   -10.295 1.00 13.74 ? 39   ALA A CA  1 
ATOM   282 C C   . ALA A 1 39  ? 1.872   -0.612  -10.036 1.00 13.90 ? 39   ALA A C   1 
ATOM   283 O O   . ALA A 1 39  ? 0.901   -1.151  -10.571 1.00 13.61 ? 39   ALA A O   1 
ATOM   284 C CB  . ALA A 1 39  ? 1.031   1.726   -9.789  1.00 13.61 ? 39   ALA A CB  1 
ATOM   285 N N   . GLN A 1 40  ? 2.710   -1.263  -9.233  1.00 13.26 ? 40   GLN A N   1 
ATOM   286 C CA  . GLN A 1 40  ? 2.483   -2.656  -8.875  1.00 12.38 ? 40   GLN A CA  1 
ATOM   287 C C   . GLN A 1 40  ? 2.022   -2.745  -7.430  1.00 12.52 ? 40   GLN A C   1 
ATOM   288 O O   . GLN A 1 40  ? 2.540   -2.044  -6.559  1.00 13.01 ? 40   GLN A O   1 
ATOM   289 C CB  . GLN A 1 40  ? 3.755   -3.506  -9.042  1.00 11.09 ? 40   GLN A CB  1 
ATOM   290 C CG  . GLN A 1 40  ? 3.651   -4.892  -8.384  1.00 9.42  ? 40   GLN A CG  1 
ATOM   291 C CD  . GLN A 1 40  ? 4.849   -5.803  -8.658  1.00 9.90  ? 40   GLN A CD  1 
ATOM   292 O OE1 . GLN A 1 40  ? 4.980   -6.861  -8.048  1.00 10.50 ? 40   GLN A OE1 1 
ATOM   293 N NE2 . GLN A 1 40  ? 5.712   -5.403  -9.589  1.00 8.77  ? 40   GLN A NE2 1 
ATOM   294 N N   . VAL A 1 41  ? 1.030   -3.593  -7.194  1.00 10.87 ? 41   VAL A N   1 
ATOM   295 C CA  . VAL A 1 41  ? 0.530   -3.824  -5.854  1.00 11.92 ? 41   VAL A CA  1 
ATOM   296 C C   . VAL A 1 41  ? 0.761   -5.305  -5.631  1.00 11.51 ? 41   VAL A C   1 
ATOM   297 O O   . VAL A 1 41  ? 0.226   -6.145  -6.364  1.00 10.50 ? 41   VAL A O   1 
ATOM   298 C CB  . VAL A 1 41  ? -0.961  -3.507  -5.732  1.00 10.08 ? 41   VAL A CB  1 
ATOM   299 C CG1 . VAL A 1 41  ? -1.457  -3.926  -4.360  1.00 11.05 ? 41   VAL A CG1 1 
ATOM   300 C CG2 . VAL A 1 41  ? -1.184  -2.014  -5.920  1.00 9.08  ? 41   VAL A CG2 1 
ATOM   301 N N   . ASN A 1 42  ? 1.577   -5.623  -4.637  1.00 9.40  ? 42   ASN A N   1 
ATOM   302 C CA  . ASN A 1 42  ? 1.905   -7.008  -4.350  1.00 10.32 ? 42   ASN A CA  1 
ATOM   303 C C   . ASN A 1 42  ? 1.408   -7.373  -2.960  1.00 11.32 ? 42   ASN A C   1 
ATOM   304 O O   . ASN A 1 42  ? 1.950   -6.914  -1.960  1.00 12.19 ? 42   ASN A O   1 
ATOM   305 C CB  . ASN A 1 42  ? 3.423   -7.202  -4.441  1.00 10.96 ? 42   ASN A CB  1 
ATOM   306 C CG  . ASN A 1 42  ? 3.810   -8.633  -4.749  1.00 11.20 ? 42   ASN A CG  1 
ATOM   307 O OD1 . ASN A 1 42  ? 3.476   -9.555  -4.006  1.00 11.56 ? 42   ASN A OD1 1 
ATOM   308 N ND2 . ASN A 1 42  ? 4.522   -8.825  -5.856  1.00 12.87 ? 42   ASN A ND2 1 
ATOM   309 N N   . PHE A 1 43  ? 0.362   -8.191  -2.903  1.00 10.95 ? 43   PHE A N   1 
ATOM   310 C CA  . PHE A 1 43  ? -0.204  -8.616  -1.626  1.00 9.12  ? 43   PHE A CA  1 
ATOM   311 C C   . PHE A 1 43  ? 0.606   -9.773  -1.045  1.00 12.35 ? 43   PHE A C   1 
ATOM   312 O O   . PHE A 1 43  ? 0.885   -10.765 -1.737  1.00 9.81  ? 43   PHE A O   1 
ATOM   313 C CB  . PHE A 1 43  ? -1.658  -9.067  -1.807  1.00 10.90 ? 43   PHE A CB  1 
ATOM   314 C CG  . PHE A 1 43  ? -2.632  -7.939  -2.044  1.00 12.70 ? 43   PHE A CG  1 
ATOM   315 C CD1 . PHE A 1 43  ? -3.163  -7.222  -0.973  1.00 10.85 ? 43   PHE A CD1 1 
ATOM   316 C CD2 . PHE A 1 43  ? -3.027  -7.599  -3.341  1.00 12.26 ? 43   PHE A CD2 1 
ATOM   317 C CE1 . PHE A 1 43  ? -4.077  -6.186  -1.183  1.00 12.32 ? 43   PHE A CE1 1 
ATOM   318 C CE2 . PHE A 1 43  ? -3.947  -6.557  -3.564  1.00 12.67 ? 43   PHE A CE2 1 
ATOM   319 C CZ  . PHE A 1 43  ? -4.471  -5.850  -2.482  1.00 11.09 ? 43   PHE A CZ  1 
ATOM   320 N N   . ASN A 1 44  ? 1.003   -9.626  0.217   1.00 9.27  ? 44   ASN A N   1 
ATOM   321 C CA  . ASN A 1 44  ? 1.743   -10.661 0.928   1.00 10.66 ? 44   ASN A CA  1 
ATOM   322 C C   . ASN A 1 44  ? 0.874   -11.002 2.141   1.00 12.84 ? 44   ASN A C   1 
ATOM   323 O O   . ASN A 1 44  ? 0.755   -10.212 3.084   1.00 8.72  ? 44   ASN A O   1 
ATOM   324 C CB  . ASN A 1 44  ? 3.129   -10.157 1.373   1.00 12.90 ? 44   ASN A CB  1 
ATOM   325 C CG  . ASN A 1 44  ? 4.206   -10.345 0.293   1.00 17.10 ? 44   ASN A CG  1 
ATOM   326 O OD1 . ASN A 1 44  ? 4.899   -11.374 0.225   1.00 17.24 ? 44   ASN A OD1 1 
ATOM   327 N ND2 . ASN A 1 44  ? 4.333   -9.355  -0.565  1.00 23.21 ? 44   ASN A ND2 1 
ATOM   328 N N   . GLU A 1 45  ? 0.236   -12.169 2.076   1.00 12.05 ? 45   GLU A N   1 
ATOM   329 C CA  . GLU A 1 45  ? -0.637  -12.649 3.137   1.00 12.19 ? 45   GLU A CA  1 
ATOM   330 C C   . GLU A 1 45  ? 0.105   -13.621 4.053   1.00 14.86 ? 45   GLU A C   1 
ATOM   331 O O   . GLU A 1 45  ? 0.974   -14.375 3.607   1.00 14.12 ? 45   GLU A O   1 
ATOM   332 C CB  . GLU A 1 45  ? -1.844  -13.374 2.543   1.00 15.89 ? 45   GLU A CB  1 
ATOM   333 C CG  . GLU A 1 45  ? -2.747  -12.525 1.662   1.00 20.35 ? 45   GLU A CG  1 
ATOM   334 C CD  . GLU A 1 45  ? -3.728  -13.373 0.862   1.00 22.13 ? 45   GLU A CD  1 
ATOM   335 O OE1 . GLU A 1 45  ? -3.262  -14.205 0.055   1.00 22.52 ? 45   GLU A OE1 1 
ATOM   336 O OE2 . GLU A 1 45  ? -4.959  -13.209 1.036   1.00 23.75 ? 45   GLU A OE2 1 
ATOM   337 N N   . GLN A 1 46  ? -0.263  -13.602 5.331   1.00 13.85 ? 46   GLN A N   1 
ATOM   338 C CA  . GLN A 1 46  ? 0.316   -14.481 6.343   1.00 13.64 ? 46   GLN A CA  1 
ATOM   339 C C   . GLN A 1 46  ? -0.809  -14.968 7.242   1.00 14.82 ? 46   GLN A C   1 
ATOM   340 O O   . GLN A 1 46  ? -1.841  -14.300 7.371   1.00 15.47 ? 46   GLN A O   1 
ATOM   341 C CB  . GLN A 1 46  ? 1.351   -13.729 7.188   1.00 12.97 ? 46   GLN A CB  1 
ATOM   342 C CG  . GLN A 1 46  ? 2.694   -13.513 6.504   1.00 12.50 ? 46   GLN A CG  1 
ATOM   343 C CD  . GLN A 1 46  ? 3.436   -14.821 6.243   1.00 13.64 ? 46   GLN A CD  1 
ATOM   344 O OE1 . GLN A 1 46  ? 3.592   -15.656 7.144   1.00 12.13 ? 46   GLN A OE1 1 
ATOM   345 N NE2 . GLN A 1 46  ? 3.910   -14.997 5.013   1.00 12.78 ? 46   GLN A NE2 1 
ATOM   346 N N   . PRO A 1 47  ? -0.641  -16.146 7.862   1.00 15.05 ? 47   PRO A N   1 
ATOM   347 C CA  . PRO A 1 47  ? -1.705  -16.640 8.739   1.00 15.84 ? 47   PRO A CA  1 
ATOM   348 C C   . PRO A 1 47  ? -1.984  -15.680 9.894   1.00 15.42 ? 47   PRO A C   1 
ATOM   349 O O   . PRO A 1 47  ? -1.093  -14.971 10.365  1.00 15.29 ? 47   PRO A O   1 
ATOM   350 C CB  . PRO A 1 47  ? -1.175  -18.000 9.208   1.00 16.13 ? 47   PRO A CB  1 
ATOM   351 C CG  . PRO A 1 47  ? 0.331   -17.858 9.087   1.00 16.49 ? 47   PRO A CG  1 
ATOM   352 C CD  . PRO A 1 47  ? 0.471   -17.111 7.783   1.00 15.10 ? 47   PRO A CD  1 
ATOM   353 N N   . ALA A 1 48  ? -3.235  -15.642 10.329  1.00 17.95 ? 48   ALA A N   1 
ATOM   354 C CA  . ALA A 1 48  ? -3.623  -14.773 11.429  1.00 20.24 ? 48   ALA A CA  1 
ATOM   355 C C   . ALA A 1 48  ? -2.758  -15.109 12.641  1.00 20.45 ? 48   ALA A C   1 
ATOM   356 O O   . ALA A 1 48  ? -2.556  -16.279 12.958  1.00 22.13 ? 48   ALA A O   1 
ATOM   357 C CB  . ALA A 1 48  ? -5.092  -14.981 11.755  1.00 21.15 ? 48   ALA A CB  1 
ATOM   358 N N   . GLY A 1 49  ? -2.236  -14.083 13.303  1.00 20.47 ? 49   GLY A N   1 
ATOM   359 C CA  . GLY A 1 49  ? -1.403  -14.315 14.465  1.00 19.32 ? 49   GLY A CA  1 
ATOM   360 C C   . GLY A 1 49  ? 0.069   -14.017 14.245  1.00 19.11 ? 49   GLY A C   1 
ATOM   361 O O   . GLY A 1 49  ? 0.890   -14.267 15.126  1.00 19.42 ? 49   GLY A O   1 
ATOM   362 N N   . ASN A 1 50  ? 0.414   -13.492 13.077  1.00 14.92 ? 50   ASN A N   1 
ATOM   363 C CA  . ASN A 1 50  ? 1.807   -13.175 12.806  1.00 15.73 ? 50   ASN A CA  1 
ATOM   364 C C   . ASN A 1 50  ? 2.110   -11.698 13.056  1.00 13.71 ? 50   ASN A C   1 
ATOM   365 O O   . ASN A 1 50  ? 3.254   -11.269 12.927  1.00 14.21 ? 50   ASN A O   1 
ATOM   366 C CB  . ASN A 1 50  ? 2.172   -13.593 11.371  1.00 13.67 ? 50   ASN A CB  1 
ATOM   367 C CG  . ASN A 1 50  ? 2.754   -15.015 11.305  1.00 14.99 ? 50   ASN A CG  1 
ATOM   368 O OD1 . ASN A 1 50  ? 2.640   -15.784 12.257  1.00 15.90 ? 50   ASN A OD1 1 
ATOM   369 N ND2 . ASN A 1 50  ? 3.368   -15.364 10.176  1.00 14.50 ? 50   ASN A ND2 1 
ATOM   370 N N   . VAL A 1 51  ? 1.084   -10.937 13.441  1.00 11.36 ? 51   VAL A N   1 
ATOM   371 C CA  . VAL A 1 51  ? 1.235   -9.510  13.717  1.00 10.86 ? 51   VAL A CA  1 
ATOM   372 C C   . VAL A 1 51  ? 1.166   -9.188  15.211  1.00 11.50 ? 51   VAL A C   1 
ATOM   373 O O   . VAL A 1 51  ? 0.269   -9.649  15.929  1.00 10.97 ? 51   VAL A O   1 
ATOM   374 C CB  . VAL A 1 51  ? 0.148   -8.676  12.995  1.00 10.97 ? 51   VAL A CB  1 
ATOM   375 C CG1 . VAL A 1 51  ? 0.344   -7.197  13.292  1.00 10.38 ? 51   VAL A CG1 1 
ATOM   376 C CG2 . VAL A 1 51  ? 0.206   -8.929  11.500  1.00 8.41  ? 51   VAL A CG2 1 
ATOM   377 N N   . PHE A 1 52  ? 2.119   -8.384  15.666  1.00 10.95 ? 52   PHE A N   1 
ATOM   378 C CA  . PHE A 1 52  ? 2.189   -7.975  17.060  1.00 11.17 ? 52   PHE A CA  1 
ATOM   379 C C   . PHE A 1 52  ? 2.357   -6.467  17.154  1.00 13.11 ? 52   PHE A C   1 
ATOM   380 O O   . PHE A 1 52  ? 3.257   -5.892  16.545  1.00 12.45 ? 52   PHE A O   1 
ATOM   381 C CB  . PHE A 1 52  ? 3.376   -8.642  17.758  1.00 11.59 ? 52   PHE A CB  1 
ATOM   382 C CG  . PHE A 1 52  ? 3.260   -10.135 17.896  1.00 13.51 ? 52   PHE A CG  1 
ATOM   383 C CD1 . PHE A 1 52  ? 2.899   -10.708 19.112  1.00 12.63 ? 52   PHE A CD1 1 
ATOM   384 C CD2 . PHE A 1 52  ? 3.503   -10.969 16.805  1.00 13.13 ? 52   PHE A CD2 1 
ATOM   385 C CE1 . PHE A 1 52  ? 2.804   -12.097 19.255  1.00 12.79 ? 52   PHE A CE1 1 
ATOM   386 C CE2 . PHE A 1 52  ? 3.412   -12.360 16.934  1.00 13.72 ? 52   PHE A CE2 1 
ATOM   387 C CZ  . PHE A 1 52  ? 3.050   -12.924 18.166  1.00 13.34 ? 52   PHE A CZ  1 
ATOM   388 N N   . LEU A 1 53  ? 1.479   -5.828  17.916  1.00 12.16 ? 53   LEU A N   1 
ATOM   389 C CA  . LEU A 1 53  ? 1.553   -4.389  18.131  1.00 12.49 ? 53   LEU A CA  1 
ATOM   390 C C   . LEU A 1 53  ? 1.856   -4.212  19.620  1.00 14.18 ? 53   LEU A C   1 
ATOM   391 O O   . LEU A 1 53  ? 1.101   -4.684  20.469  1.00 13.24 ? 53   LEU A O   1 
ATOM   392 C CB  . LEU A 1 53  ? 0.223   -3.717  17.768  1.00 12.88 ? 53   LEU A CB  1 
ATOM   393 C CG  . LEU A 1 53  ? -0.231  -3.829  16.310  1.00 12.41 ? 53   LEU A CG  1 
ATOM   394 C CD1 . LEU A 1 53  ? -1.541  -3.090  16.131  1.00 14.34 ? 53   LEU A CD1 1 
ATOM   395 C CD2 . LEU A 1 53  ? 0.831   -3.246  15.384  1.00 14.42 ? 53   LEU A CD2 1 
ATOM   396 N N   . GLY A 1 54  ? 2.971   -3.556  19.931  1.00 15.01 ? 54   GLY A N   1 
ATOM   397 C CA  . GLY A 1 54  ? 3.353   -3.363  21.319  1.00 14.36 ? 54   GLY A CA  1 
ATOM   398 C C   . GLY A 1 54  ? 3.586   -4.692  22.018  1.00 16.59 ? 54   GLY A C   1 
ATOM   399 O O   . GLY A 1 54  ? 3.423   -4.808  23.234  1.00 16.99 ? 54   GLY A O   1 
ATOM   400 N N   . GLY A 1 55  ? 3.973   -5.706  21.253  1.00 15.13 ? 55   GLY A N   1 
ATOM   401 C CA  . GLY A 1 55  ? 4.209   -7.014  21.836  1.00 14.43 ? 55   GLY A CA  1 
ATOM   402 C C   . GLY A 1 55  ? 2.957   -7.862  21.998  1.00 14.86 ? 55   GLY A C   1 
ATOM   403 O O   . GLY A 1 55  ? 3.040   -9.009  22.434  1.00 14.46 ? 55   GLY A O   1 
ATOM   404 N N   . VAL A 1 56  ? 1.797   -7.308  21.650  1.00 13.93 ? 56   VAL A N   1 
ATOM   405 C CA  . VAL A 1 56  ? 0.526   -8.034  21.764  1.00 14.29 ? 56   VAL A CA  1 
ATOM   406 C C   . VAL A 1 56  ? 0.125   -8.634  20.415  1.00 14.03 ? 56   VAL A C   1 
ATOM   407 O O   . VAL A 1 56  ? 0.161   -7.960  19.385  1.00 12.75 ? 56   VAL A O   1 
ATOM   408 C CB  . VAL A 1 56  ? -0.624  -7.106  22.258  1.00 14.10 ? 56   VAL A CB  1 
ATOM   409 C CG1 . VAL A 1 56  ? -1.917  -7.907  22.407  1.00 15.60 ? 56   VAL A CG1 1 
ATOM   410 C CG2 . VAL A 1 56  ? -0.249  -6.464  23.586  1.00 16.65 ? 56   VAL A CG2 1 
ATOM   411 N N   . GLN A 1 57  ? -0.257  -9.907  20.425  1.00 15.15 ? 57   GLN A N   1 
ATOM   412 C CA  . GLN A 1 57  ? -0.662  -10.592 19.201  1.00 14.16 ? 57   GLN A CA  1 
ATOM   413 C C   . GLN A 1 57  ? -2.025  -10.095 18.718  1.00 13.60 ? 57   GLN A C   1 
ATOM   414 O O   . GLN A 1 57  ? -3.013  -10.168 19.441  1.00 13.53 ? 57   GLN A O   1 
ATOM   415 C CB  . GLN A 1 57  ? -0.692  -12.099 19.444  1.00 15.61 ? 57   GLN A CB  1 
ATOM   416 C CG  . GLN A 1 57  ? -1.079  -12.924 18.234  1.00 17.32 ? 57   GLN A CG  1 
ATOM   417 C CD  . GLN A 1 57  ? -0.865  -14.405 18.474  1.00 20.13 ? 57   GLN A CD  1 
ATOM   418 O OE1 . GLN A 1 57  ? -1.380  -14.964 19.439  1.00 19.16 ? 57   GLN A OE1 1 
ATOM   419 N NE2 . GLN A 1 57  ? -0.089  -15.049 17.599  1.00 23.00 ? 57   GLN A NE2 1 
ATOM   420 N N   . GLN A 1 58  ? -2.069  -9.597  17.486  1.00 13.64 ? 58   GLN A N   1 
ATOM   421 C CA  . GLN A 1 58  ? -3.296  -9.052  16.916  1.00 12.22 ? 58   GLN A CA  1 
ATOM   422 C C   . GLN A 1 58  ? -4.147  -10.041 16.136  1.00 13.25 ? 58   GLN A C   1 
ATOM   423 O O   . GLN A 1 58  ? -3.758  -11.184 15.917  1.00 13.64 ? 58   GLN A O   1 
ATOM   424 C CB  . GLN A 1 58  ? -2.955  -7.876  15.991  1.00 12.64 ? 58   GLN A CB  1 
ATOM   425 C CG  . GLN A 1 58  ? -2.163  -6.761  16.665  1.00 12.55 ? 58   GLN A CG  1 
ATOM   426 C CD  . GLN A 1 58  ? -2.886  -6.185  17.863  1.00 13.89 ? 58   GLN A CD  1 
ATOM   427 O OE1 . GLN A 1 58  ? -2.371  -6.189  18.985  1.00 16.60 ? 58   GLN A OE1 1 
ATOM   428 N NE2 . GLN A 1 58  ? -4.094  -5.695  17.634  1.00 12.19 ? 58   GLN A NE2 1 
ATOM   429 N N   . GLY A 1 59  ? -5.322  -9.575  15.721  1.00 13.99 ? 59   GLY A N   1 
ATOM   430 C CA  . GLY A 1 59  ? -6.210  -10.386 14.918  1.00 13.76 ? 59   GLY A CA  1 
ATOM   431 C C   . GLY A 1 59  ? -5.740  -10.296 13.471  1.00 15.59 ? 59   GLY A C   1 
ATOM   432 O O   . GLY A 1 59  ? -4.544  -10.166 13.205  1.00 15.61 ? 59   GLY A O   1 
ATOM   433 N N   . GLY A 1 60  ? -6.673  -10.351 12.526  1.00 16.14 ? 60   GLY A N   1 
ATOM   434 C CA  . GLY A 1 60  ? -6.283  -10.281 11.126  1.00 15.66 ? 60   GLY A CA  1 
ATOM   435 C C   . GLY A 1 60  ? -6.675  -8.979  10.447  1.00 16.77 ? 60   GLY A C   1 
ATOM   436 O O   . GLY A 1 60  ? -6.734  -8.912  9.219   1.00 15.79 ? 60   GLY A O   1 
ATOM   437 N N   . ASP A 1 61  ? -6.919  -7.937  11.239  1.00 15.89 ? 61   ASP A N   1 
ATOM   438 C CA  . ASP A 1 61  ? -7.336  -6.644  10.698  1.00 17.62 ? 61   ASP A CA  1 
ATOM   439 C C   . ASP A 1 61  ? -6.257  -5.642  10.266  1.00 18.54 ? 61   ASP A C   1 
ATOM   440 O O   . ASP A 1 61  ? -6.551  -4.694  9.525   1.00 18.12 ? 61   ASP A O   1 
ATOM   441 C CB  . ASP A 1 61  ? -8.260  -5.952  11.692  1.00 19.51 ? 61   ASP A CB  1 
ATOM   442 C CG  . ASP A 1 61  ? -9.646  -6.565  11.726  1.00 21.58 ? 61   ASP A CG  1 
ATOM   443 O OD1 . ASP A 1 61  ? -10.422 -6.193  12.624  1.00 24.14 ? 61   ASP A OD1 1 
ATOM   444 O OD2 . ASP A 1 61  ? -9.964  -7.408  10.856  1.00 24.51 ? 61   ASP A OD2 1 
ATOM   445 N N   . THR A 1 62  ? -5.024  -5.822  10.728  1.00 16.46 ? 62   THR A N   1 
ATOM   446 C CA  . THR A 1 62  ? -3.969  -4.886  10.356  1.00 16.40 ? 62   THR A CA  1 
ATOM   447 C C   . THR A 1 62  ? -3.639  -4.965  8.868   1.00 15.07 ? 62   THR A C   1 
ATOM   448 O O   . THR A 1 62  ? -3.682  -6.038  8.266   1.00 14.81 ? 62   THR A O   1 
ATOM   449 C CB  . THR A 1 62  ? -2.656  -5.149  11.131  1.00 16.52 ? 62   THR A CB  1 
ATOM   450 O OG1 . THR A 1 62  ? -2.930  -5.261  12.531  1.00 17.45 ? 62   THR A OG1 1 
ATOM   451 C CG2 . THR A 1 62  ? -1.676  -3.995  10.912  1.00 15.96 ? 62   THR A CG2 1 
ATOM   452 N N   . ILE A 1 63  ? -3.327  -3.817  8.278   1.00 14.08 ? 63   ILE A N   1 
ATOM   453 C CA  . ILE A 1 63  ? -2.936  -3.744  6.869   1.00 13.87 ? 63   ILE A CA  1 
ATOM   454 C C   . ILE A 1 63  ? -1.739  -2.811  6.797   1.00 13.25 ? 63   ILE A C   1 
ATOM   455 O O   . ILE A 1 63  ? -1.878  -1.616  7.046   1.00 13.10 ? 63   ILE A O   1 
ATOM   456 C CB  . ILE A 1 63  ? -4.034  -3.140  5.974   1.00 15.17 ? 63   ILE A CB  1 
ATOM   457 C CG1 . ILE A 1 63  ? -5.233  -4.083  5.884   1.00 16.91 ? 63   ILE A CG1 1 
ATOM   458 C CG2 . ILE A 1 63  ? -3.479  -2.863  4.582   1.00 14.44 ? 63   ILE A CG2 1 
ATOM   459 C CD1 . ILE A 1 63  ? -6.399  -3.489  5.083   1.00 19.24 ? 63   ILE A CD1 1 
ATOM   460 N N   . PHE A 1 64  ? -0.566  -3.347  6.472   1.00 12.48 ? 64   PHE A N   1 
ATOM   461 C CA  . PHE A 1 64  ? 0.617   -2.511  6.368   1.00 11.02 ? 64   PHE A CA  1 
ATOM   462 C C   . PHE A 1 64  ? 0.987   -2.321  4.900   1.00 12.38 ? 64   PHE A C   1 
ATOM   463 O O   . PHE A 1 64  ? 1.311   -3.278  4.189   1.00 11.18 ? 64   PHE A O   1 
ATOM   464 C CB  . PHE A 1 64  ? 1.796   -3.127  7.128   1.00 11.56 ? 64   PHE A CB  1 
ATOM   465 C CG  . PHE A 1 64  ? 3.098   -2.389  6.926   1.00 11.80 ? 64   PHE A CG  1 
ATOM   466 C CD1 . PHE A 1 64  ? 4.276   -3.083  6.662   1.00 12.56 ? 64   PHE A CD1 1 
ATOM   467 C CD2 . PHE A 1 64  ? 3.142   -1.004  6.995   1.00 11.88 ? 64   PHE A CD2 1 
ATOM   468 C CE1 . PHE A 1 64  ? 5.473   -2.405  6.464   1.00 11.01 ? 64   PHE A CE1 1 
ATOM   469 C CE2 . PHE A 1 64  ? 4.326   -0.318  6.801   1.00 11.68 ? 64   PHE A CE2 1 
ATOM   470 C CZ  . PHE A 1 64  ? 5.501   -1.017  6.536   1.00 11.20 ? 64   PHE A CZ  1 
ATOM   471 N N   . VAL A 1 65  ? 0.905   -1.077  4.450   1.00 9.20  ? 65   VAL A N   1 
ATOM   472 C CA  . VAL A 1 65  ? 1.245   -0.730  3.079   1.00 10.88 ? 65   VAL A CA  1 
ATOM   473 C C   . VAL A 1 65  ? 2.647   -0.141  3.070   1.00 10.84 ? 65   VAL A C   1 
ATOM   474 O O   . VAL A 1 65  ? 2.903   0.913   3.667   1.00 10.69 ? 65   VAL A O   1 
ATOM   475 C CB  . VAL A 1 65  ? 0.257   0.313   2.486   1.00 9.89  ? 65   VAL A CB  1 
ATOM   476 C CG1 . VAL A 1 65  ? 0.709   0.733   1.096   1.00 8.52  ? 65   VAL A CG1 1 
ATOM   477 C CG2 . VAL A 1 65  ? -1.153  -0.272  2.432   1.00 8.59  ? 65   VAL A CG2 1 
ATOM   478 N N   . HIS A 1 66  ? 3.563   -0.845  2.423   1.00 8.83  ? 66   HIS A N   1 
ATOM   479 C CA  . HIS A 1 66  ? 4.929   -0.364  2.317   1.00 8.99  ? 66   HIS A CA  1 
ATOM   480 C C   . HIS A 1 66  ? 5.105   0.022   0.866   1.00 9.65  ? 66   HIS A C   1 
ATOM   481 O O   . HIS A 1 66  ? 5.198   -0.843  -0.006  1.00 7.25  ? 66   HIS A O   1 
ATOM   482 C CB  . HIS A 1 66  ? 5.939   -1.454  2.678   1.00 9.02  ? 66   HIS A CB  1 
ATOM   483 C CG  . HIS A 1 66  ? 7.350   -0.957  2.756   1.00 10.68 ? 66   HIS A CG  1 
ATOM   484 N ND1 . HIS A 1 66  ? 8.436   -1.803  2.792   1.00 10.41 ? 66   HIS A ND1 1 
ATOM   485 C CD2 . HIS A 1 66  ? 7.849   0.299   2.835   1.00 10.40 ? 66   HIS A CD2 1 
ATOM   486 C CE1 . HIS A 1 66  ? 9.546   -1.088  2.889   1.00 9.41  ? 66   HIS A CE1 1 
ATOM   487 N NE2 . HIS A 1 66  ? 9.213   0.190   2.917   1.00 9.79  ? 66   HIS A NE2 1 
ATOM   488 N N   . GLY A 1 67  ? 5.117   1.325   0.610   1.00 7.94  ? 67   GLY A N   1 
ATOM   489 C CA  . GLY A 1 67  ? 5.274   1.798   -0.745  1.00 8.68  ? 67   GLY A CA  1 
ATOM   490 C C   . GLY A 1 67  ? 6.716   2.082   -1.082  1.00 8.72  ? 67   GLY A C   1 
ATOM   491 O O   . GLY A 1 67  ? 7.390   2.818   -0.370  1.00 10.06 ? 67   GLY A O   1 
ATOM   492 N N   . LEU A 1 68  ? 7.194   1.469   -2.157  1.00 9.88  ? 68   LEU A N   1 
ATOM   493 C CA  . LEU A 1 68  ? 8.555   1.667   -2.636  1.00 8.29  ? 68   LEU A CA  1 
ATOM   494 C C   . LEU A 1 68  ? 8.446   2.645   -3.804  1.00 11.49 ? 68   LEU A C   1 
ATOM   495 O O   . LEU A 1 68  ? 7.972   2.283   -4.885  1.00 7.10  ? 68   LEU A O   1 
ATOM   496 C CB  . LEU A 1 68  ? 9.149   0.332   -3.093  1.00 9.12  ? 68   LEU A CB  1 
ATOM   497 C CG  . LEU A 1 68  ? 9.776   -0.593  -2.035  1.00 13.32 ? 68   LEU A CG  1 
ATOM   498 C CD1 . LEU A 1 68  ? 9.226   -0.301  -0.654  1.00 13.62 ? 68   LEU A CD1 1 
ATOM   499 C CD2 . LEU A 1 68  ? 9.528   -2.041  -2.420  1.00 11.65 ? 68   LEU A CD2 1 
ATOM   500 N N   . HIS A 1 69  ? 8.890   3.882   -3.566  1.00 10.32 ? 69   HIS A N   1 
ATOM   501 C CA  . HIS A 1 69  ? 8.826   4.962   -4.554  1.00 11.82 ? 69   HIS A CA  1 
ATOM   502 C C   . HIS A 1 69  ? 10.152  5.439   -5.135  1.00 13.31 ? 69   HIS A C   1 
ATOM   503 O O   . HIS A 1 69  ? 11.231  5.172   -4.604  1.00 12.93 ? 69   HIS A O   1 
ATOM   504 C CB  . HIS A 1 69  ? 8.163   6.207   -3.948  1.00 12.68 ? 69   HIS A CB  1 
ATOM   505 C CG  . HIS A 1 69  ? 6.768   5.986   -3.471  1.00 12.34 ? 69   HIS A CG  1 
ATOM   506 N ND1 . HIS A 1 69  ? 6.061   6.948   -2.774  1.00 12.24 ? 69   HIS A ND1 1 
ATOM   507 C CD2 . HIS A 1 69  ? 5.930   4.933   -3.602  1.00 13.27 ? 69   HIS A CD2 1 
ATOM   508 C CE1 . HIS A 1 69  ? 4.855   6.494   -2.502  1.00 11.72 ? 69   HIS A CE1 1 
ATOM   509 N NE2 . HIS A 1 69  ? 4.747   5.270   -2.994  1.00 12.99 ? 69   HIS A NE2 1 
ATOM   510 N N   . ARG A 1 70  ? 10.033  6.178   -6.233  1.00 13.47 ? 70   ARG A N   1 
ATOM   511 C CA  . ARG A 1 70  ? 11.174  6.786   -6.898  1.00 12.66 ? 70   ARG A CA  1 
ATOM   512 C C   . ARG A 1 70  ? 11.373  8.093   -6.124  1.00 14.21 ? 70   ARG A C   1 
ATOM   513 O O   . ARG A 1 70  ? 10.394  8.742   -5.745  1.00 12.55 ? 70   ARG A O   1 
ATOM   514 C CB  . ARG A 1 70  ? 10.828  7.074   -8.365  1.00 14.02 ? 70   ARG A CB  1 
ATOM   515 C CG  . ARG A 1 70  ? 11.895  7.843   -9.144  1.00 16.47 ? 70   ARG A CG  1 
ATOM   516 C CD  . ARG A 1 70  ? 11.547  7.954   -10.638 1.00 18.03 ? 70   ARG A CD  1 
ATOM   517 N NE  . ARG A 1 70  ? 10.219  8.528   -10.869 1.00 20.33 ? 70   ARG A NE  1 
ATOM   518 C CZ  . ARG A 1 70  ? 9.904   9.808   -10.673 1.00 21.07 ? 70   ARG A CZ  1 
ATOM   519 N NH1 . ARG A 1 70  ? 8.667   10.232  -10.904 1.00 22.06 ? 70   ARG A NH1 1 
ATOM   520 N NH2 . ARG A 1 70  ? 10.822  10.668  -10.258 1.00 19.93 ? 70   ARG A NH2 1 
ATOM   521 N N   . GLU A 1 71  ? 12.623  8.460   -5.857  1.00 13.17 ? 71   GLU A N   1 
ATOM   522 C CA  . GLU A 1 71  ? 12.908  9.695   -5.123  1.00 16.06 ? 71   GLU A CA  1 
ATOM   523 C C   . GLU A 1 71  ? 12.507  10.918  -5.943  1.00 15.23 ? 71   GLU A C   1 
ATOM   524 O O   . GLU A 1 71  ? 12.309  10.816  -7.148  1.00 17.41 ? 71   GLU A O   1 
ATOM   525 C CB  . GLU A 1 71  ? 14.404  9.807   -4.827  1.00 17.73 ? 71   GLU A CB  1 
ATOM   526 C CG  . GLU A 1 71  ? 14.926  8.851   -3.787  1.00 21.61 ? 71   GLU A CG  1 
ATOM   527 C CD  . GLU A 1 71  ? 16.437  8.892   -3.686  1.00 22.52 ? 71   GLU A CD  1 
ATOM   528 O OE1 . GLU A 1 71  ? 16.975  8.257   -2.757  1.00 22.84 ? 71   GLU A OE1 1 
ATOM   529 O OE2 . GLU A 1 71  ? 17.080  9.559   -4.535  1.00 21.09 ? 71   GLU A OE2 1 
ATOM   530 N N   . GLY A 1 72  ? 12.390  12.070  -5.289  1.00 15.52 ? 72   GLY A N   1 
ATOM   531 C CA  . GLY A 1 72  ? 12.060  13.288  -6.015  1.00 17.19 ? 72   GLY A CA  1 
ATOM   532 C C   . GLY A 1 72  ? 10.739  13.990  -5.763  1.00 16.66 ? 72   GLY A C   1 
ATOM   533 O O   . GLY A 1 72  ? 10.513  15.075  -6.314  1.00 16.86 ? 72   GLY A O   1 
ATOM   534 N N   . ARG A 1 73  ? 9.862   13.402  -4.958  1.00 13.48 ? 73   ARG A N   1 
ATOM   535 C CA  . ARG A 1 73  ? 8.575   14.031  -4.691  1.00 14.91 ? 73   ARG A CA  1 
ATOM   536 C C   . ARG A 1 73  ? 8.606   14.812  -3.375  1.00 13.91 ? 73   ARG A C   1 
ATOM   537 O O   . ARG A 1 73  ? 9.287   14.429  -2.428  1.00 12.94 ? 73   ARG A O   1 
ATOM   538 C CB  . ARG A 1 73  ? 7.471   12.970  -4.678  1.00 14.51 ? 73   ARG A CB  1 
ATOM   539 C CG  . ARG A 1 73  ? 7.538   12.023  -5.875  1.00 14.52 ? 73   ARG A CG  1 
ATOM   540 C CD  . ARG A 1 73  ? 6.160   11.657  -6.393  1.00 15.11 ? 73   ARG A CD  1 
ATOM   541 N NE  . ARG A 1 73  ? 6.222   10.883  -7.635  1.00 15.89 ? 73   ARG A NE  1 
ATOM   542 C CZ  . ARG A 1 73  ? 6.491   9.580   -7.710  1.00 17.55 ? 73   ARG A CZ  1 
ATOM   543 N NH1 . ARG A 1 73  ? 6.728   8.878   -6.610  1.00 17.02 ? 73   ARG A NH1 1 
ATOM   544 N NH2 . ARG A 1 73  ? 6.513   8.972   -8.892  1.00 15.68 ? 73   ARG A NH2 1 
ATOM   545 N N   . SER A 1 74  ? 7.869   15.916  -3.322  1.00 12.25 ? 74   SER A N   1 
ATOM   546 C CA  . SER A 1 74  ? 7.862   16.742  -2.123  1.00 10.98 ? 74   SER A CA  1 
ATOM   547 C C   . SER A 1 74  ? 7.264   16.010  -0.934  1.00 12.27 ? 74   SER A C   1 
ATOM   548 O O   . SER A 1 74  ? 6.576   15.001  -1.086  1.00 9.48  ? 74   SER A O   1 
ATOM   549 C CB  . SER A 1 74  ? 7.073   18.028  -2.357  1.00 10.59 ? 74   SER A CB  1 
ATOM   550 O OG  . SER A 1 74  ? 5.690   17.791  -2.195  1.00 12.76 ? 74   SER A OG  1 
ATOM   551 N N   . ALA A 1 75  ? 7.538   16.545  0.251   1.00 11.59 ? 75   ALA A N   1 
ATOM   552 C CA  . ALA A 1 75  ? 7.033   15.987  1.489   1.00 13.18 ? 75   ALA A CA  1 
ATOM   553 C C   . ALA A 1 75  ? 5.524   16.159  1.543   1.00 13.47 ? 75   ALA A C   1 
ATOM   554 O O   . ALA A 1 75  ? 4.818   15.280  2.010   1.00 14.24 ? 75   ALA A O   1 
ATOM   555 C CB  . ALA A 1 75  ? 7.678   16.690  2.671   1.00 14.51 ? 75   ALA A CB  1 
ATOM   556 N N   . ASP A 1 76  ? 5.035   17.302  1.070   1.00 14.60 ? 76   ASP A N   1 
ATOM   557 C CA  . ASP A 1 76  ? 3.605   17.574  1.076   1.00 17.33 ? 76   ASP A CA  1 
ATOM   558 C C   . ASP A 1 76  ? 2.871   16.564  0.201   1.00 16.29 ? 76   ASP A C   1 
ATOM   559 O O   . ASP A 1 76  ? 1.833   16.032  0.595   1.00 16.02 ? 76   ASP A O   1 
ATOM   560 C CB  . ASP A 1 76  ? 3.327   18.994  0.581   1.00 21.95 ? 76   ASP A CB  1 
ATOM   561 C CG  . ASP A 1 76  ? 3.661   20.055  1.622   1.00 28.08 ? 76   ASP A CG  1 
ATOM   562 O OD1 . ASP A 1 76  ? 4.498   19.793  2.517   1.00 31.54 ? 76   ASP A OD1 1 
ATOM   563 O OD2 . ASP A 1 76  ? 3.091   21.164  1.537   1.00 32.33 ? 76   ASP A OD2 1 
ATOM   564 N N   . LEU A 1 77  ? 3.419   16.293  -0.978  1.00 12.62 ? 77   LEU A N   1 
ATOM   565 C CA  . LEU A 1 77  ? 2.795   15.339  -1.884  1.00 13.28 ? 77   LEU A CA  1 
ATOM   566 C C   . LEU A 1 77  ? 2.774   13.939  -1.281  1.00 11.71 ? 77   LEU A C   1 
ATOM   567 O O   . LEU A 1 77  ? 1.741   13.270  -1.277  1.00 11.33 ? 77   LEU A O   1 
ATOM   568 C CB  . LEU A 1 77  ? 3.528   15.311  -3.228  1.00 13.31 ? 77   LEU A CB  1 
ATOM   569 C CG  . LEU A 1 77  ? 2.979   14.346  -4.284  1.00 14.32 ? 77   LEU A CG  1 
ATOM   570 C CD1 . LEU A 1 77  ? 1.479   14.558  -4.456  1.00 16.02 ? 77   LEU A CD1 1 
ATOM   571 C CD2 . LEU A 1 77  ? 3.703   14.571  -5.608  1.00 14.65 ? 77   LEU A CD2 1 
ATOM   572 N N   . LYS A 1 78  ? 3.920   13.495  -0.774  1.00 12.01 ? 78   LYS A N   1 
ATOM   573 C CA  . LYS A 1 78  ? 4.007   12.168  -0.171  1.00 11.79 ? 78   LYS A CA  1 
ATOM   574 C C   . LYS A 1 78  ? 3.048   12.085  1.010   1.00 12.53 ? 78   LYS A C   1 
ATOM   575 O O   . LYS A 1 78  ? 2.469   11.034  1.282   1.00 12.83 ? 78   LYS A O   1 
ATOM   576 C CB  . LYS A 1 78  ? 5.444   11.871  0.269   1.00 13.09 ? 78   LYS A CB  1 
ATOM   577 C CG  . LYS A 1 78  ? 6.404   11.714  -0.911  1.00 12.71 ? 78   LYS A CG  1 
ATOM   578 C CD  . LYS A 1 78  ? 7.834   11.414  -0.478  1.00 10.99 ? 78   LYS A CD  1 
ATOM   579 C CE  . LYS A 1 78  ? 8.469   12.583  0.248   1.00 10.25 ? 78   LYS A CE  1 
ATOM   580 N NZ  . LYS A 1 78  ? 9.875   12.257  0.577   1.00 11.89 ? 78   LYS A NZ  1 
ATOM   581 N N   . GLY A 1 79  ? 2.873   13.209  1.700   1.00 13.76 ? 79   GLY A N   1 
ATOM   582 C CA  . GLY A 1 79  ? 1.959   13.254  2.825   1.00 14.11 ? 79   GLY A CA  1 
ATOM   583 C C   . GLY A 1 79  ? 0.530   13.044  2.356   1.00 13.16 ? 79   GLY A C   1 
ATOM   584 O O   . GLY A 1 79  ? -0.202  12.245  2.936   1.00 13.38 ? 79   GLY A O   1 
ATOM   585 N N   . GLN A 1 80  ? 0.130   13.760  1.305   1.00 13.94 ? 80   GLN A N   1 
ATOM   586 C CA  . GLN A 1 80  ? -1.221  13.629  0.751   1.00 14.48 ? 80   GLN A CA  1 
ATOM   587 C C   . GLN A 1 80  ? -1.466  12.214  0.215   1.00 14.69 ? 80   GLN A C   1 
ATOM   588 O O   . GLN A 1 80  ? -2.559  11.663  0.375   1.00 13.87 ? 80   GLN A O   1 
ATOM   589 C CB  . GLN A 1 80  ? -1.439  14.602  -0.407  1.00 15.82 ? 80   GLN A CB  1 
ATOM   590 C CG  . GLN A 1 80  ? -1.238  16.075  -0.097  1.00 21.78 ? 80   GLN A CG  1 
ATOM   591 C CD  . GLN A 1 80  ? -1.315  16.936  -1.353  1.00 25.40 ? 80   GLN A CD  1 
ATOM   592 O OE1 . GLN A 1 80  ? -0.987  18.130  -1.326  1.00 27.21 ? 80   GLN A OE1 1 
ATOM   593 N NE2 . GLN A 1 80  ? -1.750  16.333  -2.464  1.00 27.21 ? 80   GLN A NE2 1 
ATOM   594 N N   . LEU A 1 81  ? -0.457  11.645  -0.444  1.00 11.25 ? 81   LEU A N   1 
ATOM   595 C CA  . LEU A 1 81  ? -0.564  10.300  -1.007  1.00 11.80 ? 81   LEU A CA  1 
ATOM   596 C C   . LEU A 1 81  ? -0.736  9.270   0.111   1.00 11.49 ? 81   LEU A C   1 
ATOM   597 O O   . LEU A 1 81  ? -1.503  8.320   -0.015  1.00 11.27 ? 81   LEU A O   1 
ATOM   598 C CB  . LEU A 1 81  ? 0.685   9.967   -1.827  1.00 10.98 ? 81   LEU A CB  1 
ATOM   599 C CG  . LEU A 1 81  ? 0.503   9.143   -3.112  1.00 14.69 ? 81   LEU A CG  1 
ATOM   600 C CD1 . LEU A 1 81  ? 1.838   8.495   -3.467  1.00 12.40 ? 81   LEU A CD1 1 
ATOM   601 C CD2 . LEU A 1 81  ? -0.565  8.071   -2.934  1.00 12.53 ? 81   LEU A CD2 1 
ATOM   602 N N   . ALA A 1 82  ? -0.003  9.463   1.198   1.00 8.66  ? 82   ALA A N   1 
ATOM   603 C CA  . ALA A 1 82  ? -0.090  8.568   2.346   1.00 12.35 ? 82   ALA A CA  1 
ATOM   604 C C   . ALA A 1 82  ? -1.504  8.613   2.947   1.00 12.74 ? 82   ALA A C   1 
ATOM   605 O O   . ALA A 1 82  ? -2.100  7.577   3.240   1.00 12.56 ? 82   ALA A O   1 
ATOM   606 C CB  . ALA A 1 82  ? 0.936   8.972   3.388   1.00 10.51 ? 82   ALA A CB  1 
ATOM   607 N N   . GLN A 1 83  ? -2.039  9.821   3.121   1.00 13.64 ? 83   GLN A N   1 
ATOM   608 C CA  . GLN A 1 83  ? -3.387  9.991   3.666   1.00 14.59 ? 83   GLN A CA  1 
ATOM   609 C C   . GLN A 1 83  ? -4.438  9.441   2.709   1.00 15.15 ? 83   GLN A C   1 
ATOM   610 O O   . GLN A 1 83  ? -5.363  8.746   3.130   1.00 15.58 ? 83   GLN A O   1 
ATOM   611 C CB  . GLN A 1 83  ? -3.691  11.464  3.922   1.00 16.86 ? 83   GLN A CB  1 
ATOM   612 C CG  . GLN A 1 83  ? -5.053  11.678  4.571   1.00 21.09 ? 83   GLN A CG  1 
ATOM   613 C CD  . GLN A 1 83  ? -5.114  11.089  5.970   1.00 24.00 ? 83   GLN A CD  1 
ATOM   614 O OE1 . GLN A 1 83  ? -4.247  11.373  6.807   1.00 26.50 ? 83   GLN A OE1 1 
ATOM   615 N NE2 . GLN A 1 83  ? -6.131  10.267  6.237   1.00 22.98 ? 83   GLN A NE2 1 
ATOM   616 N N   . ARG A 1 84  ? -4.302  9.766   1.426   1.00 13.96 ? 84   ARG A N   1 
ATOM   617 C CA  . ARG A 1 84  ? -5.241  9.294   0.412   1.00 14.96 ? 84   ARG A CA  1 
ATOM   618 C C   . ARG A 1 84  ? -5.340  7.770   0.443   1.00 15.13 ? 84   ARG A C   1 
ATOM   619 O O   . ARG A 1 84  ? -6.425  7.203   0.282   1.00 13.58 ? 84   ARG A O   1 
ATOM   620 C CB  . ARG A 1 84  ? -4.794  9.735   -0.985  1.00 15.60 ? 84   ARG A CB  1 
ATOM   621 C CG  . ARG A 1 84  ? -5.721  9.275   -2.118  1.00 18.64 ? 84   ARG A CG  1 
ATOM   622 C CD  . ARG A 1 84  ? -6.825  10.291  -2.429  1.00 23.58 ? 84   ARG A CD  1 
ATOM   623 N NE  . ARG A 1 84  ? -6.733  10.811  -3.798  1.00 25.48 ? 84   ARG A NE  1 
ATOM   624 C CZ  . ARG A 1 84  ? -7.016  10.118  -4.904  1.00 25.36 ? 84   ARG A CZ  1 
ATOM   625 N NH1 . ARG A 1 84  ? -7.427  8.861   -4.831  1.00 25.05 ? 84   ARG A NH1 1 
ATOM   626 N NH2 . ARG A 1 84  ? -6.872  10.686  -6.095  1.00 24.07 ? 84   ARG A NH2 1 
ATOM   627 N N   . ILE A 1 85  ? -4.201  7.111   0.638   1.00 12.81 ? 85   ILE A N   1 
ATOM   628 C CA  . ILE A 1 85  ? -4.167  5.657   0.694   1.00 13.98 ? 85   ILE A CA  1 
ATOM   629 C C   . ILE A 1 85  ? -4.912  5.160   1.929   1.00 12.96 ? 85   ILE A C   1 
ATOM   630 O O   . ILE A 1 85  ? -5.628  4.167   1.872   1.00 12.70 ? 85   ILE A O   1 
ATOM   631 C CB  . ILE A 1 85  ? -2.709  5.138   0.717   1.00 13.01 ? 85   ILE A CB  1 
ATOM   632 C CG1 . ILE A 1 85  ? -2.073  5.321   -0.666  1.00 13.05 ? 85   ILE A CG1 1 
ATOM   633 C CG2 . ILE A 1 85  ? -2.678  3.677   1.134   1.00 12.27 ? 85   ILE A CG2 1 
ATOM   634 C CD1 . ILE A 1 85  ? -0.654  4.767   -0.792  1.00 12.94 ? 85   ILE A CD1 1 
ATOM   635 N N   . VAL A 1 86  ? -4.745  5.857   3.046   1.00 13.70 ? 86   VAL A N   1 
ATOM   636 C CA  . VAL A 1 86  ? -5.433  5.468   4.271   1.00 14.72 ? 86   VAL A CA  1 
ATOM   637 C C   . VAL A 1 86  ? -6.952  5.563   4.090   1.00 15.83 ? 86   VAL A C   1 
ATOM   638 O O   . VAL A 1 86  ? -7.665  4.598   4.347   1.00 16.62 ? 86   VAL A O   1 
ATOM   639 C CB  . VAL A 1 86  ? -5.034  6.364   5.456   1.00 12.73 ? 86   VAL A CB  1 
ATOM   640 C CG1 . VAL A 1 86  ? -5.950  6.097   6.631   1.00 13.23 ? 86   VAL A CG1 1 
ATOM   641 C CG2 . VAL A 1 86  ? -3.590  6.106   5.847   1.00 11.29 ? 86   VAL A CG2 1 
ATOM   642 N N   . ASP A 1 87  ? -7.440  6.720   3.644   1.00 15.64 ? 87   ASP A N   1 
ATOM   643 C CA  . ASP A 1 87  ? -8.877  6.912   3.446   1.00 17.33 ? 87   ASP A CA  1 
ATOM   644 C C   . ASP A 1 87  ? -9.466  5.941   2.437   1.00 15.86 ? 87   ASP A C   1 
ATOM   645 O O   . ASP A 1 87  ? -10.448 5.269   2.722   1.00 16.62 ? 87   ASP A O   1 
ATOM   646 C CB  . ASP A 1 87  ? -9.190  8.331   2.969   1.00 17.90 ? 87   ASP A CB  1 
ATOM   647 C CG  . ASP A 1 87  ? -8.657  9.396   3.898   1.00 18.77 ? 87   ASP A CG  1 
ATOM   648 O OD1 . ASP A 1 87  ? -8.648  9.176   5.126   1.00 19.21 ? 87   ASP A OD1 1 
ATOM   649 O OD2 . ASP A 1 87  ? -8.262  10.468  3.389   1.00 19.75 ? 87   ASP A OD2 1 
ATOM   650 N N   . ASP A 1 88  ? -8.862  5.868   1.257   1.00 15.68 ? 88   ASP A N   1 
ATOM   651 C CA  . ASP A 1 88  ? -9.362  4.997   0.200   1.00 16.12 ? 88   ASP A CA  1 
ATOM   652 C C   . ASP A 1 88  ? -9.251  3.508   0.488   1.00 14.91 ? 88   ASP A C   1 
ATOM   653 O O   . ASP A 1 88  ? -10.141 2.741   0.117   1.00 14.40 ? 88   ASP A O   1 
ATOM   654 C CB  . ASP A 1 88  ? -8.665  5.331   -1.116  1.00 16.36 ? 88   ASP A CB  1 
ATOM   655 C CG  . ASP A 1 88  ? -8.950  6.740   -1.572  1.00 18.92 ? 88   ASP A CG  1 
ATOM   656 O OD1 . ASP A 1 88  ? -8.406  7.160   -2.615  1.00 18.47 ? 88   ASP A OD1 1 
ATOM   657 O OD2 . ASP A 1 88  ? -9.725  7.436   -0.878  1.00 18.92 ? 88   ASP A OD2 1 
ATOM   658 N N   . VAL A 1 89  ? -8.167  3.078   1.127   1.00 14.78 ? 89   VAL A N   1 
ATOM   659 C CA  . VAL A 1 89  ? -8.045  1.659   1.445   1.00 13.56 ? 89   VAL A CA  1 
ATOM   660 C C   . VAL A 1 89  ? -9.072  1.311   2.517   1.00 14.98 ? 89   VAL A C   1 
ATOM   661 O O   . VAL A 1 89  ? -9.687  0.250   2.468   1.00 16.19 ? 89   VAL A O   1 
ATOM   662 C CB  . VAL A 1 89  ? -6.632  1.290   1.952   1.00 14.39 ? 89   VAL A CB  1 
ATOM   663 C CG1 . VAL A 1 89  ? -6.646  -0.091  2.639   1.00 10.78 ? 89   VAL A CG1 1 
ATOM   664 C CG2 . VAL A 1 89  ? -5.659  1.261   0.778   1.00 12.38 ? 89   VAL A CG2 1 
ATOM   665 N N   . SER A 1 90  ? -9.262  2.201   3.485   1.00 17.39 ? 90   SER A N   1 
ATOM   666 C CA  . SER A 1 90  ? -10.229 1.937   4.539   1.00 19.41 ? 90   SER A CA  1 
ATOM   667 C C   . SER A 1 90  ? -11.605 1.708   3.908   1.00 19.01 ? 90   SER A C   1 
ATOM   668 O O   . SER A 1 90  ? -12.338 0.818   4.326   1.00 18.92 ? 90   SER A O   1 
ATOM   669 C CB  . SER A 1 90  ? -10.297 3.111   5.509   1.00 20.44 ? 90   SER A CB  1 
ATOM   670 O OG  . SER A 1 90  ? -10.930 4.211   4.890   1.00 23.94 ? 90   SER A OG  1 
ATOM   671 N N   . VAL A 1 91  ? -11.948 2.503   2.895   1.00 19.72 ? 91   VAL A N   1 
ATOM   672 C CA  . VAL A 1 91  ? -13.240 2.364   2.224   1.00 20.11 ? 91   VAL A CA  1 
ATOM   673 C C   . VAL A 1 91  ? -13.304 1.084   1.392   1.00 20.96 ? 91   VAL A C   1 
ATOM   674 O O   . VAL A 1 91  ? -14.298 0.354   1.425   1.00 21.05 ? 91   VAL A O   1 
ATOM   675 C CB  . VAL A 1 91  ? -13.536 3.552   1.267   1.00 20.08 ? 91   VAL A CB  1 
ATOM   676 C CG1 . VAL A 1 91  ? -14.884 3.344   0.594   1.00 19.01 ? 91   VAL A CG1 1 
ATOM   677 C CG2 . VAL A 1 91  ? -13.537 4.861   2.027   1.00 20.75 ? 91   VAL A CG2 1 
ATOM   678 N N   . ALA A 1 92  ? -12.232 0.834   0.641   1.00 20.45 ? 92   ALA A N   1 
ATOM   679 C CA  . ALA A 1 92  ? -12.127 -0.323  -0.234  1.00 20.30 ? 92   ALA A CA  1 
ATOM   680 C C   . ALA A 1 92  ? -12.150 -1.645  0.516   1.00 21.34 ? 92   ALA A C   1 
ATOM   681 O O   . ALA A 1 92  ? -12.720 -2.624  0.043   1.00 21.17 ? 92   ALA A O   1 
ATOM   682 C CB  . ALA A 1 92  ? -10.855 -0.223  -1.061  1.00 19.68 ? 92   ALA A CB  1 
ATOM   683 N N   . ALA A 1 93  ? -11.521 -1.672  1.685   1.00 21.12 ? 93   ALA A N   1 
ATOM   684 C CA  . ALA A 1 93  ? -11.470 -2.886  2.490   1.00 18.99 ? 93   ALA A CA  1 
ATOM   685 C C   . ALA A 1 93  ? -12.505 -2.865  3.606   1.00 18.61 ? 93   ALA A C   1 
ATOM   686 O O   . ALA A 1 93  ? -12.593 -3.805  4.395   1.00 19.36 ? 93   ALA A O   1 
ATOM   687 C CB  . ALA A 1 93  ? -10.076 -3.053  3.080   1.00 18.49 ? 93   ALA A CB  1 
ATOM   688 N N   . GLU A 1 94  ? -13.302 -1.803  3.664   1.00 20.05 ? 94   GLU A N   1 
ATOM   689 C CA  . GLU A 1 94  ? -14.304 -1.681  4.720   1.00 20.69 ? 94   GLU A CA  1 
ATOM   690 C C   . GLU A 1 94  ? -13.650 -2.069  6.026   1.00 19.65 ? 94   GLU A C   1 
ATOM   691 O O   . GLU A 1 94  ? -14.132 -2.935  6.750   1.00 19.79 ? 94   GLU A O   1 
ATOM   692 C CB  . GLU A 1 94  ? -15.508 -2.588  4.449   1.00 22.01 ? 94   GLU A CB  1 
ATOM   693 C CG  . GLU A 1 94  ? -16.466 -1.978  3.457   1.00 28.02 ? 94   GLU A CG  1 
ATOM   694 C CD  . GLU A 1 94  ? -17.773 -2.738  3.304   1.00 32.07 ? 94   GLU A CD  1 
ATOM   695 O OE1 . GLU A 1 94  ? -18.669 -2.194  2.621   1.00 33.81 ? 94   GLU A OE1 1 
ATOM   696 O OE2 . GLU A 1 94  ? -17.915 -3.862  3.846   1.00 34.67 ? 94   GLU A OE2 1 
ATOM   697 N N   . ILE A 1 95  ? -12.527 -1.422  6.305   1.00 20.48 ? 95   ILE A N   1 
ATOM   698 C CA  . ILE A 1 95  ? -11.768 -1.676  7.518   1.00 20.03 ? 95   ILE A CA  1 
ATOM   699 C C   . ILE A 1 95  ? -11.504 -0.321  8.171   1.00 20.69 ? 95   ILE A C   1 
ATOM   700 O O   . ILE A 1 95  ? -11.230 0.659   7.477   1.00 20.63 ? 95   ILE A O   1 
ATOM   701 C CB  . ILE A 1 95  ? -10.424 -2.383  7.174   1.00 21.22 ? 95   ILE A CB  1 
ATOM   702 C CG1 . ILE A 1 95  ? -9.691  -2.782  8.452   1.00 21.26 ? 95   ILE A CG1 1 
ATOM   703 C CG2 . ILE A 1 95  ? -9.558  -1.467  6.307   1.00 18.96 ? 95   ILE A CG2 1 
ATOM   704 C CD1 . ILE A 1 95  ? -10.525 -3.673  9.367   1.00 24.13 ? 95   ILE A CD1 1 
ATOM   705 N N   . ASP A 1 96  ? -11.600 -0.262  9.498   1.00 21.18 ? 96   ASP A N   1 
ATOM   706 C CA  . ASP A 1 96  ? -11.369 0.985   10.212  1.00 21.80 ? 96   ASP A CA  1 
ATOM   707 C C   . ASP A 1 96  ? -9.945  1.483   10.007  1.00 22.23 ? 96   ASP A C   1 
ATOM   708 O O   . ASP A 1 96  ? -8.974  0.731   10.109  1.00 19.59 ? 96   ASP A O   1 
ATOM   709 C CB  . ASP A 1 96  ? -11.619 0.835   11.712  1.00 25.16 ? 96   ASP A CB  1 
ATOM   710 C CG  . ASP A 1 96  ? -11.796 2.181   12.410  1.00 29.05 ? 96   ASP A CG  1 
ATOM   711 O OD1 . ASP A 1 96  ? -12.946 2.668   12.471  1.00 31.80 ? 96   ASP A OD1 1 
ATOM   712 O OD2 . ASP A 1 96  ? -10.797 2.769   12.885  1.00 29.56 ? 96   ASP A OD2 1 
ATOM   713 N N   . ARG A 1 97  ? -9.860  2.779   9.745   1.00 18.74 ? 97   ARG A N   1 
ATOM   714 C CA  . ARG A 1 97  ? -8.624  3.504   9.506   1.00 20.70 ? 97   ARG A CA  1 
ATOM   715 C C   . ARG A 1 97  ? -7.507  3.214   10.514  1.00 20.12 ? 97   ARG A C   1 
ATOM   716 O O   . ARG A 1 97  ? -6.316  3.240   10.171  1.00 18.69 ? 97   ARG A O   1 
ATOM   717 C CB  . ARG A 1 97  ? -8.978  4.996   9.494   1.00 22.23 ? 97   ARG A CB  1 
ATOM   718 C CG  . ARG A 1 97  ? -7.876  5.969   9.181   1.00 24.64 ? 97   ARG A CG  1 
ATOM   719 C CD  . ARG A 1 97  ? -8.524  7.320   8.884   1.00 28.02 ? 97   ARG A CD  1 
ATOM   720 N NE  . ARG A 1 97  ? -9.622  7.131   7.934   1.00 30.15 ? 97   ARG A NE  1 
ATOM   721 C CZ  . ARG A 1 97  ? -10.454 8.081   7.519   1.00 32.41 ? 97   ARG A CZ  1 
ATOM   722 N NH1 . ARG A 1 97  ? -10.327 9.328   7.969   1.00 33.15 ? 97   ARG A NH1 1 
ATOM   723 N NH2 . ARG A 1 97  ? -11.415 7.776   6.649   1.00 32.15 ? 97   ARG A NH2 1 
ATOM   724 N N   . LYS A 1 98  ? -7.889  2.926   11.754  1.00 19.05 ? 98   LYS A N   1 
ATOM   725 C CA  . LYS A 1 98  ? -6.910  2.649   12.803  1.00 18.20 ? 98   LYS A CA  1 
ATOM   726 C C   . LYS A 1 98  ? -6.091  1.391   12.537  1.00 17.80 ? 98   LYS A C   1 
ATOM   727 O O   . LYS A 1 98  ? -5.038  1.184   13.150  1.00 16.80 ? 98   LYS A O   1 
ATOM   728 C CB  . LYS A 1 98  ? -7.609  2.513   14.159  1.00 19.33 ? 98   LYS A CB  1 
ATOM   729 C CG  . LYS A 1 98  ? -8.505  1.294   14.275  1.00 20.69 ? 98   LYS A CG  1 
ATOM   730 C CD  . LYS A 1 98  ? -9.134  1.191   15.671  1.00 22.63 ? 98   LYS A CD  1 
ATOM   731 C CE  . LYS A 1 98  ? -9.948  -0.095  15.816  1.00 24.06 ? 98   LYS A CE  1 
ATOM   732 N NZ  . LYS A 1 98  ? -10.746 -0.119  17.079  1.00 25.32 ? 98   LYS A NZ  1 
ATOM   733 N N   . HIS A 1 99  ? -6.573  0.547   11.633  1.00 15.74 ? 99   HIS A N   1 
ATOM   734 C CA  . HIS A 1 99  ? -5.870  -0.687  11.310  1.00 17.33 ? 99   HIS A CA  1 
ATOM   735 C C   . HIS A 1 99  ? -4.855  -0.500  10.185  1.00 16.14 ? 99   HIS A C   1 
ATOM   736 O O   . HIS A 1 99  ? -4.074  -1.408  9.882   1.00 16.01 ? 99   HIS A O   1 
ATOM   737 C CB  . HIS A 1 99  ? -6.873  -1.773  10.893  1.00 18.36 ? 99   HIS A CB  1 
ATOM   738 C CG  . HIS A 1 99  ? -7.767  -2.239  12.004  1.00 20.31 ? 99   HIS A CG  1 
ATOM   739 N ND1 . HIS A 1 99  ? -7.276  -2.776  13.174  1.00 21.27 ? 99   HIS A ND1 1 
ATOM   740 C CD2 . HIS A 1 99  ? -9.115  -2.271  12.110  1.00 20.95 ? 99   HIS A CD2 1 
ATOM   741 C CE1 . HIS A 1 99  ? -8.284  -3.122  13.955  1.00 22.77 ? 99   HIS A CE1 1 
ATOM   742 N NE2 . HIS A 1 99  ? -9.414  -2.826  13.332  1.00 22.60 ? 99   HIS A NE2 1 
ATOM   743 N N   . ILE A 1 100 ? -4.851  0.677   9.573   1.00 14.92 ? 100  ILE A N   1 
ATOM   744 C CA  . ILE A 1 100 ? -3.955  0.917   8.450   1.00 15.61 ? 100  ILE A CA  1 
ATOM   745 C C   . ILE A 1 100 ? -2.660  1.677   8.729   1.00 14.62 ? 100  ILE A C   1 
ATOM   746 O O   . ILE A 1 100 ? -2.681  2.806   9.217   1.00 13.31 ? 100  ILE A O   1 
ATOM   747 C CB  . ILE A 1 100 ? -4.708  1.640   7.315   1.00 15.51 ? 100  ILE A CB  1 
ATOM   748 C CG1 . ILE A 1 100 ? -6.017  0.903   7.030   1.00 16.50 ? 100  ILE A CG1 1 
ATOM   749 C CG2 . ILE A 1 100 ? -3.830  1.705   6.059   1.00 15.29 ? 100  ILE A CG2 1 
ATOM   750 C CD1 . ILE A 1 100 ? -6.863  1.522   5.943   1.00 17.39 ? 100  ILE A CD1 1 
ATOM   751 N N   . TRP A 1 101 ? -1.537  1.037   8.406   1.00 12.93 ? 101  TRP A N   1 
ATOM   752 C CA  . TRP A 1 101 ? -0.208  1.624   8.558   1.00 10.66 ? 101  TRP A CA  1 
ATOM   753 C C   . TRP A 1 101 ? 0.334   1.813   7.136   1.00 13.65 ? 101  TRP A C   1 
ATOM   754 O O   . TRP A 1 101 ? 0.142   0.945   6.275   1.00 12.68 ? 101  TRP A O   1 
ATOM   755 C CB  . TRP A 1 101 ? 0.722   0.681   9.327   1.00 12.69 ? 101  TRP A CB  1 
ATOM   756 C CG  . TRP A 1 101 ? 0.377   0.487   10.773  1.00 12.47 ? 101  TRP A CG  1 
ATOM   757 C CD1 . TRP A 1 101 ? -0.861  0.227   11.297  1.00 12.65 ? 101  TRP A CD1 1 
ATOM   758 C CD2 . TRP A 1 101 ? 1.292   0.486   11.885  1.00 12.42 ? 101  TRP A CD2 1 
ATOM   759 N NE1 . TRP A 1 101 ? -0.772  0.062   12.659  1.00 11.98 ? 101  TRP A NE1 1 
ATOM   760 C CE2 . TRP A 1 101 ? 0.528   0.213   13.045  1.00 12.83 ? 101  TRP A CE2 1 
ATOM   761 C CE3 . TRP A 1 101 ? 2.674   0.684   12.007  1.00 11.90 ? 101  TRP A CE3 1 
ATOM   762 C CZ2 . TRP A 1 101 ? 1.115   0.136   14.325  1.00 12.63 ? 101  TRP A CZ2 1 
ATOM   763 C CZ3 . TRP A 1 101 ? 3.254   0.603   13.282  1.00 10.02 ? 101  TRP A CZ3 1 
ATOM   764 C CH2 . TRP A 1 101 ? 2.472   0.331   14.421  1.00 12.05 ? 101  TRP A CH2 1 
ATOM   765 N N   . VAL A 1 102 ? 1.004   2.935   6.891   1.00 11.28 ? 102  VAL A N   1 
ATOM   766 C CA  . VAL A 1 102 ? 1.556   3.219   5.570   1.00 9.89  ? 102  VAL A CA  1 
ATOM   767 C C   . VAL A 1 102 ? 2.948   3.838   5.675   1.00 11.07 ? 102  VAL A C   1 
ATOM   768 O O   . VAL A 1 102 ? 3.124   4.885   6.296   1.00 10.09 ? 102  VAL A O   1 
ATOM   769 C CB  . VAL A 1 102 ? 0.634   4.178   4.765   1.00 10.90 ? 102  VAL A CB  1 
ATOM   770 C CG1 . VAL A 1 102 ? 1.222   4.428   3.379   1.00 11.23 ? 102  VAL A CG1 1 
ATOM   771 C CG2 . VAL A 1 102 ? -0.771  3.582   4.646   1.00 8.47  ? 102  VAL A CG2 1 
ATOM   772 N N   . TYR A 1 103 ? 3.930   3.175   5.067   1.00 10.88 ? 103  TYR A N   1 
ATOM   773 C CA  . TYR A 1 103 ? 5.319   3.637   5.068   1.00 7.96  ? 103  TYR A CA  1 
ATOM   774 C C   . TYR A 1 103 ? 5.858   3.761   3.635   1.00 11.42 ? 103  TYR A C   1 
ATOM   775 O O   . TYR A 1 103 ? 5.749   2.826   2.845   1.00 10.44 ? 103  TYR A O   1 
ATOM   776 C CB  . TYR A 1 103 ? 6.219   2.655   5.825   1.00 10.68 ? 103  TYR A CB  1 
ATOM   777 C CG  . TYR A 1 103 ? 6.220   2.734   7.341   1.00 11.07 ? 103  TYR A CG  1 
ATOM   778 C CD1 . TYR A 1 103 ? 7.206   2.070   8.072   1.00 12.09 ? 103  TYR A CD1 1 
ATOM   779 C CD2 . TYR A 1 103 ? 5.230   3.426   8.045   1.00 10.66 ? 103  TYR A CD2 1 
ATOM   780 C CE1 . TYR A 1 103 ? 7.214   2.082   9.462   1.00 11.51 ? 103  TYR A CE1 1 
ATOM   781 C CE2 . TYR A 1 103 ? 5.222   3.448   9.444   1.00 11.68 ? 103  TYR A CE2 1 
ATOM   782 C CZ  . TYR A 1 103 ? 6.223   2.768   10.148  1.00 13.17 ? 103  TYR A CZ  1 
ATOM   783 O OH  . TYR A 1 103 ? 6.252   2.757   11.523  1.00 13.52 ? 103  TYR A OH  1 
ATOM   784 N N   . PHE A 1 104 ? 6.457   4.902   3.307   1.00 7.34  ? 104  PHE A N   1 
ATOM   785 C CA  . PHE A 1 104 ? 7.017   5.107   1.976   1.00 10.23 ? 104  PHE A CA  1 
ATOM   786 C C   . PHE A 1 104 ? 8.542   5.073   2.025   1.00 11.18 ? 104  PHE A C   1 
ATOM   787 O O   . PHE A 1 104 ? 9.161   5.748   2.854   1.00 11.68 ? 104  PHE A O   1 
ATOM   788 C CB  . PHE A 1 104 ? 6.590   6.466   1.394   1.00 9.85  ? 104  PHE A CB  1 
ATOM   789 C CG  . PHE A 1 104 ? 5.130   6.570   1.046   1.00 10.21 ? 104  PHE A CG  1 
ATOM   790 C CD1 . PHE A 1 104 ? 4.559   7.823   0.828   1.00 11.97 ? 104  PHE A CD1 1 
ATOM   791 C CD2 . PHE A 1 104 ? 4.328   5.439   0.921   1.00 10.18 ? 104  PHE A CD2 1 
ATOM   792 C CE1 . PHE A 1 104 ? 3.214   7.947   0.481   1.00 12.07 ? 104  PHE A CE1 1 
ATOM   793 C CE2 . PHE A 1 104 ? 2.983   5.554   0.576   1.00 11.97 ? 104  PHE A CE2 1 
ATOM   794 C CZ  . PHE A 1 104 ? 2.425   6.811   0.359   1.00 10.92 ? 104  PHE A CZ  1 
ATOM   795 N N   . GLY A 1 105 ? 9.136   4.285   1.135   1.00 11.90 ? 105  GLY A N   1 
ATOM   796 C CA  . GLY A 1 105 ? 10.583  4.193   1.042   1.00 12.42 ? 105  GLY A CA  1 
ATOM   797 C C   . GLY A 1 105 ? 10.967  4.781   -0.303  1.00 13.52 ? 105  GLY A C   1 
ATOM   798 O O   . GLY A 1 105 ? 10.196  4.680   -1.261  1.00 14.73 ? 105  GLY A O   1 
ATOM   799 N N   . GLU A 1 106 ? 12.144  5.387   -0.409  1.00 12.01 ? 106  GLU A N   1 
ATOM   800 C CA  . GLU A 1 106 ? 12.535  5.983   -1.686  1.00 13.42 ? 106  GLU A CA  1 
ATOM   801 C C   . GLU A 1 106 ? 13.880  5.519   -2.207  1.00 12.93 ? 106  GLU A C   1 
ATOM   802 O O   . GLU A 1 106 ? 14.752  5.122   -1.437  1.00 12.60 ? 106  GLU A O   1 
ATOM   803 C CB  . GLU A 1 106 ? 12.542  7.506   -1.577  1.00 13.03 ? 106  GLU A CB  1 
ATOM   804 C CG  . GLU A 1 106 ? 11.195  8.101   -1.251  1.00 13.17 ? 106  GLU A CG  1 
ATOM   805 C CD  . GLU A 1 106 ? 11.311  9.534   -0.786  1.00 12.92 ? 106  GLU A CD  1 
ATOM   806 O OE1 . GLU A 1 106 ? 11.262  10.436  -1.641  1.00 12.50 ? 106  GLU A OE1 1 
ATOM   807 O OE2 . GLU A 1 106 ? 11.468  9.752   0.434   1.00 12.88 ? 106  GLU A OE2 1 
ATOM   808 N N   . MET A 1 107 ? 14.032  5.590   -3.528  1.00 14.51 ? 107  MET A N   1 
ATOM   809 C CA  . MET A 1 107 ? 15.257  5.182   -4.207  1.00 14.18 ? 107  MET A CA  1 
ATOM   810 C C   . MET A 1 107 ? 15.431  5.968   -5.496  1.00 13.72 ? 107  MET A C   1 
ATOM   811 O O   . MET A 1 107 ? 14.454  6.302   -6.174  1.00 15.54 ? 107  MET A O   1 
ATOM   812 C CB  . MET A 1 107 ? 15.200  3.704   -4.576  1.00 16.97 ? 107  MET A CB  1 
ATOM   813 C CG  . MET A 1 107 ? 14.799  2.788   -3.456  1.00 20.42 ? 107  MET A CG  1 
ATOM   814 S SD  . MET A 1 107 ? 13.883  1.438   -4.174  1.00 21.43 ? 107  MET A SD  1 
ATOM   815 C CE  . MET A 1 107 ? 12.290  2.135   -4.225  1.00 19.76 ? 107  MET A CE  1 
ATOM   816 N N   . PRO A 1 108 ? 16.681  6.259   -5.870  1.00 13.20 ? 108  PRO A N   1 
ATOM   817 C CA  . PRO A 1 108 ? 16.870  7.008   -7.115  1.00 13.00 ? 108  PRO A CA  1 
ATOM   818 C C   . PRO A 1 108 ? 16.396  6.166   -8.292  1.00 14.35 ? 108  PRO A C   1 
ATOM   819 O O   . PRO A 1 108 ? 16.528  4.931   -8.283  1.00 10.96 ? 108  PRO A O   1 
ATOM   820 C CB  . PRO A 1 108 ? 18.370  7.284   -7.138  1.00 13.42 ? 108  PRO A CB  1 
ATOM   821 C CG  . PRO A 1 108 ? 18.939  6.145   -6.369  1.00 15.87 ? 108  PRO A CG  1 
ATOM   822 C CD  . PRO A 1 108 ? 17.967  5.936   -5.231  1.00 12.65 ? 108  PRO A CD  1 
ATOM   823 N N   . ALA A 1 109 ? 15.831  6.832   -9.293  1.00 12.37 ? 109  ALA A N   1 
ATOM   824 C CA  . ALA A 1 109 ? 15.306  6.138   -10.452 1.00 12.98 ? 109  ALA A CA  1 
ATOM   825 C C   . ALA A 1 109 ? 16.344  5.254   -11.122 1.00 16.01 ? 109  ALA A C   1 
ATOM   826 O O   . ALA A 1 109 ? 16.004  4.246   -11.738 1.00 14.40 ? 109  ALA A O   1 
ATOM   827 C CB  . ALA A 1 109 ? 14.741  7.151   -11.456 1.00 15.63 ? 109  ALA A CB  1 
ATOM   828 N N   . GLN A 1 110 ? 17.613  5.615   -10.987 1.00 14.71 ? 110  GLN A N   1 
ATOM   829 C CA  . GLN A 1 110 ? 18.669  4.846   -11.627 1.00 19.15 ? 110  GLN A CA  1 
ATOM   830 C C   . GLN A 1 110 ? 18.823  3.403   -11.145 1.00 19.09 ? 110  GLN A C   1 
ATOM   831 O O   . GLN A 1 110 ? 19.393  2.577   -11.855 1.00 19.65 ? 110  GLN A O   1 
ATOM   832 C CB  . GLN A 1 110 ? 20.001  5.576   -11.475 1.00 21.15 ? 110  GLN A CB  1 
ATOM   833 C CG  . GLN A 1 110 ? 20.087  6.904   -12.215 1.00 25.52 ? 110  GLN A CG  1 
ATOM   834 C CD  . GLN A 1 110 ? 19.120  7.959   -11.696 1.00 28.08 ? 110  GLN A CD  1 
ATOM   835 O OE1 . GLN A 1 110 ? 18.844  8.044   -10.489 1.00 26.18 ? 110  GLN A OE1 1 
ATOM   836 N NE2 . GLN A 1 110 ? 18.613  8.789   -12.607 1.00 30.22 ? 110  GLN A NE2 1 
ATOM   837 N N   . GLN A 1 111 ? 18.324  3.097   -9.945  1.00 18.08 ? 111  GLN A N   1 
ATOM   838 C CA  . GLN A 1 111 ? 18.428  1.744   -9.397  1.00 15.98 ? 111  GLN A CA  1 
ATOM   839 C C   . GLN A 1 111 ? 17.035  1.127   -9.247  1.00 16.03 ? 111  GLN A C   1 
ATOM   840 O O   . GLN A 1 111 ? 16.745  0.406   -8.288  1.00 14.81 ? 111  GLN A O   1 
ATOM   841 C CB  . GLN A 1 111 ? 19.170  1.783   -8.047  1.00 15.04 ? 111  GLN A CB  1 
ATOM   842 C CG  . GLN A 1 111 ? 18.544  2.681   -6.983  1.00 13.02 ? 111  GLN A CG  1 
ATOM   843 C CD  . GLN A 1 111 ? 19.525  3.068   -5.875  1.00 13.02 ? 111  GLN A CD  1 
ATOM   844 O OE1 . GLN A 1 111 ? 20.489  3.789   -6.112  1.00 13.64 ? 111  GLN A OE1 1 
ATOM   845 N NE2 . GLN A 1 111 ? 19.276  2.589   -4.662  1.00 11.55 ? 111  GLN A NE2 1 
ATOM   846 N N   . MET A 1 112 ? 16.181  1.423   -10.223 1.00 15.81 ? 112  MET A N   1 
ATOM   847 C CA  . MET A 1 112 ? 14.804  0.933   -10.253 1.00 14.68 ? 112  MET A CA  1 
ATOM   848 C C   . MET A 1 112 ? 14.449  0.443   -11.659 1.00 17.67 ? 112  MET A C   1 
ATOM   849 O O   . MET A 1 112 ? 14.494  1.207   -12.628 1.00 16.62 ? 112  MET A O   1 
ATOM   850 C CB  . MET A 1 112 ? 13.837  2.051   -9.864  1.00 14.79 ? 112  MET A CB  1 
ATOM   851 C CG  . MET A 1 112 ? 13.936  2.520   -8.418  1.00 13.39 ? 112  MET A CG  1 
ATOM   852 S SD  . MET A 1 112 ? 12.897  3.969   -8.120  1.00 13.08 ? 112  MET A SD  1 
ATOM   853 C CE  . MET A 1 112 ? 11.264  3.222   -7.891  1.00 13.23 ? 112  MET A CE  1 
ATOM   854 N N   . VAL A 1 113 ? 14.094  -0.832  -11.762 1.00 15.10 ? 113  VAL A N   1 
ATOM   855 C CA  . VAL A 1 113 ? 13.732  -1.441  -13.039 1.00 15.69 ? 113  VAL A CA  1 
ATOM   856 C C   . VAL A 1 113 ? 12.301  -1.951  -12.964 1.00 16.70 ? 113  VAL A C   1 
ATOM   857 O O   . VAL A 1 113 ? 11.928  -2.636  -12.004 1.00 14.72 ? 113  VAL A O   1 
ATOM   858 C CB  . VAL A 1 113 ? 14.654  -2.640  -13.365 1.00 14.99 ? 113  VAL A CB  1 
ATOM   859 C CG1 . VAL A 1 113 ? 14.190  -3.343  -14.645 1.00 14.76 ? 113  VAL A CG1 1 
ATOM   860 C CG2 . VAL A 1 113 ? 16.090  -2.161  -13.496 1.00 15.92 ? 113  VAL A CG2 1 
ATOM   861 N N   . GLU A 1 114 ? 11.504  -1.603  -13.970 1.00 15.13 ? 114  GLU A N   1 
ATOM   862 C CA  . GLU A 1 114 ? 10.120  -2.046  -14.045 1.00 16.74 ? 114  GLU A CA  1 
ATOM   863 C C   . GLU A 1 114 ? 9.929   -2.639  -15.441 1.00 17.53 ? 114  GLU A C   1 
ATOM   864 O O   . GLU A 1 114 ? 10.394  -2.068  -16.429 1.00 17.15 ? 114  GLU A O   1 
ATOM   865 C CB  . GLU A 1 114 ? 9.167   -0.865  -13.814 1.00 18.89 ? 114  GLU A CB  1 
ATOM   866 C CG  . GLU A 1 114 ? 9.139   -0.369  -12.362 1.00 22.19 ? 114  GLU A CG  1 
ATOM   867 C CD  . GLU A 1 114 ? 9.559   1.078   -12.222 1.00 24.45 ? 114  GLU A CD  1 
ATOM   868 O OE1 . GLU A 1 114 ? 10.071  1.637   -13.217 1.00 27.41 ? 114  GLU A OE1 1 
ATOM   869 O OE2 . GLU A 1 114 ? 9.386   1.659   -11.120 1.00 23.86 ? 114  GLU A OE2 1 
ATOM   870 N N   . TYR A 1 115 ? 9.273   -3.792  -15.522 1.00 16.69 ? 115  TYR A N   1 
ATOM   871 C CA  . TYR A 1 115 ? 9.049   -4.445  -16.815 1.00 17.46 ? 115  TYR A CA  1 
ATOM   872 C C   . TYR A 1 115 ? 10.371  -4.727  -17.540 1.00 17.40 ? 115  TYR A C   1 
ATOM   873 O O   . TYR A 1 115 ? 10.462  -4.607  -18.762 1.00 16.83 ? 115  TYR A O   1 
ATOM   874 C CB  . TYR A 1 115 ? 8.142   -3.568  -17.695 1.00 16.99 ? 115  TYR A CB  1 
ATOM   875 C CG  . TYR A 1 115 ? 6.728   -3.444  -17.174 1.00 17.88 ? 115  TYR A CG  1 
ATOM   876 C CD1 . TYR A 1 115 ? 5.847   -4.525  -17.236 1.00 17.90 ? 115  TYR A CD1 1 
ATOM   877 C CD2 . TYR A 1 115 ? 6.276   -2.257  -16.595 1.00 18.18 ? 115  TYR A CD2 1 
ATOM   878 C CE1 . TYR A 1 115 ? 4.546   -4.432  -16.727 1.00 18.00 ? 115  TYR A CE1 1 
ATOM   879 C CE2 . TYR A 1 115 ? 4.976   -2.153  -16.080 1.00 18.02 ? 115  TYR A CE2 1 
ATOM   880 C CZ  . TYR A 1 115 ? 4.119   -3.243  -16.152 1.00 18.11 ? 115  TYR A CZ  1 
ATOM   881 O OH  . TYR A 1 115 ? 2.847   -3.154  -15.635 1.00 17.51 ? 115  TYR A OH  1 
ATOM   882 N N   . GLY A 1 116 ? 11.392  -5.094  -16.771 1.00 17.13 ? 116  GLY A N   1 
ATOM   883 C CA  . GLY A 1 116 ? 12.688  -5.407  -17.339 1.00 18.19 ? 116  GLY A CA  1 
ATOM   884 C C   . GLY A 1 116 ? 13.442  -4.246  -17.966 1.00 19.32 ? 116  GLY A C   1 
ATOM   885 O O   . GLY A 1 116 ? 14.503  -4.443  -18.551 1.00 19.81 ? 116  GLY A O   1 
ATOM   886 N N   . ARG A 1 117 ? 12.916  -3.033  -17.858 1.00 22.44 ? 117  ARG A N   1 
ATOM   887 C CA  . ARG A 1 117 ? 13.602  -1.881  -18.441 1.00 22.26 ? 117  ARG A CA  1 
ATOM   888 C C   . ARG A 1 117 ? 13.948  -0.822  -17.393 1.00 24.08 ? 117  ARG A C   1 
ATOM   889 O O   . ARG A 1 117 ? 13.187  -0.679  -16.404 1.00 24.35 ? 117  ARG A O   1 
ATOM   890 C CB  . ARG A 1 117 ? 12.742  -1.270  -19.547 1.00 23.40 ? 117  ARG A CB  1 
HETATM 891 C C   . LAC B 2 .   ? 6.861   5.546   -8.585  1.00 16.31 ? 1001 LAC A C   1 
HETATM 892 C CA  . LAC B 2 .   ? 7.681   4.348   -9.169  1.00 15.71 ? 1001 LAC A CA  1 
HETATM 893 C CB  . LAC B 2 .   ? 6.815   3.316   -9.926  1.00 14.98 ? 1001 LAC A CB  1 
HETATM 894 O O   . LAC B 2 .   ? 7.142   5.989   -7.328  1.00 13.83 ? 1001 LAC A O   1 
HETATM 895 O OHN . LAC B 2 .   ? 8.627   4.891   -10.049 1.00 18.14 ? 1001 LAC A OHN 1 
HETATM 896 O OXT . LAC B 2 .   ? 5.985   6.112   -9.197  1.00 15.29 ? 1001 LAC A OXT 1 
HETATM 897 O O   . HOH C 3 .   ? 7.843   7.214   -11.699 1.00 14.16 ? 1002 HOH A O   1 
HETATM 898 O O   . HOH C 3 .   ? -13.981 -5.341  -6.108  1.00 18.28 ? 1003 HOH A O   1 
HETATM 899 O O   . HOH C 3 .   ? 6.808   19.800  0.747   1.00 20.24 ? 1004 HOH A O   1 
HETATM 900 O O   . HOH C 3 .   ? -1.675  2.866   -17.652 1.00 26.12 ? 1005 HOH A O   1 
HETATM 901 O O   . HOH C 3 .   ? -7.711  6.036   -4.735  1.00 13.87 ? 1006 HOH A O   1 
HETATM 902 O O   . HOH C 3 .   ? -6.344  -11.255 2.834   1.00 18.21 ? 1007 HOH A O   1 
HETATM 903 O O   . HOH C 3 .   ? -4.708  -3.215  13.716  1.00 21.99 ? 1008 HOH A O   1 
HETATM 904 O O   . HOH C 3 .   ? -1.602  -2.203  -9.345  1.00 12.57 ? 1009 HOH A O   1 
HETATM 905 O O   . HOH C 3 .   ? 11.133  15.136  1.024   1.00 27.37 ? 1010 HOH A O   1 
HETATM 906 O O   . HOH C 3 .   ? 14.513  2.811   0.160   1.00 26.92 ? 1011 HOH A O   1 
HETATM 907 O O   . HOH C 3 .   ? -14.513 -12.076 -4.282  1.00 20.39 ? 1012 HOH A O   1 
HETATM 908 O O   . HOH C 3 .   ? -12.289 4.868   10.049  1.00 17.97 ? 1013 HOH A O   1 
HETATM 909 O O   . HOH C 3 .   ? 5.810   13.367  3.566   1.00 23.07 ? 1014 HOH A O   1 
HETATM 910 O O   . HOH C 3 .   ? -6.819  1.155   -10.825 1.00 22.23 ? 1015 HOH A O   1 
HETATM 911 O O   . HOH C 3 .   ? -8.946  -13.903 -0.056  1.00 22.68 ? 1016 HOH A O   1 
HETATM 912 O O   . HOH C 3 .   ? 12.306  14.606  -2.245  1.00 24.64 ? 1017 HOH A O   1 
HETATM 913 O O   . HOH C 3 .   ? -11.956 3.642   -1.862  1.00 18.32 ? 1018 HOH A O   1 
HETATM 914 O O   . HOH C 3 .   ? 1.777   -16.726 16.558  1.00 36.12 ? 1019 HOH A O   1 
HETATM 915 O O   . HOH C 3 .   ? 1.380   19.038  -2.486  1.00 29.78 ? 1020 HOH A O   1 
HETATM 916 O O   . HOH C 3 .   ? 19.291  1.462   -14.175 1.00 28.63 ? 1021 HOH A O   1 
HETATM 917 O O   . HOH C 3 .   ? 15.659  9.569   -8.852  1.00 20.40 ? 1022 HOH A O   1 
HETATM 918 O O   . HOH C 3 .   ? -11.795 -2.260  14.097  1.00 34.57 ? 1023 HOH A O   1 
HETATM 919 O O   . HOH C 3 .   ? 17.146  10.692  -6.726  1.00 33.85 ? 1024 HOH A O   1 
HETATM 920 O O   . HOH C 3 .   ? -10.602 -20.009 6.049   1.00 40.10 ? 1025 HOH A O   1 
HETATM 921 O O   . HOH C 3 .   ? -5.127  13.004  0.704   1.00 26.86 ? 1026 HOH A O   1 
HETATM 922 O O   . HOH C 3 .   ? -4.618  -18.041 9.161   1.00 22.57 ? 1027 HOH A O   1 
HETATM 923 O O   . HOH C 3 .   ? -12.931 6.605   -0.815  1.00 36.80 ? 1028 HOH A O   1 
HETATM 924 O O   . HOH C 3 .   ? -0.978  15.711  -6.868  1.00 26.87 ? 1029 HOH A O   1 
HETATM 925 O O   . HOH C 3 .   ? 3.324   -6.604  25.517  1.00 21.27 ? 1030 HOH A O   1 
HETATM 926 O O   . HOH C 3 .   ? 14.138  -0.091  -0.928  1.00 26.29 ? 1031 HOH A O   1 
HETATM 927 O O   . HOH C 3 .   ? 10.039  13.112  -9.050  1.00 29.12 ? 1032 HOH A O   1 
HETATM 928 O O   . HOH C 3 .   ? -6.464  -19.527 6.490   1.00 37.41 ? 1033 HOH A O   1 
HETATM 929 O O   . HOH C 3 .   ? 5.886   10.903  -11.063 1.00 17.60 ? 1034 HOH A O   1 
HETATM 930 O O   . HOH C 3 .   ? 9.918   18.846  -0.021  1.00 19.54 ? 1035 HOH A O   1 
HETATM 931 O O   . HOH C 3 .   ? -3.397  -7.932  12.234  1.00 13.85 ? 1036 HOH A O   1 
HETATM 932 O O   . HOH C 3 .   ? -2.210  -11.369 12.829  1.00 25.45 ? 1037 HOH A O   1 
HETATM 933 O O   . HOH C 3 .   ? -2.796  -8.481  9.556   1.00 12.77 ? 1038 HOH A O   1 
HETATM 934 O O   . HOH C 3 .   ? 0.500   -10.428 8.350   1.00 15.16 ? 1039 HOH A O   1 
HETATM 935 O O   . HOH C 3 .   ? -5.211  -8.094  7.232   1.00 7.99  ? 1040 HOH A O   1 
HETATM 936 O O   . HOH C 3 .   ? -0.238  -7.694  8.157   1.00 11.41 ? 1041 HOH A O   1 
HETATM 937 O O   . HOH C 3 .   ? 8.438   -4.293  2.326   1.00 18.58 ? 1042 HOH A O   1 
HETATM 938 O O   . HOH C 3 .   ? 6.956   9.514   -3.902  1.00 10.28 ? 1043 HOH A O   1 
HETATM 939 O O   . HOH C 3 .   ? -3.457  -4.566  21.104  1.00 19.62 ? 1044 HOH A O   1 
HETATM 940 O O   . HOH C 3 .   ? -5.271  -5.221  15.248  1.00 19.95 ? 1045 HOH A O   1 
HETATM 941 O O   . HOH C 3 .   ? -3.211  -0.951  13.694  1.00 17.29 ? 1046 HOH A O   1 
HETATM 942 O O   . HOH C 3 .   ? 9.562   10.672  -3.718  1.00 9.93  ? 1047 HOH A O   1 
HETATM 943 O O   . HOH C 3 .   ? -1.240  -12.080 9.777   1.00 22.85 ? 1048 HOH A O   1 
HETATM 944 O O   . HOH C 3 .   ? 1.686   -10.253 5.759   1.00 11.49 ? 1049 HOH A O   1 
HETATM 945 O O   . HOH C 3 .   ? -6.476  -7.517  17.244  1.00 17.76 ? 1050 HOH A O   1 
HETATM 946 O O   . HOH C 3 .   ? 0.577   5.044   -11.025 1.00 30.52 ? 1051 HOH A O   1 
HETATM 947 O O   . HOH C 3 .   ? 12.660  2.619   -14.020 1.00 31.67 ? 1052 HOH A O   1 
HETATM 948 O O   . HOH C 3 .   ? -8.124  -13.033 9.166   1.00 34.37 ? 1053 HOH A O   1 
HETATM 949 O O   . HOH C 3 .   ? -0.373  -17.364 12.829  1.00 28.05 ? 1054 HOH A O   1 
HETATM 950 O O   . HOH C 3 .   ? 4.528   16.587  4.713   1.00 29.60 ? 1055 HOH A O   1 
HETATM 951 O O   . HOH C 3 .   ? -14.738 1.727   5.983   1.00 34.93 ? 1056 HOH A O   1 
HETATM 952 O O   . HOH C 3 .   ? 0.532   -3.745  -17.096 1.00 31.30 ? 1057 HOH A O   1 
HETATM 953 O O   . HOH C 3 .   ? 14.138  15.190  -3.800  1.00 25.49 ? 1058 HOH A O   1 
HETATM 954 O O   . HOH C 3 .   ? 13.853  -1.124  2.058   1.00 35.39 ? 1059 HOH A O   1 
HETATM 955 O O   . HOH C 3 .   ? 8.415   -8.624  2.426   0.33 15.82 ? 1060 HOH A O   1 
HETATM 956 O O   . HOH C 3 .   ? 6.956   -11.020 2.509   0.33 15.82 ? 1061 HOH A O   1 
# 
